data_7EWR
#
_entry.id   7EWR
#
_cell.length_a   1.00
_cell.length_b   1.00
_cell.length_c   1.00
_cell.angle_alpha   90.00
_cell.angle_beta   90.00
_cell.angle_gamma   90.00
#
_symmetry.space_group_name_H-M   'P 1'
#
loop_
_entity.id
_entity.type
_entity.pdbx_description
1 polymer 'Regulator of G-protein signaling 7'
2 polymer 'Guanine nucleotide-binding protein subunit beta-5'
3 polymer 'Probable G-protein coupled receptor 158'
#
loop_
_entity_poly.entity_id
_entity_poly.type
_entity_poly.pdbx_seq_one_letter_code
_entity_poly.pdbx_strand_id
1 'polypeptide(L)'
;MAQGNNYGQTSNGVADESPNMLVYRKMEDVIARMQDEKNGIPIRTVKSFLSKIPSVFSGSDIVQWLIKNLTIEDPVEALH
LGTLMAAHGYFFPISDHVLTLKDDGTFYRFQTPYFWPSNCWEPENTDYAVYLCKRTMQNKARLELADYEAESLARLQRAF
ARKWEFIFMQAEAQAKVDKKRDKIERKILDSQERAFWDVHRPVPGCVNTTEVDIKKSSRMRNPHKTRKSVYGLQNDIRSH
SPTHTPTPETKPPTEDELQQQIKYWQIQLDRHRLKMSKVADSLLSYTEQYLEYDPFLLPPDPSNPWLSDDTTFWELEASK
EPSQQRVKRWGFGMDEALKDPVGREQFLKFLESEFSSENLRFWLAVEDLKKRPIKEVPSRVQEIWQEFLAPGAPSAINLD
SKSYDKTTQNVKEPGRYTFEDAQEHIYKLMKSDSYPRFIRSSAYQELLQAKKKSGNSMDRRTSFEKFAQNVGRNIPIFPC
HKNCTPTLRASTNLLRGRGGSENLYFQGGSGSGGDYKDDDDKDYKDDDDK
;
E,C
2 'polypeptide(L)'
;MCDQTFLVNVFGSCDKCFKQRALRPVFKKSQQLSYCSTCAEIMATEGLHENETLASLKSEAESLKGKLEEERAKLHDVEL
HQVAERVEALGQFVMKTRRTLKGHGNKVLCMDWCKDKRRIVSSSQDGKVIVWDSFTTNKEHAVTMPCTWVMACAYAPSGC
AIACGGLDNKCSVYPLTFDKNENMAAKKKSVAMHTNYLSACSFTNSDMQILTASGDGTCALWDVESGQLLQSFHGHGADV
LCLDLAPSETGNTFVSGGCDKKAMVWDMRSGQCVQAFETHESDINSVRYYPSGDAFASGSDDATCRLYDLRADREVAIYS
KESIIFGASSVDFSLSGRLLFAGYNDYTINVWDVLKGSRVSILFGHENRVSTLRVSPDGTAFCSGSWDHTLRVWA
;
F,D
3 'polypeptide(L)'
;MGAMAYPLLLCLLLAQLGLGAVGASRDPQGRPDSPRERTPKGKPHAQQPGRASASDSSAPWSRSTDGTILAQKLAEEVPM
DVASYLYTGDSHQLKRANCSGRYELAGLPGKWPALASAHPSLHRALDTLTHATNFLNVMLQSNKSREQNLQDDLDWYQAL
VWSLLEGEPSISRAAITFSTDSLSAPAPQVFLQATREESRILLQDLSSSAPHLANATLETEWFHGLRRKWRPHLHRRGPN
QGPRGLGHSWRRKDGLGGDKSHFKWSPPYLECENGSYKPGWLVTLSSAIYGLQPNLVPEFRGVMKVDINLQKVDIDQCSS
DGWFSGTHKCHLNNSECMPIKGLGFVLGAYECICKAGFYHPGVLPVNNFRRRGPDQHISGSTKDVSEEAYVCLPCREGCP
FCADDSPCFVQEDKYLRLAIISFQALCMLLDFVSMLVVYHFRKAKSIRASGLILLETILFGSLLLYFPVVILYFEPSTFR
CILLRWARLLGFATVYGTVTLKLHRVLKVFLSRTAQRIPYMTGGRVMRMLAVILLVVFWFLIGWTSSVCQNLEKQISLIG
QGKTSDHLIFNMCLIDRWDYMTAVAEFLFLLWGVYLCYAVRTVPSAFHEPRYMAVAVHNELIISAIFHTIRFVLASRLQS
DWMLMLYFAHTHLTVTVTIGLLLIPKFSHSSNNPRDDIATEAYEDELDMGRSGSYLNSSINSAWSEHSLDPEDIRDELKK
LYAQLEIYKRKKMITNNPHLQKKRCSKKGLGRSIMRRITEIPETVSRQCSKEDKEGADHGTAKGTALIRKNPPESSGNTG
KSKEETLKNRVFSLKKSHSTYDHVRDQTEESSSLPTESQEEETTENSTLESLSGKKLTQKLKERGRLEVLFQGPGGSMSK
GEELFTGVVPILVELDGDVNGHKFSVRGEGEGDATNGKLTLKFICTTGKLPVPWPTLVTTLTYGVQCFSRYPDHMKRHDF
FKSAMPEGYVQERTISFKDDGTYKTRAEVKFEGDTLVNRIELKGIDFKEDGNILGHKLEYNFNSHNVYITADKQKNGIKA
NFKIRHNVEDGSVQLADHYQQNTPIGDGPVLLPDNHYLSTQSVLSKDPNEKRDHMVLLEFVTAAGITHGGSWSHPQFEKG
GGSGGGSGGSAWSHPQFE
;
A,B
#
# COMPACT_ATOMS: atom_id res chain seq x y z
N SER A 18 -39.17 4.38 12.04
CA SER A 18 -40.29 3.46 12.16
C SER A 18 -41.32 4.00 13.17
N PRO A 19 -42.60 3.98 12.79
CA PRO A 19 -43.60 4.76 13.53
C PRO A 19 -43.84 4.27 14.95
N ASN A 20 -44.24 3.01 15.09
CA ASN A 20 -44.66 2.52 16.39
C ASN A 20 -43.54 2.58 17.42
N MET A 21 -42.29 2.59 16.97
CA MET A 21 -41.16 2.80 17.85
C MET A 21 -41.36 4.04 18.72
N LEU A 22 -41.81 5.14 18.12
CA LEU A 22 -42.06 6.34 18.92
C LEU A 22 -43.18 6.11 19.92
N VAL A 23 -44.19 5.32 19.54
CA VAL A 23 -45.27 5.01 20.45
C VAL A 23 -44.74 4.28 21.67
N TYR A 24 -43.97 3.21 21.43
CA TYR A 24 -43.41 2.46 22.54
C TYR A 24 -42.48 3.33 23.36
N ARG A 25 -41.81 4.28 22.72
CA ARG A 25 -40.93 5.18 23.46
C ARG A 25 -41.72 6.05 24.42
N LYS A 26 -42.84 6.59 23.96
CA LYS A 26 -43.69 7.39 24.84
C LYS A 26 -44.17 6.58 26.03
N MET A 27 -44.62 5.34 25.78
CA MET A 27 -45.13 4.55 26.89
C MET A 27 -43.99 4.09 27.80
N GLU A 28 -42.78 4.02 27.26
CA GLU A 28 -41.60 3.80 28.08
C GLU A 28 -41.37 4.97 29.02
N ASP A 29 -41.48 6.19 28.49
CA ASP A 29 -41.55 7.37 29.34
C ASP A 29 -42.55 7.16 30.47
N VAL A 30 -43.73 6.65 30.09
CA VAL A 30 -44.80 6.41 31.05
C VAL A 30 -44.32 5.52 32.19
N ILE A 31 -43.88 4.30 31.87
CA ILE A 31 -43.57 3.35 32.94
C ILE A 31 -42.32 3.78 33.70
N ALA A 32 -41.43 4.52 33.04
CA ALA A 32 -40.26 5.06 33.73
C ALA A 32 -40.69 6.02 34.82
N ARG A 33 -41.61 6.93 34.50
CA ARG A 33 -42.21 7.74 35.55
C ARG A 33 -43.01 6.87 36.50
N MET A 34 -43.41 5.68 36.05
CA MET A 34 -44.25 4.82 36.87
C MET A 34 -43.48 4.22 38.05
N GLN A 35 -42.29 3.68 37.81
CA GLN A 35 -41.51 3.04 38.88
C GLN A 35 -40.46 3.99 39.44
N ASP A 36 -40.81 5.27 39.46
CA ASP A 36 -40.01 6.35 40.03
C ASP A 36 -39.53 6.06 41.45
N GLU A 37 -38.29 6.49 41.74
CA GLU A 37 -37.76 6.33 43.09
C GLU A 37 -38.58 7.01 44.17
N LYS A 38 -38.67 8.34 44.13
CA LYS A 38 -39.36 9.10 45.17
C LYS A 38 -40.88 8.96 45.07
N ASN A 39 -41.45 9.12 43.89
CA ASN A 39 -42.85 8.76 43.69
C ASN A 39 -42.95 7.40 43.01
N GLY A 40 -44.17 6.93 42.84
CA GLY A 40 -44.38 5.67 42.14
C GLY A 40 -45.26 4.76 42.96
N ILE A 41 -45.64 3.64 42.36
CA ILE A 41 -46.42 2.67 43.12
C ILE A 41 -45.44 1.86 43.95
N PRO A 42 -45.77 1.51 45.18
CA PRO A 42 -44.87 0.69 45.98
C PRO A 42 -45.17 -0.79 45.75
N ILE A 43 -44.14 -1.54 45.41
CA ILE A 43 -44.26 -2.97 45.12
C ILE A 43 -44.20 -3.71 46.43
N ARG A 44 -45.37 -4.13 46.93
CA ARG A 44 -45.51 -4.62 48.28
C ARG A 44 -45.28 -6.13 48.35
N THR A 45 -45.25 -6.62 49.60
CA THR A 45 -45.11 -8.03 49.90
C THR A 45 -46.32 -8.45 50.74
N VAL A 46 -47.22 -9.16 50.14
CA VAL A 46 -48.46 -9.53 50.83
C VAL A 46 -48.19 -10.71 51.74
N LYS A 47 -48.95 -10.78 52.81
CA LYS A 47 -48.94 -11.91 53.72
C LYS A 47 -50.33 -12.49 53.79
N SER A 48 -50.44 -13.80 53.67
CA SER A 48 -51.73 -14.46 53.57
C SER A 48 -51.79 -15.59 54.59
N PHE A 49 -53.00 -16.05 54.85
CA PHE A 49 -53.17 -17.23 55.69
C PHE A 49 -52.66 -18.48 54.98
N LEU A 50 -52.59 -18.45 53.65
CA LEU A 50 -52.03 -19.54 52.87
C LEU A 50 -50.53 -19.37 52.60
N SER A 51 -50.08 -18.16 52.28
CA SER A 51 -48.68 -17.93 51.97
C SER A 51 -48.31 -16.49 52.25
N LYS A 52 -47.06 -16.15 51.91
CA LYS A 52 -46.51 -14.79 52.03
C LYS A 52 -45.93 -14.41 50.66
N ILE A 53 -46.68 -13.63 49.89
CA ILE A 53 -46.22 -13.28 48.54
C ILE A 53 -45.62 -11.87 48.55
N PRO A 54 -44.38 -11.70 48.13
CA PRO A 54 -43.80 -10.36 48.05
C PRO A 54 -43.87 -9.76 46.65
N SER A 55 -43.54 -8.46 46.55
CA SER A 55 -43.26 -7.78 45.28
C SER A 55 -44.44 -7.88 44.30
N VAL A 56 -45.58 -7.39 44.76
CA VAL A 56 -46.78 -7.28 43.94
C VAL A 56 -47.51 -5.99 44.33
N PHE A 57 -48.69 -5.80 43.75
CA PHE A 57 -49.55 -4.70 44.11
C PHE A 57 -50.91 -4.90 43.48
N SER A 58 -51.86 -4.05 43.83
CA SER A 58 -53.23 -4.24 43.39
C SER A 58 -53.62 -3.22 42.32
N GLY A 59 -54.47 -3.67 41.40
CA GLY A 59 -54.83 -2.84 40.25
C GLY A 59 -55.43 -1.51 40.64
N SER A 60 -56.11 -1.47 41.80
CA SER A 60 -56.59 -0.19 42.30
C SER A 60 -55.45 0.77 42.54
N ASP A 61 -54.29 0.25 42.94
CA ASP A 61 -53.11 1.10 43.07
C ASP A 61 -52.77 1.79 41.76
N ILE A 62 -52.65 1.02 40.67
CA ILE A 62 -52.26 1.60 39.40
C ILE A 62 -53.35 2.54 38.89
N VAL A 63 -54.60 2.20 39.14
CA VAL A 63 -55.68 3.09 38.75
C VAL A 63 -55.53 4.44 39.45
N GLN A 64 -55.33 4.42 40.76
CA GLN A 64 -55.07 5.63 41.51
C GLN A 64 -53.85 6.38 40.98
N TRP A 65 -52.79 5.66 40.61
CA TRP A 65 -51.57 6.31 40.13
C TRP A 65 -51.83 7.05 38.83
N LEU A 66 -52.52 6.39 37.89
CA LEU A 66 -52.97 7.06 36.67
C LEU A 66 -53.75 8.31 37.00
N ILE A 67 -54.80 8.19 37.81
CA ILE A 67 -55.67 9.34 38.06
C ILE A 67 -54.90 10.48 38.68
N LYS A 68 -53.99 10.17 39.59
CA LYS A 68 -53.19 11.22 40.19
C LYS A 68 -52.30 11.91 39.15
N ASN A 69 -51.35 11.17 38.58
CA ASN A 69 -50.28 11.83 37.85
C ASN A 69 -50.64 12.14 36.40
N LEU A 70 -51.82 11.71 35.94
CA LEU A 70 -52.22 11.95 34.56
C LEU A 70 -53.47 12.80 34.44
N THR A 71 -54.25 12.93 35.51
CA THR A 71 -55.46 13.75 35.52
C THR A 71 -56.45 13.29 34.45
N ILE A 72 -56.67 11.98 34.42
CA ILE A 72 -57.58 11.35 33.49
C ILE A 72 -58.96 11.37 34.12
N GLU A 73 -59.80 12.30 33.69
CA GLU A 73 -61.04 12.59 34.39
C GLU A 73 -61.94 11.37 34.48
N ASP A 74 -62.21 10.70 33.37
CA ASP A 74 -63.02 9.51 33.43
C ASP A 74 -62.21 8.39 34.05
N PRO A 75 -62.68 7.80 35.16
CA PRO A 75 -62.16 6.50 35.56
C PRO A 75 -62.15 5.51 34.42
N VAL A 76 -63.21 5.48 33.61
CA VAL A 76 -63.23 4.55 32.48
C VAL A 76 -62.14 4.89 31.48
N GLU A 77 -61.89 6.17 31.21
CA GLU A 77 -60.86 6.51 30.23
C GLU A 77 -59.49 6.10 30.72
N ALA A 78 -59.17 6.47 31.96
CA ALA A 78 -57.89 6.04 32.51
C ALA A 78 -57.79 4.53 32.55
N LEU A 79 -58.91 3.85 32.81
CA LEU A 79 -58.88 2.40 32.82
C LEU A 79 -58.60 1.85 31.43
N HIS A 80 -59.08 2.51 30.38
CA HIS A 80 -58.81 1.97 29.04
C HIS A 80 -57.36 2.19 28.64
N LEU A 81 -56.82 3.37 28.96
CA LEU A 81 -55.38 3.57 28.79
C LEU A 81 -54.60 2.47 29.51
N GLY A 82 -54.90 2.25 30.78
CA GLY A 82 -54.26 1.18 31.51
C GLY A 82 -54.47 -0.16 30.85
N THR A 83 -55.64 -0.37 30.26
CA THR A 83 -55.94 -1.66 29.65
C THR A 83 -54.99 -1.94 28.51
N LEU A 84 -54.88 -1.02 27.58
CA LEU A 84 -54.00 -1.34 26.46
C LEU A 84 -52.52 -1.32 26.85
N MET A 85 -52.14 -0.47 27.79
CA MET A 85 -50.77 -0.56 28.28
C MET A 85 -50.48 -1.95 28.81
N ALA A 86 -51.36 -2.46 29.66
CA ALA A 86 -51.14 -3.78 30.22
C ALA A 86 -51.30 -4.86 29.16
N ALA A 87 -51.91 -4.53 28.03
CA ALA A 87 -51.92 -5.54 26.97
C ALA A 87 -50.74 -5.36 26.03
N HIS A 88 -49.85 -4.42 26.30
CA HIS A 88 -48.56 -4.37 25.60
C HIS A 88 -47.36 -4.89 26.42
N GLY A 89 -47.61 -5.66 27.48
CA GLY A 89 -46.53 -6.17 28.28
C GLY A 89 -45.76 -5.09 28.99
N TYR A 90 -46.41 -4.36 29.89
CA TYR A 90 -45.72 -3.53 30.86
C TYR A 90 -46.19 -3.85 32.28
N PHE A 91 -47.28 -4.60 32.41
CA PHE A 91 -47.60 -5.34 33.62
C PHE A 91 -48.80 -6.25 33.38
N PHE A 92 -48.88 -7.31 34.16
CA PHE A 92 -49.70 -8.49 33.95
C PHE A 92 -50.34 -8.98 35.25
N PRO A 93 -51.44 -9.72 35.18
CA PRO A 93 -52.02 -10.29 36.39
C PRO A 93 -51.39 -11.64 36.69
N ILE A 94 -50.99 -11.79 37.95
CA ILE A 94 -50.08 -12.86 38.34
C ILE A 94 -50.69 -14.24 38.12
N SER A 95 -52.01 -14.34 38.11
CA SER A 95 -52.66 -15.63 38.01
C SER A 95 -53.42 -15.82 36.72
N ASP A 96 -53.16 -15.01 35.69
CA ASP A 96 -53.96 -15.14 34.47
C ASP A 96 -53.08 -15.12 33.24
N HIS A 97 -53.58 -15.72 32.17
CA HIS A 97 -52.91 -15.68 30.89
C HIS A 97 -53.21 -14.39 30.14
N VAL A 98 -54.49 -14.04 30.02
CA VAL A 98 -54.97 -12.95 29.17
C VAL A 98 -54.78 -11.61 29.87
N LEU A 99 -53.92 -10.77 29.30
CA LEU A 99 -53.59 -9.49 29.90
C LEU A 99 -54.83 -8.61 29.89
N THR A 100 -55.29 -8.21 31.08
CA THR A 100 -56.38 -7.24 31.23
C THR A 100 -56.25 -6.62 32.61
N LEU A 101 -56.20 -5.30 32.68
CA LEU A 101 -56.17 -4.62 33.96
C LEU A 101 -57.59 -4.54 34.50
N LYS A 102 -57.83 -5.11 35.67
CA LYS A 102 -59.13 -5.07 36.33
C LYS A 102 -58.98 -4.38 37.67
N ASP A 103 -59.69 -3.26 37.84
CA ASP A 103 -59.54 -2.47 39.05
C ASP A 103 -60.10 -3.25 40.22
N ASP A 104 -59.20 -3.92 40.95
CA ASP A 104 -59.58 -4.65 42.15
C ASP A 104 -58.34 -5.11 42.89
N GLY A 105 -58.54 -5.92 43.91
CA GLY A 105 -57.42 -6.50 44.64
C GLY A 105 -56.84 -7.73 43.98
N THR A 106 -56.08 -7.56 42.91
CA THR A 106 -55.31 -8.64 42.32
C THR A 106 -53.88 -8.15 42.13
N PHE A 107 -52.94 -9.09 41.97
CA PHE A 107 -51.54 -8.76 42.11
C PHE A 107 -50.83 -8.74 40.76
N TYR A 108 -50.07 -7.69 40.53
CA TYR A 108 -49.48 -7.36 39.24
C TYR A 108 -47.97 -7.41 39.34
N ARG A 109 -47.31 -6.97 38.25
CA ARG A 109 -45.86 -6.81 38.26
C ARG A 109 -45.41 -6.17 36.96
N PHE A 110 -44.34 -5.38 37.05
CA PHE A 110 -43.73 -4.79 35.87
C PHE A 110 -42.98 -5.87 35.11
N GLN A 111 -42.39 -5.49 33.99
CA GLN A 111 -41.64 -6.43 33.19
C GLN A 111 -40.17 -6.06 33.12
N THR A 112 -39.36 -6.93 32.52
CA THR A 112 -37.92 -6.76 32.56
C THR A 112 -37.41 -6.03 31.32
N PRO A 113 -36.37 -5.21 31.46
CA PRO A 113 -35.87 -4.46 30.30
C PRO A 113 -35.37 -5.34 29.18
N TYR A 114 -35.07 -6.61 29.45
CA TYR A 114 -34.72 -7.52 28.37
C TYR A 114 -35.97 -8.09 27.73
N PHE A 115 -37.09 -8.04 28.45
CA PHE A 115 -38.36 -8.48 27.88
C PHE A 115 -39.41 -7.38 27.80
N TRP A 116 -39.05 -6.19 27.38
CA TRP A 116 -40.12 -5.35 26.90
C TRP A 116 -40.58 -5.85 25.54
N PRO A 117 -41.55 -5.20 24.94
CA PRO A 117 -41.82 -5.47 23.52
C PRO A 117 -41.09 -4.53 22.59
N SER A 118 -40.44 -3.49 23.09
CA SER A 118 -39.73 -2.56 22.22
C SER A 118 -38.47 -3.17 21.62
N ASN A 119 -38.07 -4.36 22.05
CA ASN A 119 -36.76 -4.88 21.68
C ASN A 119 -36.82 -5.78 20.47
N CYS A 120 -37.78 -5.55 19.58
CA CYS A 120 -37.81 -6.15 18.24
C CYS A 120 -37.85 -7.68 18.29
N TRP A 121 -38.37 -8.21 19.39
CA TRP A 121 -38.30 -9.63 19.65
C TRP A 121 -39.21 -10.37 18.69
N GLU A 122 -38.93 -11.64 18.48
CA GLU A 122 -39.72 -12.49 17.61
C GLU A 122 -39.50 -13.94 17.97
N PRO A 123 -40.39 -14.55 18.73
CA PRO A 123 -40.22 -15.97 19.02
C PRO A 123 -40.56 -16.79 17.81
N GLU A 124 -40.24 -18.08 17.84
CA GLU A 124 -40.54 -18.98 16.75
C GLU A 124 -40.97 -20.32 17.30
N ASN A 125 -41.41 -21.17 16.39
CA ASN A 125 -42.09 -22.39 16.79
C ASN A 125 -41.23 -23.33 17.64
N THR A 126 -39.95 -23.53 17.29
CA THR A 126 -39.11 -24.39 18.11
C THR A 126 -39.00 -23.86 19.52
N ASP A 127 -38.94 -22.54 19.67
CA ASP A 127 -38.82 -22.02 21.00
C ASP A 127 -40.12 -22.17 21.77
N TYR A 128 -41.26 -22.08 21.09
CA TYR A 128 -42.48 -22.41 21.80
C TYR A 128 -42.45 -23.84 22.26
N ALA A 129 -41.89 -24.73 21.46
CA ALA A 129 -41.76 -26.11 21.92
C ALA A 129 -40.88 -26.20 23.15
N VAL A 130 -39.83 -25.39 23.21
CA VAL A 130 -38.94 -25.43 24.37
C VAL A 130 -39.67 -25.01 25.62
N TYR A 131 -40.41 -23.92 25.54
CA TYR A 131 -41.12 -23.47 26.72
C TYR A 131 -42.21 -24.45 27.11
N LEU A 132 -42.83 -25.13 26.14
CA LEU A 132 -43.83 -26.13 26.48
C LEU A 132 -43.23 -27.30 27.24
N CYS A 133 -42.15 -27.89 26.72
CA CYS A 133 -41.50 -28.98 27.44
C CYS A 133 -41.06 -28.54 28.83
N LYS A 134 -40.50 -27.33 28.95
CA LYS A 134 -40.02 -26.89 30.25
C LYS A 134 -41.15 -26.74 31.27
N ARG A 135 -42.21 -26.01 30.94
CA ARG A 135 -43.32 -25.89 31.87
C ARG A 135 -43.90 -27.25 32.21
N THR A 136 -44.11 -28.10 31.21
CA THR A 136 -44.74 -29.37 31.50
C THR A 136 -43.86 -30.27 32.35
N MET A 137 -42.55 -30.00 32.37
CA MET A 137 -41.65 -30.87 33.11
C MET A 137 -41.08 -30.25 34.37
N GLN A 138 -41.46 -29.03 34.74
CA GLN A 138 -40.93 -28.53 36.02
C GLN A 138 -41.52 -29.28 37.19
N ASN A 139 -42.83 -29.52 37.16
CA ASN A 139 -43.59 -29.85 38.36
C ASN A 139 -43.98 -31.33 38.46
N LYS A 140 -44.48 -31.91 37.38
CA LYS A 140 -45.05 -33.25 37.30
C LYS A 140 -46.00 -33.56 38.45
N ALA A 141 -46.81 -32.61 38.88
CA ALA A 141 -47.97 -32.87 39.70
C ALA A 141 -49.26 -32.78 38.90
N ARG A 142 -49.29 -31.94 37.87
CA ARG A 142 -50.48 -31.70 37.08
C ARG A 142 -50.04 -31.27 35.69
N LEU A 143 -50.96 -31.31 34.74
CA LEU A 143 -50.71 -30.69 33.45
C LEU A 143 -50.85 -29.20 33.65
N GLU A 144 -49.78 -28.59 34.15
CA GLU A 144 -49.86 -27.20 34.59
C GLU A 144 -49.99 -26.30 33.37
N LEU A 145 -51.21 -26.15 32.88
CA LEU A 145 -51.44 -25.48 31.60
C LEU A 145 -52.93 -25.35 31.32
N ALA A 146 -53.30 -24.67 30.23
CA ALA A 146 -54.69 -24.58 29.81
C ALA A 146 -54.82 -25.24 28.45
N ASP A 147 -56.08 -25.40 28.00
CA ASP A 147 -56.37 -26.30 26.89
C ASP A 147 -55.78 -25.79 25.58
N TYR A 148 -55.75 -24.47 25.38
CA TYR A 148 -55.12 -23.96 24.16
C TYR A 148 -53.64 -24.29 24.12
N GLU A 149 -52.92 -24.17 25.24
CA GLU A 149 -51.50 -24.43 25.19
C GLU A 149 -51.22 -25.91 25.05
N ALA A 150 -52.05 -26.77 25.67
CA ALA A 150 -51.93 -28.19 25.42
C ALA A 150 -52.19 -28.51 23.94
N GLU A 151 -53.15 -27.81 23.35
CA GLU A 151 -53.39 -28.00 21.92
C GLU A 151 -52.18 -27.62 21.09
N SER A 152 -51.56 -26.49 21.40
CA SER A 152 -50.37 -26.07 20.66
C SER A 152 -49.26 -27.10 20.77
N LEU A 153 -49.04 -27.63 21.97
CA LEU A 153 -48.01 -28.65 22.11
C LEU A 153 -48.33 -29.91 21.32
N ALA A 154 -49.60 -30.31 21.21
CA ALA A 154 -49.91 -31.48 20.40
C ALA A 154 -49.47 -31.28 18.95
N ARG A 155 -49.76 -30.12 18.38
CA ARG A 155 -49.35 -29.85 17.01
C ARG A 155 -47.83 -29.82 16.89
N LEU A 156 -47.16 -29.13 17.82
CA LEU A 156 -45.71 -29.12 17.79
C LEU A 156 -45.13 -30.51 17.81
N GLN A 157 -45.70 -31.41 18.59
CA GLN A 157 -45.29 -32.80 18.53
C GLN A 157 -45.46 -33.37 17.14
N ARG A 158 -46.66 -33.25 16.59
CA ARG A 158 -46.94 -33.94 15.33
C ARG A 158 -46.10 -33.41 14.18
N ALA A 159 -45.59 -32.19 14.30
CA ALA A 159 -44.88 -31.63 13.15
C ALA A 159 -43.37 -31.57 13.37
N PHE A 160 -42.90 -31.71 14.60
CA PHE A 160 -41.49 -31.61 14.92
C PHE A 160 -40.87 -32.98 15.18
N ALA A 161 -41.28 -33.99 14.41
CA ALA A 161 -40.90 -35.38 14.66
C ALA A 161 -39.41 -35.57 14.85
N ARG A 162 -38.57 -34.92 14.05
CA ARG A 162 -37.14 -35.09 14.21
C ARG A 162 -36.65 -34.41 15.48
N LYS A 163 -36.78 -33.09 15.57
CA LYS A 163 -36.09 -32.28 16.56
C LYS A 163 -36.92 -32.18 17.82
N TRP A 164 -36.60 -33.00 18.82
CA TRP A 164 -37.12 -32.79 20.17
C TRP A 164 -36.03 -32.78 21.22
N GLU A 165 -35.00 -33.61 21.05
CA GLU A 165 -34.21 -34.05 22.20
C GLU A 165 -33.49 -32.92 22.91
N PHE A 166 -32.64 -32.17 22.22
CA PHE A 166 -31.94 -31.09 22.88
C PHE A 166 -32.90 -30.03 23.42
N ILE A 167 -34.09 -29.95 22.85
CA ILE A 167 -35.13 -29.12 23.45
C ILE A 167 -35.36 -29.53 24.89
N PHE A 168 -35.74 -30.79 25.10
CA PHE A 168 -35.92 -31.34 26.43
C PHE A 168 -34.67 -31.15 27.26
N MET A 169 -33.53 -31.38 26.63
CA MET A 169 -32.23 -31.27 27.29
C MET A 169 -32.05 -29.89 27.90
N GLN A 170 -32.03 -28.86 27.05
CA GLN A 170 -31.81 -27.49 27.51
C GLN A 170 -32.92 -27.03 28.43
N ALA A 171 -34.12 -27.57 28.25
CA ALA A 171 -35.20 -27.22 29.16
C ALA A 171 -34.86 -27.62 30.57
N GLU A 172 -34.59 -28.90 30.81
CA GLU A 172 -34.30 -29.30 32.17
C GLU A 172 -32.97 -28.74 32.63
N ALA A 173 -32.05 -28.49 31.71
CA ALA A 173 -30.84 -27.79 32.06
C ALA A 173 -31.14 -26.42 32.67
N GLN A 174 -31.90 -25.59 31.96
CA GLN A 174 -32.37 -24.32 32.49
C GLN A 174 -33.06 -24.50 33.83
N ALA A 175 -33.88 -25.55 33.96
CA ALA A 175 -34.58 -25.78 35.21
C ALA A 175 -33.60 -25.94 36.36
N LYS A 176 -32.54 -26.70 36.14
CA LYS A 176 -31.52 -26.82 37.18
C LYS A 176 -30.78 -25.49 37.39
N VAL A 177 -30.44 -24.81 36.30
CA VAL A 177 -29.63 -23.60 36.41
C VAL A 177 -30.39 -22.49 37.12
N ASP A 178 -31.71 -22.57 37.13
CA ASP A 178 -32.47 -21.55 37.81
C ASP A 178 -32.93 -21.99 39.20
N LYS A 179 -33.37 -23.24 39.35
CA LYS A 179 -33.70 -23.75 40.68
C LYS A 179 -32.50 -23.72 41.60
N LYS A 180 -31.28 -23.83 41.05
CA LYS A 180 -30.10 -23.77 41.89
C LYS A 180 -30.00 -22.44 42.63
N ARG A 181 -30.54 -21.37 42.03
CA ARG A 181 -30.67 -20.11 42.74
C ARG A 181 -31.91 -20.16 43.62
N ASP A 182 -32.05 -19.16 44.50
CA ASP A 182 -32.98 -19.29 45.61
C ASP A 182 -34.43 -19.38 45.17
N LYS A 183 -35.26 -19.91 46.08
CA LYS A 183 -36.63 -20.32 45.77
C LYS A 183 -37.50 -19.18 45.30
N ILE A 184 -37.29 -17.96 45.79
CA ILE A 184 -38.10 -16.84 45.38
C ILE A 184 -37.60 -16.36 44.03
N GLU A 185 -36.30 -16.57 43.78
CA GLU A 185 -35.76 -16.21 42.48
C GLU A 185 -36.37 -17.05 41.38
N ARG A 186 -36.44 -18.36 41.57
CA ARG A 186 -37.07 -19.20 40.54
C ARG A 186 -38.50 -18.75 40.28
N LYS A 187 -39.22 -18.41 41.35
CA LYS A 187 -40.60 -17.98 41.20
C LYS A 187 -40.71 -16.72 40.36
N ILE A 188 -39.99 -15.66 40.74
CA ILE A 188 -40.17 -14.40 40.01
C ILE A 188 -39.66 -14.52 38.59
N LEU A 189 -38.53 -15.20 38.36
CA LEU A 189 -38.05 -15.30 36.99
C LEU A 189 -39.01 -16.11 36.14
N ASP A 190 -39.56 -17.19 36.69
CA ASP A 190 -40.46 -17.98 35.88
C ASP A 190 -41.77 -17.25 35.64
N SER A 191 -42.21 -16.44 36.59
CA SER A 191 -43.39 -15.64 36.35
C SER A 191 -43.17 -14.67 35.19
N GLN A 192 -42.04 -13.95 35.21
CA GLN A 192 -41.79 -12.98 34.15
C GLN A 192 -41.68 -13.66 32.80
N GLU A 193 -40.88 -14.71 32.71
CA GLU A 193 -40.66 -15.34 31.42
C GLU A 193 -41.76 -16.33 31.12
N ARG A 194 -42.82 -16.32 31.93
CA ARG A 194 -44.11 -16.82 31.48
C ARG A 194 -44.92 -15.73 30.82
N ALA A 195 -45.12 -14.61 31.51
CA ALA A 195 -46.03 -13.58 30.99
C ALA A 195 -45.54 -13.02 29.66
N PHE A 196 -44.23 -12.88 29.51
CA PHE A 196 -43.73 -12.33 28.26
C PHE A 196 -44.00 -13.28 27.09
N TRP A 197 -44.42 -14.51 27.33
CA TRP A 197 -44.84 -15.29 26.17
C TRP A 197 -46.34 -15.35 26.04
N ASP A 198 -47.06 -15.08 27.11
CA ASP A 198 -48.44 -14.65 26.94
C ASP A 198 -48.57 -13.55 25.90
N VAL A 199 -47.87 -12.43 26.10
CA VAL A 199 -48.12 -11.26 25.27
C VAL A 199 -47.74 -11.52 23.81
N HIS A 200 -46.75 -12.37 23.57
CA HIS A 200 -46.29 -12.59 22.20
C HIS A 200 -46.87 -13.83 21.56
N ARG A 201 -47.74 -14.56 22.25
CA ARG A 201 -48.61 -15.55 21.62
C ARG A 201 -49.84 -15.67 22.50
N PRO A 202 -50.83 -14.81 22.31
CA PRO A 202 -51.89 -14.64 23.29
C PRO A 202 -52.99 -15.70 23.13
N VAL A 203 -53.89 -15.71 24.10
CA VAL A 203 -55.05 -16.60 24.12
C VAL A 203 -55.88 -16.36 22.87
N PRO A 204 -56.64 -17.34 22.38
CA PRO A 204 -57.44 -17.17 21.15
C PRO A 204 -58.29 -15.91 21.10
N GLY A 205 -58.82 -15.48 22.22
CA GLY A 205 -59.77 -14.37 22.18
C GLY A 205 -59.15 -12.99 22.00
N CYS A 206 -58.40 -12.53 22.99
CA CYS A 206 -57.92 -11.15 23.02
C CYS A 206 -57.05 -10.87 21.80
N VAL A 207 -57.04 -9.62 21.34
CA VAL A 207 -56.30 -9.30 20.13
C VAL A 207 -54.81 -9.38 20.41
N ASN A 208 -54.05 -9.86 19.43
CA ASN A 208 -52.61 -9.72 19.47
C ASN A 208 -52.29 -8.25 19.58
N THR A 209 -51.22 -7.91 20.25
CA THR A 209 -50.80 -6.51 20.20
C THR A 209 -49.46 -6.37 19.54
N THR A 210 -49.07 -7.31 18.70
CA THR A 210 -47.84 -7.20 17.97
C THR A 210 -47.99 -6.51 16.62
N GLU A 211 -48.93 -6.95 15.79
CA GLU A 211 -48.82 -6.78 14.35
C GLU A 211 -48.80 -5.32 13.95
N VAL A 212 -48.51 -5.11 12.67
CA VAL A 212 -48.47 -3.79 12.06
C VAL A 212 -49.07 -3.92 10.66
N ASP A 213 -49.45 -2.79 10.09
CA ASP A 213 -50.06 -2.79 8.78
C ASP A 213 -49.00 -2.71 7.69
N ILE A 214 -49.28 -3.40 6.58
CA ILE A 214 -48.32 -3.54 5.49
C ILE A 214 -47.84 -2.20 4.97
N LYS A 215 -48.67 -1.16 5.08
CA LYS A 215 -48.24 0.18 4.66
C LYS A 215 -46.95 0.58 5.35
N LYS A 216 -46.91 0.46 6.66
CA LYS A 216 -45.65 0.72 7.33
C LYS A 216 -44.66 -0.44 7.22
N SER A 217 -45.04 -1.51 6.53
CA SER A 217 -44.10 -2.60 6.23
C SER A 217 -43.25 -2.17 5.03
N SER A 218 -42.25 -1.34 5.32
CA SER A 218 -41.40 -0.77 4.27
C SER A 218 -40.66 -1.86 3.51
N ARG A 271 -46.14 36.53 -1.62
CA ARG A 271 -47.17 35.61 -1.14
C ARG A 271 -48.07 36.37 -0.18
N HIS A 272 -49.18 36.90 -0.70
CA HIS A 272 -50.05 37.77 0.08
C HIS A 272 -50.67 36.99 1.23
N ARG A 273 -50.50 37.51 2.45
CA ARG A 273 -51.07 36.91 3.64
C ARG A 273 -51.91 37.94 4.39
N LEU A 274 -52.78 37.43 5.26
CA LEU A 274 -53.61 38.28 6.11
C LEU A 274 -53.44 37.87 7.56
N LYS A 275 -53.83 38.76 8.46
CA LYS A 275 -53.61 38.51 9.87
C LYS A 275 -54.48 37.35 10.35
N MET A 276 -53.96 36.62 11.35
CA MET A 276 -54.70 35.52 11.94
C MET A 276 -56.06 35.95 12.47
N SER A 277 -56.14 37.14 13.07
CA SER A 277 -57.42 37.71 13.47
C SER A 277 -58.39 37.76 12.30
N LYS A 278 -57.89 38.10 11.10
CA LYS A 278 -58.74 38.04 9.92
C LYS A 278 -59.25 36.63 9.69
N VAL A 279 -58.34 35.65 9.74
CA VAL A 279 -58.76 34.26 9.61
C VAL A 279 -59.66 33.87 10.76
N ALA A 280 -59.41 34.40 11.95
CA ALA A 280 -60.28 34.12 13.08
C ALA A 280 -61.70 34.56 12.81
N ASP A 281 -61.87 35.80 12.34
CA ASP A 281 -63.20 36.31 12.02
C ASP A 281 -63.83 35.47 10.93
N SER A 282 -63.08 35.16 9.88
CA SER A 282 -63.63 34.35 8.79
C SER A 282 -64.08 32.99 9.28
N LEU A 283 -63.30 32.36 10.14
CA LEU A 283 -63.62 31.01 10.59
C LEU A 283 -64.80 31.03 11.54
N LEU A 284 -64.78 31.95 12.51
CA LEU A 284 -65.91 32.09 13.41
C LEU A 284 -67.19 32.40 12.64
N SER A 285 -67.11 33.29 11.65
CA SER A 285 -68.30 33.71 10.94
C SER A 285 -68.83 32.61 10.04
N TYR A 286 -67.93 31.90 9.34
CA TYR A 286 -68.36 30.75 8.57
C TYR A 286 -68.93 29.67 9.47
N THR A 287 -68.49 29.60 10.72
CA THR A 287 -69.14 28.70 11.65
C THR A 287 -70.54 29.18 11.99
N GLU A 288 -70.64 30.46 12.34
CA GLU A 288 -71.88 31.02 12.83
C GLU A 288 -72.98 30.92 11.79
N GLN A 289 -72.65 31.24 10.54
CA GLN A 289 -73.68 31.34 9.52
C GLN A 289 -74.36 30.01 9.26
N TYR A 290 -73.75 28.90 9.69
CA TYR A 290 -74.36 27.57 9.66
C TYR A 290 -74.38 26.95 11.05
N LEU A 291 -73.78 27.65 12.02
CA LEU A 291 -73.82 27.27 13.42
C LEU A 291 -75.21 26.86 13.84
N GLU A 292 -76.20 27.63 13.41
CA GLU A 292 -77.58 27.25 13.60
C GLU A 292 -78.04 26.25 12.55
N TYR A 293 -77.12 25.56 11.87
CA TYR A 293 -77.51 24.50 10.97
C TYR A 293 -76.89 23.17 11.34
N ASP A 294 -75.83 23.23 12.14
CA ASP A 294 -75.13 22.06 12.66
C ASP A 294 -76.12 21.05 13.22
N PRO A 295 -76.30 19.89 12.60
CA PRO A 295 -77.19 18.88 13.18
C PRO A 295 -76.56 18.07 14.28
N PHE A 296 -75.37 18.44 14.74
CA PHE A 296 -74.86 17.84 15.96
C PHE A 296 -75.07 18.74 17.15
N LEU A 297 -74.80 20.03 17.00
CA LEU A 297 -74.77 20.94 18.13
C LEU A 297 -76.15 21.50 18.46
N LEU A 298 -76.67 22.34 17.57
CA LEU A 298 -77.99 22.93 17.77
C LEU A 298 -78.76 22.92 16.45
N PRO A 299 -79.57 21.88 16.24
CA PRO A 299 -80.37 21.82 15.02
C PRO A 299 -81.77 22.34 15.34
N PRO A 300 -82.28 23.31 14.51
CA PRO A 300 -83.69 23.64 14.76
C PRO A 300 -84.61 22.48 14.30
N ASP A 301 -84.40 21.87 13.10
CA ASP A 301 -85.26 20.71 12.80
C ASP A 301 -84.84 19.53 13.67
N PRO A 302 -85.64 19.21 14.68
CA PRO A 302 -85.31 18.12 15.58
C PRO A 302 -85.52 16.78 14.93
N SER A 303 -86.13 16.77 13.74
CA SER A 303 -86.32 15.53 13.00
C SER A 303 -84.93 14.97 12.76
N ASN A 304 -84.65 13.79 13.31
CA ASN A 304 -83.36 13.17 13.10
C ASN A 304 -83.66 11.77 12.54
N PRO A 305 -83.43 11.53 11.20
CA PRO A 305 -83.75 10.15 10.81
C PRO A 305 -82.89 9.10 11.49
N TRP A 306 -81.73 9.49 11.89
CA TRP A 306 -80.95 8.57 12.68
C TRP A 306 -81.53 8.36 14.07
N LEU A 307 -81.67 9.43 14.84
CA LEU A 307 -82.01 9.32 16.24
C LEU A 307 -83.50 9.03 16.42
N SER A 308 -84.34 9.94 15.94
CA SER A 308 -85.77 9.90 16.23
C SER A 308 -86.59 9.17 15.18
N ASP A 309 -85.98 8.24 14.45
CA ASP A 309 -86.68 7.26 13.61
C ASP A 309 -87.65 7.93 12.64
N ASP A 310 -87.23 9.08 12.12
CA ASP A 310 -88.04 9.83 11.17
C ASP A 310 -87.43 9.69 9.78
N THR A 311 -88.22 10.03 8.77
CA THR A 311 -87.72 10.16 7.41
C THR A 311 -88.00 11.53 6.82
N THR A 312 -88.82 12.33 7.50
CA THR A 312 -89.38 13.53 6.89
C THR A 312 -88.32 14.57 6.56
N PHE A 313 -87.25 14.64 7.35
CA PHE A 313 -86.25 15.69 7.13
C PHE A 313 -85.64 15.59 5.74
N TRP A 314 -85.04 14.44 5.44
CA TRP A 314 -84.45 14.25 4.13
C TRP A 314 -85.49 14.35 3.04
N GLU A 315 -86.70 13.82 3.28
CA GLU A 315 -87.73 13.86 2.26
C GLU A 315 -88.12 15.30 1.92
N LEU A 316 -88.20 16.16 2.93
CA LEU A 316 -88.33 17.58 2.66
C LEU A 316 -87.13 18.08 1.88
N GLU A 317 -85.95 17.56 2.20
CA GLU A 317 -84.76 17.92 1.44
C GLU A 317 -84.87 17.50 -0.02
N ALA A 318 -85.70 16.51 -0.32
CA ALA A 318 -85.90 16.07 -1.70
C ALA A 318 -86.73 17.05 -2.50
N SER A 319 -87.89 17.44 -1.96
CA SER A 319 -88.80 18.36 -2.65
C SER A 319 -88.18 19.66 -3.13
N LYS A 320 -88.64 20.13 -4.28
CA LYS A 320 -88.09 21.37 -4.84
C LYS A 320 -88.50 22.58 -4.02
N GLU A 321 -89.67 22.55 -3.39
CA GLU A 321 -90.06 23.65 -2.51
C GLU A 321 -88.97 23.75 -1.42
N PRO A 322 -88.34 24.96 -1.23
CA PRO A 322 -87.30 24.89 -0.20
C PRO A 322 -87.88 24.99 1.20
N SER A 323 -86.97 24.93 2.17
CA SER A 323 -87.26 25.38 3.52
C SER A 323 -86.97 26.87 3.60
N GLN A 324 -87.57 27.53 4.59
CA GLN A 324 -87.18 28.92 4.84
C GLN A 324 -85.72 28.97 5.29
N GLN A 325 -85.27 27.94 5.99
CA GLN A 325 -83.84 27.73 6.14
C GLN A 325 -83.15 27.75 4.79
N ARG A 326 -83.67 26.99 3.83
CA ARG A 326 -83.07 26.92 2.50
C ARG A 326 -82.95 28.29 1.87
N VAL A 327 -84.00 29.09 1.97
CA VAL A 327 -84.02 30.38 1.29
C VAL A 327 -83.12 31.37 2.01
N LYS A 328 -83.06 31.31 3.34
CA LYS A 328 -82.11 32.16 4.05
C LYS A 328 -80.69 31.76 3.72
N ARG A 329 -80.48 30.47 3.46
CA ARG A 329 -79.13 29.96 3.20
C ARG A 329 -78.66 30.31 1.80
N TRP A 330 -79.60 30.40 0.86
CA TRP A 330 -79.25 30.89 -0.48
C TRP A 330 -78.63 32.27 -0.41
N GLY A 331 -79.12 33.13 0.48
CA GLY A 331 -78.74 34.53 0.52
C GLY A 331 -77.30 34.82 0.92
N PHE A 332 -76.52 33.79 1.23
CA PHE A 332 -75.12 34.02 1.57
C PHE A 332 -74.16 34.19 0.41
N GLY A 333 -74.28 33.38 -0.63
CA GLY A 333 -73.37 33.46 -1.76
C GLY A 333 -73.88 32.65 -2.93
N MET A 334 -73.82 33.29 -4.10
CA MET A 334 -74.34 32.66 -5.30
C MET A 334 -73.64 31.35 -5.62
N ASP A 335 -72.40 31.18 -5.16
CA ASP A 335 -71.75 29.88 -5.29
C ASP A 335 -72.58 28.80 -4.62
N GLU A 336 -73.01 29.05 -3.39
CA GLU A 336 -73.85 28.08 -2.72
C GLU A 336 -75.17 27.91 -3.45
N ALA A 337 -75.68 28.98 -4.02
CA ALA A 337 -76.88 28.91 -4.84
C ALA A 337 -76.72 27.92 -5.98
N LEU A 338 -75.68 28.11 -6.79
CA LEU A 338 -75.43 27.21 -7.91
C LEU A 338 -75.18 25.80 -7.45
N LYS A 339 -74.60 25.64 -6.25
CA LYS A 339 -74.56 24.31 -5.67
C LYS A 339 -75.96 23.74 -5.51
N ASP A 340 -76.88 24.55 -5.02
CA ASP A 340 -78.26 24.13 -4.95
C ASP A 340 -78.84 23.99 -6.34
N PRO A 341 -79.39 22.83 -6.70
CA PRO A 341 -80.18 22.76 -7.94
C PRO A 341 -81.40 23.66 -7.91
N VAL A 342 -82.09 23.69 -6.77
CA VAL A 342 -83.23 24.59 -6.60
C VAL A 342 -82.79 26.03 -6.85
N GLY A 343 -81.67 26.42 -6.27
CA GLY A 343 -81.16 27.76 -6.48
C GLY A 343 -80.85 28.02 -7.94
N ARG A 344 -80.23 27.05 -8.61
CA ARG A 344 -79.99 27.18 -10.04
C ARG A 344 -81.28 27.46 -10.78
N GLU A 345 -82.33 26.69 -10.47
CA GLU A 345 -83.58 26.85 -11.20
C GLU A 345 -84.19 28.21 -10.96
N GLN A 346 -84.21 28.68 -9.72
CA GLN A 346 -84.91 29.94 -9.48
C GLN A 346 -84.10 31.12 -9.98
N PHE A 347 -82.79 31.06 -9.82
CA PHE A 347 -81.95 32.10 -10.37
C PHE A 347 -82.09 32.16 -11.89
N LEU A 348 -82.11 31.00 -12.52
CA LEU A 348 -82.28 30.96 -13.97
C LEU A 348 -83.64 31.49 -14.39
N LYS A 349 -84.68 31.21 -13.61
CA LYS A 349 -86.00 31.75 -13.92
C LYS A 349 -85.98 33.27 -13.90
N PHE A 350 -85.38 33.85 -12.87
CA PHE A 350 -85.31 35.31 -12.82
C PHE A 350 -84.52 35.85 -13.99
N LEU A 351 -83.40 35.20 -14.33
CA LEU A 351 -82.60 35.67 -15.44
C LEU A 351 -83.38 35.61 -16.75
N GLU A 352 -84.20 34.58 -16.92
CA GLU A 352 -85.03 34.50 -18.13
C GLU A 352 -86.05 35.61 -18.14
N SER A 353 -86.87 35.70 -17.09
CA SER A 353 -87.93 36.70 -17.04
C SER A 353 -87.38 38.12 -17.10
N GLU A 354 -86.13 38.31 -16.72
CA GLU A 354 -85.45 39.58 -16.89
C GLU A 354 -84.71 39.66 -18.21
N PHE A 355 -84.90 38.67 -19.09
CA PHE A 355 -84.25 38.63 -20.40
C PHE A 355 -82.73 38.65 -20.25
N SER A 356 -82.26 38.02 -19.18
CA SER A 356 -80.85 38.07 -18.83
C SER A 356 -80.33 36.70 -18.46
N SER A 357 -80.61 35.70 -19.29
CA SER A 357 -80.36 34.31 -18.96
C SER A 357 -79.22 33.71 -19.80
N GLU A 358 -78.16 34.47 -20.02
CA GLU A 358 -77.08 34.02 -20.88
C GLU A 358 -75.79 33.69 -20.13
N ASN A 359 -75.29 34.59 -19.28
CA ASN A 359 -74.01 34.38 -18.64
C ASN A 359 -74.04 33.17 -17.72
N LEU A 360 -75.14 33.03 -16.97
CA LEU A 360 -75.37 31.79 -16.23
C LEU A 360 -75.42 30.61 -17.19
N ARG A 361 -76.05 30.79 -18.35
CA ARG A 361 -76.07 29.73 -19.35
C ARG A 361 -74.66 29.35 -19.76
N PHE A 362 -73.81 30.36 -20.02
CA PHE A 362 -72.43 30.10 -20.36
C PHE A 362 -71.72 29.32 -19.26
N TRP A 363 -71.77 29.82 -18.03
CA TRP A 363 -70.99 29.23 -16.95
C TRP A 363 -71.44 27.80 -16.70
N LEU A 364 -72.75 27.55 -16.77
CA LEU A 364 -73.25 26.18 -16.75
C LEU A 364 -72.69 25.40 -17.92
N ALA A 365 -72.54 26.03 -19.06
CA ALA A 365 -71.96 25.35 -20.20
C ALA A 365 -70.52 24.94 -19.92
N VAL A 366 -69.73 25.85 -19.35
CA VAL A 366 -68.35 25.53 -19.04
C VAL A 366 -68.29 24.36 -18.07
N GLU A 367 -69.09 24.41 -17.01
CA GLU A 367 -69.06 23.35 -16.02
C GLU A 367 -69.53 22.02 -16.61
N ASP A 368 -70.59 22.02 -17.41
CA ASP A 368 -71.06 20.77 -17.98
C ASP A 368 -70.07 20.25 -19.00
N LEU A 369 -69.22 21.13 -19.54
CA LEU A 369 -68.14 20.67 -20.39
C LEU A 369 -67.03 20.02 -19.58
N LYS A 370 -66.76 20.54 -18.39
CA LYS A 370 -65.66 19.99 -17.60
C LYS A 370 -65.96 18.61 -17.01
N LYS A 371 -67.04 17.97 -17.42
CA LYS A 371 -67.45 16.70 -16.85
C LYS A 371 -67.23 15.52 -17.80
N ARG A 372 -67.19 15.75 -19.11
CA ARG A 372 -67.14 14.62 -20.03
C ARG A 372 -65.69 14.17 -20.23
N PRO A 373 -65.47 12.98 -20.77
CA PRO A 373 -64.10 12.49 -20.92
C PRO A 373 -63.39 13.16 -22.07
N ILE A 374 -62.18 12.69 -22.39
CA ILE A 374 -61.42 13.24 -23.50
C ILE A 374 -62.00 12.87 -24.85
N LYS A 375 -63.06 12.07 -24.89
CA LYS A 375 -63.68 11.70 -26.16
C LYS A 375 -64.51 12.83 -26.76
N GLU A 376 -64.99 13.76 -25.94
CA GLU A 376 -65.91 14.79 -26.39
C GLU A 376 -65.39 16.21 -26.24
N VAL A 377 -64.22 16.37 -25.64
CA VAL A 377 -63.64 17.70 -25.34
C VAL A 377 -63.54 18.51 -26.63
N PRO A 378 -62.94 17.97 -27.71
CA PRO A 378 -62.91 18.74 -28.96
C PRO A 378 -64.29 18.96 -29.55
N SER A 379 -65.14 17.93 -29.55
CA SER A 379 -66.49 18.04 -30.08
C SER A 379 -67.28 19.17 -29.45
N ARG A 380 -66.99 19.48 -28.19
CA ARG A 380 -67.69 20.58 -27.54
C ARG A 380 -66.97 21.90 -27.67
N VAL A 381 -65.63 21.92 -27.52
CA VAL A 381 -64.91 23.19 -27.51
C VAL A 381 -65.09 23.98 -28.80
N GLN A 382 -64.92 23.35 -29.95
CA GLN A 382 -65.17 24.06 -31.20
C GLN A 382 -66.62 24.49 -31.29
N GLU A 383 -67.53 23.59 -30.93
CA GLU A 383 -68.96 23.90 -30.99
C GLU A 383 -69.30 25.04 -30.04
N ILE A 384 -68.78 25.00 -28.81
CA ILE A 384 -69.11 26.04 -27.85
C ILE A 384 -68.52 27.37 -28.29
N TRP A 385 -67.34 27.33 -28.92
CA TRP A 385 -66.82 28.55 -29.54
C TRP A 385 -67.79 29.08 -30.57
N GLN A 386 -68.21 28.24 -31.51
CA GLN A 386 -69.09 28.67 -32.58
C GLN A 386 -70.45 29.14 -32.07
N GLU A 387 -70.83 28.72 -30.87
CA GLU A 387 -72.11 29.13 -30.32
C GLU A 387 -72.01 30.39 -29.47
N PHE A 388 -70.96 30.53 -28.68
CA PHE A 388 -70.80 31.66 -27.76
C PHE A 388 -69.57 32.50 -28.06
N LEU A 389 -68.41 31.86 -28.20
CA LEU A 389 -67.14 32.54 -28.31
C LEU A 389 -66.70 32.79 -29.75
N ALA A 390 -67.51 32.38 -30.71
CA ALA A 390 -67.29 32.78 -32.09
C ALA A 390 -68.02 34.08 -32.36
N PRO A 391 -67.36 35.14 -32.77
CA PRO A 391 -68.07 36.39 -33.04
C PRO A 391 -68.98 36.24 -34.25
N GLY A 392 -70.25 36.58 -34.05
CA GLY A 392 -71.29 36.37 -35.05
C GLY A 392 -72.33 35.36 -34.65
N ALA A 393 -72.17 34.70 -33.53
CA ALA A 393 -73.15 33.77 -32.99
C ALA A 393 -74.12 34.50 -32.06
N PRO A 394 -75.32 33.94 -31.84
CA PRO A 394 -76.31 34.64 -31.02
C PRO A 394 -75.86 34.83 -29.59
N SER A 395 -75.55 33.75 -28.89
CA SER A 395 -74.99 33.86 -27.56
C SER A 395 -73.64 34.57 -27.64
N ALA A 396 -73.61 35.81 -27.15
CA ALA A 396 -72.44 36.68 -27.33
C ALA A 396 -71.75 36.86 -25.98
N ILE A 397 -70.87 35.93 -25.65
CA ILE A 397 -69.96 36.14 -24.53
C ILE A 397 -69.01 37.25 -24.90
N ASN A 398 -68.58 38.03 -23.91
CA ASN A 398 -67.93 39.30 -24.17
C ASN A 398 -66.56 39.30 -23.48
N LEU A 399 -65.51 39.51 -24.26
CA LEU A 399 -64.14 39.35 -23.81
C LEU A 399 -63.37 40.64 -23.99
N ASP A 400 -62.29 40.78 -23.23
CA ASP A 400 -61.33 41.85 -23.50
C ASP A 400 -60.18 41.31 -24.35
N SER A 401 -59.13 42.13 -24.46
CA SER A 401 -58.02 41.81 -25.36
C SER A 401 -57.36 40.49 -24.99
N LYS A 402 -56.76 40.39 -23.80
CA LYS A 402 -56.05 39.19 -23.42
C LYS A 402 -56.96 37.99 -23.26
N SER A 403 -58.21 38.21 -22.84
CA SER A 403 -59.18 37.13 -22.76
C SER A 403 -59.42 36.50 -24.13
N TYR A 404 -59.83 37.33 -25.10
CA TYR A 404 -60.14 36.78 -26.41
C TYR A 404 -58.89 36.25 -27.10
N ASP A 405 -57.74 36.84 -26.79
CA ASP A 405 -56.48 36.32 -27.29
C ASP A 405 -56.24 34.91 -26.76
N LYS A 406 -56.37 34.72 -25.45
CA LYS A 406 -56.20 33.40 -24.87
C LYS A 406 -57.19 32.42 -25.47
N THR A 407 -58.44 32.84 -25.60
CA THR A 407 -59.45 31.97 -26.18
C THR A 407 -59.09 31.55 -27.59
N THR A 408 -58.70 32.51 -28.42
CA THR A 408 -58.36 32.19 -29.81
C THR A 408 -57.15 31.28 -29.88
N GLN A 409 -56.15 31.48 -29.02
CA GLN A 409 -54.99 30.60 -29.08
C GLN A 409 -55.34 29.20 -28.60
N ASN A 410 -56.12 29.07 -27.53
CA ASN A 410 -56.35 27.73 -26.99
C ASN A 410 -57.41 26.96 -27.75
N VAL A 411 -58.32 27.66 -28.44
CA VAL A 411 -59.48 27.00 -29.03
C VAL A 411 -59.08 25.96 -30.07
N LYS A 412 -57.89 26.10 -30.65
CA LYS A 412 -57.39 25.05 -31.53
C LYS A 412 -57.23 23.73 -30.78
N GLU A 413 -56.87 23.78 -29.50
CA GLU A 413 -56.54 22.59 -28.72
C GLU A 413 -57.54 22.48 -27.57
N PRO A 414 -58.45 21.52 -27.63
CA PRO A 414 -59.39 21.33 -26.52
C PRO A 414 -58.66 20.91 -25.26
N GLY A 415 -58.94 21.62 -24.18
CA GLY A 415 -58.16 21.43 -22.96
C GLY A 415 -59.04 21.39 -21.74
N ARG A 416 -58.54 20.68 -20.73
CA ARG A 416 -59.30 20.50 -19.51
C ARG A 416 -59.44 21.80 -18.73
N TYR A 417 -58.59 22.78 -19.02
CA TYR A 417 -58.67 24.10 -18.43
C TYR A 417 -58.78 25.16 -19.52
N THR A 418 -59.67 24.92 -20.48
CA THR A 418 -59.68 25.68 -21.72
C THR A 418 -59.99 27.15 -21.47
N PHE A 419 -61.10 27.43 -20.81
CA PHE A 419 -61.66 28.78 -20.77
C PHE A 419 -61.48 29.44 -19.41
N GLU A 420 -60.32 29.26 -18.79
CA GLU A 420 -60.13 29.67 -17.40
C GLU A 420 -60.33 31.18 -17.23
N ASP A 421 -59.59 31.98 -18.00
CA ASP A 421 -59.66 33.43 -17.81
C ASP A 421 -61.02 33.98 -18.21
N ALA A 422 -61.63 33.47 -19.28
CA ALA A 422 -62.96 33.90 -19.65
C ALA A 422 -63.98 33.56 -18.56
N GLN A 423 -63.86 32.36 -18.00
CA GLN A 423 -64.75 31.98 -16.91
C GLN A 423 -64.55 32.86 -15.70
N GLU A 424 -63.30 33.21 -15.39
CA GLU A 424 -63.02 34.15 -14.31
C GLU A 424 -63.71 35.49 -14.57
N HIS A 425 -63.52 36.01 -15.79
CA HIS A 425 -64.11 37.29 -16.16
C HIS A 425 -65.63 37.29 -15.98
N ILE A 426 -66.31 36.37 -16.66
CA ILE A 426 -67.75 36.33 -16.57
C ILE A 426 -68.20 35.97 -15.16
N TYR A 427 -67.41 35.21 -14.43
CA TYR A 427 -67.80 34.76 -13.10
C TYR A 427 -67.75 35.91 -12.11
N LYS A 428 -66.68 36.70 -12.16
CA LYS A 428 -66.65 37.90 -11.33
C LYS A 428 -67.75 38.85 -11.74
N LEU A 429 -68.06 38.92 -13.05
CA LEU A 429 -69.20 39.71 -13.51
C LEU A 429 -70.48 39.30 -12.80
N MET A 430 -70.83 38.01 -12.90
CA MET A 430 -72.06 37.53 -12.30
C MET A 430 -72.04 37.71 -10.79
N LYS A 431 -70.96 37.31 -10.12
CA LYS A 431 -70.87 37.43 -8.68
C LYS A 431 -70.99 38.88 -8.23
N SER A 432 -70.51 39.82 -9.04
CA SER A 432 -70.57 41.23 -8.70
C SER A 432 -71.93 41.83 -8.96
N ASP A 433 -72.69 41.30 -9.91
CA ASP A 433 -73.91 41.99 -10.28
C ASP A 433 -75.18 41.20 -10.00
N SER A 434 -75.24 39.97 -10.50
CA SER A 434 -76.53 39.26 -10.57
C SER A 434 -77.04 38.91 -9.18
N TYR A 435 -76.28 38.12 -8.44
CA TYR A 435 -76.62 37.68 -7.09
C TYR A 435 -77.11 38.80 -6.19
N PRO A 436 -76.47 39.98 -6.19
CA PRO A 436 -76.98 41.09 -5.37
C PRO A 436 -78.42 41.45 -5.68
N ARG A 437 -78.71 41.77 -6.94
CA ARG A 437 -80.08 42.12 -7.28
C ARG A 437 -81.03 40.93 -7.07
N PHE A 438 -80.54 39.71 -7.26
CA PHE A 438 -81.43 38.57 -7.01
C PHE A 438 -81.86 38.52 -5.55
N ILE A 439 -80.89 38.62 -4.63
CA ILE A 439 -81.25 38.62 -3.22
C ILE A 439 -82.12 39.84 -2.89
N ARG A 440 -81.89 40.94 -3.59
CA ARG A 440 -82.69 42.13 -3.40
C ARG A 440 -84.05 42.02 -4.07
N SER A 441 -84.28 40.95 -4.81
CA SER A 441 -85.45 40.85 -5.67
C SER A 441 -86.72 40.46 -4.91
N SER A 442 -87.83 40.92 -5.46
CA SER A 442 -89.15 40.63 -4.91
C SER A 442 -89.45 39.14 -4.86
N ALA A 443 -89.07 38.39 -5.88
CA ALA A 443 -89.28 36.95 -5.85
C ALA A 443 -88.55 36.33 -4.68
N TYR A 444 -87.30 36.74 -4.45
CA TYR A 444 -86.56 36.23 -3.31
C TYR A 444 -87.26 36.56 -2.00
N GLN A 445 -87.73 37.79 -1.86
CA GLN A 445 -88.34 38.18 -0.60
C GLN A 445 -89.65 37.43 -0.38
N GLU A 446 -90.47 37.32 -1.41
CA GLU A 446 -91.73 36.61 -1.32
C GLU A 446 -91.55 35.13 -1.09
N LEU A 447 -90.46 34.55 -1.58
CA LEU A 447 -90.25 33.13 -1.35
C LEU A 447 -89.65 32.88 0.02
N LEU A 448 -88.88 33.84 0.54
CA LEU A 448 -88.31 33.67 1.87
C LEU A 448 -89.33 33.94 2.96
N GLN A 449 -90.36 34.73 2.68
CA GLN A 449 -91.40 34.97 3.68
C GLN A 449 -92.11 33.66 4.02
N ALA A 450 -92.35 32.82 3.02
CA ALA A 450 -93.06 31.56 3.22
C ALA A 450 -93.08 30.74 1.94
N ASP B 77 -50.87 38.78 15.66
CA ASP B 77 -50.59 39.60 16.83
C ASP B 77 -51.30 38.99 18.03
N VAL B 78 -52.54 38.54 17.82
CA VAL B 78 -53.26 37.75 18.80
C VAL B 78 -53.51 36.37 18.21
N GLU B 79 -53.39 35.36 19.06
CA GLU B 79 -53.48 33.97 18.64
C GLU B 79 -54.92 33.61 18.30
N LEU B 80 -55.07 32.61 17.42
CA LEU B 80 -56.38 32.05 17.09
C LEU B 80 -57.24 31.84 18.33
N HIS B 81 -56.79 31.01 19.27
CA HIS B 81 -57.64 30.79 20.43
C HIS B 81 -57.57 31.95 21.41
N GLN B 82 -56.50 32.74 21.37
CA GLN B 82 -56.45 33.99 22.14
C GLN B 82 -57.56 34.96 21.76
N VAL B 83 -58.13 34.81 20.56
CA VAL B 83 -59.37 35.53 20.27
C VAL B 83 -60.57 34.59 20.37
N ALA B 84 -60.33 33.28 20.23
CA ALA B 84 -61.39 32.29 20.21
C ALA B 84 -62.08 32.12 21.55
N GLU B 85 -61.41 32.43 22.65
CA GLU B 85 -62.06 32.34 23.95
C GLU B 85 -63.32 33.18 24.02
N ARG B 86 -63.42 34.23 23.19
CA ARG B 86 -64.60 35.07 23.18
C ARG B 86 -65.88 34.32 22.86
N VAL B 87 -65.88 33.44 21.85
CA VAL B 87 -67.08 32.70 21.48
C VAL B 87 -67.52 31.85 22.66
N GLU B 88 -68.82 31.78 22.87
CA GLU B 88 -69.35 31.05 24.02
C GLU B 88 -69.05 29.56 23.90
N ALA B 89 -68.57 28.98 25.00
CA ALA B 89 -68.20 27.57 25.01
C ALA B 89 -69.42 26.69 24.77
N LEU B 90 -69.17 25.39 24.61
CA LEU B 90 -70.21 24.50 24.13
C LEU B 90 -70.55 23.44 25.17
N GLY B 91 -71.76 22.89 25.06
CA GLY B 91 -72.34 22.10 26.13
C GLY B 91 -72.22 20.60 25.92
N GLN B 92 -73.11 19.88 26.59
CA GLN B 92 -73.02 18.43 26.71
C GLN B 92 -73.45 17.73 25.43
N PHE B 93 -72.81 16.61 25.14
CA PHE B 93 -73.17 15.76 24.02
C PHE B 93 -73.61 14.41 24.55
N VAL B 94 -74.49 13.73 23.83
CA VAL B 94 -75.03 12.48 24.32
C VAL B 94 -74.94 11.43 23.22
N MET B 95 -74.03 11.64 22.28
CA MET B 95 -73.95 10.76 21.13
C MET B 95 -73.53 9.36 21.56
N LYS B 96 -74.22 8.36 21.03
CA LYS B 96 -73.80 6.98 21.16
C LYS B 96 -74.41 6.20 20.02
N THR B 97 -74.24 4.88 20.07
CA THR B 97 -74.54 4.02 18.93
C THR B 97 -75.97 4.18 18.46
N ARG B 98 -76.18 3.98 17.17
CA ARG B 98 -77.52 3.90 16.61
C ARG B 98 -77.68 2.80 15.59
N ARG B 99 -76.61 2.07 15.27
CA ARG B 99 -76.68 0.93 14.37
C ARG B 99 -75.47 0.04 14.62
N THR B 100 -75.39 -1.04 13.83
CA THR B 100 -74.25 -1.96 13.81
C THR B 100 -74.29 -2.73 12.50
N LEU B 101 -73.12 -3.08 11.98
CA LEU B 101 -73.01 -3.88 10.76
C LEU B 101 -72.26 -5.15 11.10
N LYS B 102 -72.81 -6.28 10.67
CA LYS B 102 -72.24 -7.59 10.98
C LYS B 102 -72.00 -8.47 9.76
N GLY B 103 -71.32 -7.95 8.73
CA GLY B 103 -71.16 -8.72 7.52
C GLY B 103 -69.74 -9.15 7.20
N HIS B 104 -68.76 -8.35 7.55
CA HIS B 104 -67.39 -8.69 7.23
C HIS B 104 -66.94 -9.96 7.94
N GLY B 105 -65.80 -10.49 7.50
CA GLY B 105 -65.10 -11.61 8.07
C GLY B 105 -63.64 -11.37 8.37
N ASN B 106 -63.22 -10.12 8.45
CA ASN B 106 -61.84 -9.71 8.67
C ASN B 106 -61.86 -8.34 9.32
N LYS B 107 -60.71 -7.68 9.34
CA LYS B 107 -60.67 -6.26 9.65
C LYS B 107 -61.38 -5.48 8.55
N VAL B 108 -61.71 -4.23 8.83
CA VAL B 108 -62.29 -3.38 7.79
C VAL B 108 -61.42 -2.15 7.64
N LEU B 109 -61.14 -1.76 6.41
CA LEU B 109 -60.11 -0.77 6.20
C LEU B 109 -60.42 0.30 5.16
N CYS B 110 -61.68 0.65 4.96
CA CYS B 110 -62.04 1.81 4.15
C CYS B 110 -63.54 1.98 4.20
N MET B 111 -64.02 3.22 4.11
CA MET B 111 -65.45 3.42 4.05
C MET B 111 -65.79 4.79 3.49
N ASP B 112 -66.93 4.89 2.82
CA ASP B 112 -67.32 6.17 2.24
C ASP B 112 -68.84 6.26 2.16
N TRP B 113 -69.34 7.48 2.30
CA TRP B 113 -70.75 7.74 2.07
C TRP B 113 -71.02 7.98 0.60
N CYS B 114 -72.28 7.88 0.24
CA CYS B 114 -72.81 8.30 -1.05
C CYS B 114 -73.21 9.76 -0.87
N LYS B 115 -73.55 10.38 -1.98
CA LYS B 115 -74.40 11.56 -1.89
C LYS B 115 -75.88 11.40 -1.61
N ASP B 116 -76.39 10.18 -1.60
CA ASP B 116 -77.78 9.97 -1.21
C ASP B 116 -77.94 9.99 0.30
N LYS B 117 -76.83 10.09 1.02
CA LYS B 117 -76.86 10.41 2.44
C LYS B 117 -77.36 9.27 3.30
N ARG B 118 -77.53 8.08 2.75
CA ARG B 118 -77.97 6.96 3.58
C ARG B 118 -77.26 5.64 3.34
N ARG B 119 -76.61 5.42 2.21
CA ARG B 119 -76.01 4.13 1.94
C ARG B 119 -74.67 4.00 2.64
N ILE B 120 -73.94 2.96 2.28
CA ILE B 120 -72.67 2.63 2.91
C ILE B 120 -71.76 1.94 1.91
N VAL B 121 -70.49 2.33 1.91
CA VAL B 121 -69.47 1.61 1.18
C VAL B 121 -68.28 1.42 2.12
N SER B 122 -67.70 0.23 2.06
CA SER B 122 -66.56 -0.13 2.88
C SER B 122 -65.96 -1.40 2.30
N SER B 123 -64.65 -1.41 2.15
CA SER B 123 -63.94 -2.58 1.67
C SER B 123 -63.08 -3.15 2.78
N SER B 124 -62.71 -4.41 2.61
CA SER B 124 -62.03 -5.17 3.64
C SER B 124 -60.62 -5.50 3.19
N GLN B 125 -59.93 -6.30 4.00
CA GLN B 125 -58.55 -6.68 3.69
C GLN B 125 -58.51 -8.10 3.13
N ASP B 126 -59.63 -8.79 3.15
CA ASP B 126 -59.73 -10.15 2.64
C ASP B 126 -60.39 -10.39 1.30
N GLY B 127 -60.34 -9.43 0.38
CA GLY B 127 -61.09 -9.48 -0.86
C GLY B 127 -62.58 -9.48 -1.07
N LYS B 128 -63.32 -8.63 -0.35
CA LYS B 128 -64.76 -8.70 -0.29
C LYS B 128 -65.02 -7.22 -0.08
N VAL B 129 -65.83 -6.62 -0.95
CA VAL B 129 -66.25 -5.22 -0.82
C VAL B 129 -67.72 -5.38 -0.51
N ILE B 130 -68.28 -4.43 0.21
CA ILE B 130 -69.66 -4.52 0.66
C ILE B 130 -70.39 -3.24 0.31
N VAL B 131 -71.71 -3.33 0.19
CA VAL B 131 -72.56 -2.17 0.04
C VAL B 131 -73.82 -2.40 0.86
N TRP B 132 -73.88 -1.76 2.03
CA TRP B 132 -74.95 -1.97 2.99
C TRP B 132 -76.10 -1.01 2.76
N ASP B 133 -77.00 -0.99 3.74
CA ASP B 133 -77.88 0.15 4.01
C ASP B 133 -78.04 0.19 5.52
N SER B 134 -77.20 1.00 6.17
CA SER B 134 -77.24 1.13 7.63
C SER B 134 -78.61 1.54 8.13
N PHE B 135 -79.34 2.32 7.34
CA PHE B 135 -80.72 2.62 7.68
C PHE B 135 -81.55 1.35 7.73
N THR B 136 -81.13 0.30 7.04
CA THR B 136 -81.89 -0.93 6.94
C THR B 136 -81.09 -2.18 7.30
N THR B 137 -79.76 -2.12 7.26
CA THR B 137 -78.91 -3.28 7.51
C THR B 137 -79.17 -4.42 6.54
N ASN B 138 -79.55 -4.11 5.31
CA ASN B 138 -79.90 -5.14 4.35
C ASN B 138 -79.04 -5.04 3.11
N LYS B 139 -78.25 -6.08 2.86
CA LYS B 139 -77.30 -6.06 1.76
C LYS B 139 -78.05 -5.98 0.45
N GLU B 140 -77.60 -5.07 -0.42
CA GLU B 140 -78.14 -4.95 -1.77
C GLU B 140 -77.08 -5.21 -2.84
N HIS B 141 -75.83 -5.38 -2.42
CA HIS B 141 -74.75 -5.73 -3.32
C HIS B 141 -73.86 -6.75 -2.65
N ALA B 142 -72.78 -7.08 -3.35
CA ALA B 142 -71.68 -7.87 -2.82
C ALA B 142 -70.65 -7.93 -3.94
N VAL B 143 -69.39 -8.09 -3.59
CA VAL B 143 -68.37 -8.18 -4.62
C VAL B 143 -67.06 -8.65 -4.01
N THR B 144 -66.25 -9.31 -4.82
CA THR B 144 -65.01 -9.93 -4.37
C THR B 144 -63.84 -9.39 -5.18
N MET B 145 -62.85 -8.88 -4.50
CA MET B 145 -61.72 -8.41 -5.27
C MET B 145 -60.68 -9.51 -5.40
N PRO B 146 -59.95 -9.58 -6.51
CA PRO B 146 -59.01 -10.69 -6.72
C PRO B 146 -57.88 -10.75 -5.72
N CYS B 147 -57.61 -9.67 -5.01
CA CYS B 147 -56.35 -9.46 -4.32
C CYS B 147 -56.60 -9.36 -2.82
N THR B 148 -55.56 -8.97 -2.10
CA THR B 148 -55.68 -8.75 -0.67
C THR B 148 -55.35 -7.30 -0.33
N TRP B 149 -55.64 -6.95 0.92
CA TRP B 149 -55.34 -5.63 1.45
C TRP B 149 -55.95 -4.52 0.61
N VAL B 150 -57.25 -4.65 0.36
CA VAL B 150 -57.93 -3.62 -0.42
C VAL B 150 -57.98 -2.38 0.44
N MET B 151 -57.12 -1.42 0.15
CA MET B 151 -56.83 -0.35 1.10
C MET B 151 -57.50 0.97 0.78
N ALA B 152 -58.42 1.01 -0.18
CA ALA B 152 -59.09 2.26 -0.50
C ALA B 152 -60.29 2.02 -1.38
N CYS B 153 -61.45 2.55 -0.96
CA CYS B 153 -62.63 2.51 -1.79
C CYS B 153 -63.18 3.92 -1.96
N ALA B 154 -64.05 4.09 -2.97
CA ALA B 154 -64.69 5.36 -3.23
C ALA B 154 -66.06 5.13 -3.86
N TYR B 155 -66.95 6.09 -3.67
CA TYR B 155 -68.33 6.00 -4.13
C TYR B 155 -68.57 7.05 -5.21
N ALA B 156 -69.36 6.68 -6.21
CA ALA B 156 -69.70 7.62 -7.25
C ALA B 156 -70.60 8.73 -6.72
N PRO B 157 -70.53 9.92 -7.29
CA PRO B 157 -71.49 10.96 -6.92
C PRO B 157 -72.91 10.54 -7.16
N SER B 158 -73.25 10.18 -8.39
CA SER B 158 -74.61 9.73 -8.64
C SER B 158 -74.85 8.37 -8.02
N GLY B 159 -73.81 7.56 -7.84
CA GLY B 159 -73.99 6.18 -7.50
C GLY B 159 -73.83 5.22 -8.66
N CYS B 160 -72.77 5.36 -9.45
CA CYS B 160 -72.55 4.51 -10.61
C CYS B 160 -71.35 3.59 -10.44
N ALA B 161 -70.32 3.98 -9.70
CA ALA B 161 -69.14 3.14 -9.65
C ALA B 161 -68.30 3.41 -8.41
N ILE B 162 -67.44 2.44 -8.09
CA ILE B 162 -66.59 2.43 -6.90
C ILE B 162 -65.21 1.94 -7.28
N ALA B 163 -64.18 2.60 -6.75
CA ALA B 163 -62.80 2.28 -7.09
C ALA B 163 -62.07 1.70 -5.88
N CYS B 164 -61.64 0.45 -6.03
CA CYS B 164 -61.03 -0.27 -4.92
C CYS B 164 -59.71 -0.86 -5.38
N GLY B 165 -58.66 -0.56 -4.62
CA GLY B 165 -57.36 -1.06 -5.01
C GLY B 165 -56.19 -0.55 -4.18
N GLY B 166 -55.10 -1.29 -4.26
CA GLY B 166 -53.95 -1.09 -3.42
C GLY B 166 -53.26 -2.43 -3.28
N LEU B 167 -51.94 -2.42 -3.36
CA LEU B 167 -51.13 -3.63 -3.23
C LEU B 167 -51.21 -4.51 -4.47
N ASP B 168 -52.12 -4.21 -5.39
CA ASP B 168 -52.08 -4.86 -6.68
C ASP B 168 -51.76 -3.86 -7.78
N ASN B 169 -51.54 -2.60 -7.41
CA ASN B 169 -51.02 -1.56 -8.28
C ASN B 169 -52.03 -1.09 -9.33
N LYS B 170 -53.22 -1.71 -9.36
CA LYS B 170 -54.22 -1.38 -10.35
C LYS B 170 -55.54 -1.13 -9.66
N CYS B 171 -56.17 -0.01 -10.00
CA CYS B 171 -57.41 0.43 -9.36
C CYS B 171 -58.58 0.15 -10.28
N SER B 172 -59.27 -0.96 -10.03
CA SER B 172 -60.45 -1.31 -10.80
C SER B 172 -61.62 -0.41 -10.39
N VAL B 173 -62.63 -0.36 -11.25
CA VAL B 173 -63.86 0.37 -10.99
C VAL B 173 -65.04 -0.44 -11.52
N TYR B 174 -66.07 -0.59 -10.71
CA TYR B 174 -67.22 -1.40 -11.09
C TYR B 174 -68.47 -0.55 -11.19
N PRO B 175 -69.33 -0.81 -12.16
CA PRO B 175 -70.58 -0.06 -12.29
C PRO B 175 -71.59 -0.45 -11.21
N LEU B 176 -71.74 0.45 -10.25
CA LEU B 176 -72.50 0.24 -9.02
C LEU B 176 -73.89 -0.33 -9.23
N THR B 177 -74.56 0.03 -10.31
CA THR B 177 -76.00 -0.16 -10.39
C THR B 177 -76.39 -1.63 -10.36
N PHE B 178 -77.69 -1.86 -10.29
CA PHE B 178 -78.31 -3.18 -10.45
C PHE B 178 -78.39 -3.56 -11.91
N ASP B 179 -77.25 -3.53 -12.61
CA ASP B 179 -77.25 -3.70 -14.05
C ASP B 179 -77.12 -5.17 -14.45
N LYS B 180 -76.11 -5.86 -13.92
CA LYS B 180 -75.88 -7.27 -14.19
C LYS B 180 -75.98 -8.03 -12.89
N ASN B 181 -77.00 -8.88 -12.76
CA ASN B 181 -77.25 -9.62 -11.53
C ASN B 181 -76.30 -10.79 -11.35
N GLU B 182 -75.28 -10.89 -12.21
CA GLU B 182 -74.29 -11.94 -12.18
C GLU B 182 -73.14 -11.65 -11.23
N ASN B 183 -72.68 -10.41 -11.16
CA ASN B 183 -71.50 -10.08 -10.38
C ASN B 183 -71.34 -8.57 -10.34
N MET B 184 -70.79 -8.09 -9.24
CA MET B 184 -70.33 -6.71 -9.14
C MET B 184 -68.86 -6.56 -9.48
N ALA B 185 -68.14 -7.67 -9.66
CA ALA B 185 -66.74 -7.63 -10.03
C ALA B 185 -66.48 -8.05 -11.48
N ALA B 186 -67.44 -8.74 -12.10
CA ALA B 186 -67.25 -9.29 -13.43
C ALA B 186 -66.99 -8.22 -14.48
N LYS B 187 -67.54 -7.02 -14.30
CA LYS B 187 -67.29 -5.91 -15.20
C LYS B 187 -66.04 -5.14 -14.83
N LYS B 188 -65.08 -5.81 -14.17
CA LYS B 188 -63.81 -5.19 -13.85
C LYS B 188 -63.16 -4.64 -15.11
N LYS B 189 -63.01 -3.32 -15.15
CA LYS B 189 -62.34 -2.65 -16.24
C LYS B 189 -61.20 -1.84 -15.63
N SER B 190 -59.97 -2.29 -15.85
CA SER B 190 -58.80 -1.59 -15.37
C SER B 190 -58.83 -0.16 -15.88
N VAL B 191 -58.58 0.79 -15.00
CA VAL B 191 -58.69 2.18 -15.41
C VAL B 191 -57.39 2.90 -15.09
N ALA B 192 -56.99 2.89 -13.84
CA ALA B 192 -55.66 3.33 -13.48
C ALA B 192 -54.83 2.10 -13.18
N MET B 193 -53.52 2.29 -13.13
CA MET B 193 -52.66 1.28 -12.54
C MET B 193 -51.29 1.91 -12.35
N HIS B 194 -50.81 1.92 -11.11
CA HIS B 194 -49.45 2.32 -10.82
C HIS B 194 -48.58 1.06 -10.78
N THR B 195 -47.38 1.22 -10.26
CA THR B 195 -46.51 0.08 -10.04
C THR B 195 -46.25 -0.18 -8.58
N ASN B 196 -47.25 -0.03 -7.72
CA ASN B 196 -47.07 -0.19 -6.29
C ASN B 196 -48.44 -0.15 -5.63
N TYR B 197 -48.48 -0.34 -4.32
CA TYR B 197 -49.74 -0.37 -3.60
C TYR B 197 -50.39 1.01 -3.60
N LEU B 198 -51.72 1.03 -3.61
CA LEU B 198 -52.49 2.22 -3.96
C LEU B 198 -53.26 2.71 -2.75
N SER B 199 -53.08 3.98 -2.38
CA SER B 199 -53.52 4.51 -1.08
C SER B 199 -54.98 4.97 -1.01
N ALA B 200 -55.53 5.68 -2.01
CA ALA B 200 -56.90 6.16 -1.91
C ALA B 200 -57.34 6.77 -3.23
N CYS B 201 -58.59 7.21 -3.28
CA CYS B 201 -59.17 7.73 -4.51
C CYS B 201 -60.52 8.36 -4.23
N SER B 202 -60.87 9.39 -5.02
CA SER B 202 -61.97 10.23 -4.57
C SER B 202 -62.88 10.83 -5.64
N PHE B 203 -62.86 10.41 -6.90
CA PHE B 203 -63.86 10.97 -7.82
C PHE B 203 -63.79 12.31 -8.54
N THR B 204 -62.96 13.24 -8.07
CA THR B 204 -62.90 14.67 -8.47
C THR B 204 -64.40 14.98 -8.37
N ASN B 205 -64.98 15.57 -9.42
CA ASN B 205 -66.38 15.96 -9.38
C ASN B 205 -67.34 15.06 -10.16
N SER B 206 -66.90 14.54 -11.30
CA SER B 206 -67.78 13.74 -12.14
C SER B 206 -68.12 12.37 -12.68
N ASP B 207 -67.83 11.30 -11.95
CA ASP B 207 -68.11 9.90 -12.33
C ASP B 207 -67.25 9.43 -13.46
N MET B 208 -66.30 10.27 -13.87
CA MET B 208 -65.45 10.00 -15.02
C MET B 208 -63.97 10.07 -14.74
N GLN B 209 -63.54 10.65 -13.63
CA GLN B 209 -62.13 10.95 -13.41
C GLN B 209 -61.78 10.71 -11.95
N ILE B 210 -60.88 9.77 -11.67
CA ILE B 210 -60.59 9.43 -10.29
C ILE B 210 -59.13 9.70 -9.99
N LEU B 211 -58.85 10.14 -8.79
CA LEU B 211 -57.48 10.30 -8.35
C LEU B 211 -57.00 8.94 -7.84
N THR B 212 -55.69 8.83 -7.62
CA THR B 212 -55.05 7.69 -6.96
C THR B 212 -53.66 8.08 -6.48
N ALA B 213 -53.19 7.35 -5.46
CA ALA B 213 -51.89 7.55 -4.85
C ALA B 213 -51.28 6.22 -4.45
N SER B 214 -49.99 6.05 -4.76
CA SER B 214 -49.28 4.83 -4.43
C SER B 214 -48.01 5.16 -3.67
N GLY B 215 -47.18 4.13 -3.46
CA GLY B 215 -45.89 4.35 -2.85
C GLY B 215 -44.89 5.04 -3.76
N ASP B 216 -45.25 5.29 -5.01
CA ASP B 216 -44.42 5.98 -5.97
C ASP B 216 -44.07 7.40 -5.54
N GLY B 217 -44.88 8.02 -4.70
CA GLY B 217 -44.73 9.43 -4.42
C GLY B 217 -45.24 10.34 -5.51
N THR B 218 -46.20 9.88 -6.31
CA THR B 218 -46.67 10.61 -7.49
C THR B 218 -48.10 10.23 -7.83
N CYS B 219 -48.95 11.24 -7.97
CA CYS B 219 -50.35 10.99 -8.25
C CYS B 219 -50.72 11.51 -9.63
N ALA B 220 -51.96 11.26 -10.02
CA ALA B 220 -52.40 11.63 -11.35
C ALA B 220 -53.90 11.43 -11.45
N LEU B 221 -54.49 11.92 -12.53
CA LEU B 221 -55.90 11.70 -12.83
C LEU B 221 -56.03 10.69 -13.95
N TRP B 222 -56.88 9.69 -13.74
CA TRP B 222 -57.04 8.57 -14.64
C TRP B 222 -58.50 8.53 -15.10
N ASP B 223 -58.72 8.51 -16.40
CA ASP B 223 -60.07 8.53 -16.94
C ASP B 223 -60.79 7.25 -16.57
N VAL B 224 -62.09 7.17 -16.91
CA VAL B 224 -62.89 6.00 -16.51
C VAL B 224 -62.73 4.86 -17.51
N GLU B 225 -63.15 5.05 -18.76
CA GLU B 225 -63.16 3.92 -19.67
C GLU B 225 -61.79 3.67 -20.26
N SER B 226 -60.97 4.71 -20.38
CA SER B 226 -59.79 4.65 -21.21
C SER B 226 -58.55 4.12 -20.53
N GLY B 227 -58.31 4.48 -19.28
CA GLY B 227 -56.97 4.28 -18.76
C GLY B 227 -56.01 5.32 -19.26
N GLN B 228 -56.54 6.37 -19.85
CA GLN B 228 -55.71 7.42 -20.42
C GLN B 228 -55.32 8.43 -19.36
N LEU B 229 -54.06 8.41 -18.97
CA LEU B 229 -53.55 9.31 -17.95
C LEU B 229 -53.69 10.75 -18.42
N LEU B 230 -53.92 11.67 -17.50
CA LEU B 230 -54.27 13.03 -17.90
C LEU B 230 -53.29 14.09 -17.41
N GLN B 231 -52.49 13.79 -16.39
CA GLN B 231 -51.50 14.73 -15.89
C GLN B 231 -50.77 14.03 -14.78
N SER B 232 -49.59 14.53 -14.41
CA SER B 232 -48.80 13.88 -13.38
C SER B 232 -48.22 14.87 -12.38
N PHE B 233 -47.91 14.35 -11.20
CA PHE B 233 -47.32 15.14 -10.11
C PHE B 233 -46.18 14.29 -9.56
N HIS B 234 -44.96 14.82 -9.65
CA HIS B 234 -43.79 14.11 -9.15
C HIS B 234 -42.98 14.96 -8.19
N GLY B 235 -43.64 15.74 -7.34
CA GLY B 235 -42.93 16.57 -6.40
C GLY B 235 -42.43 15.83 -5.17
N HIS B 236 -42.73 14.54 -5.05
CA HIS B 236 -42.46 13.83 -3.80
C HIS B 236 -41.27 12.90 -3.90
N GLY B 237 -41.01 12.20 -2.79
CA GLY B 237 -39.97 11.20 -2.68
C GLY B 237 -40.23 10.09 -1.69
N ALA B 238 -41.49 9.82 -1.35
CA ALA B 238 -41.80 8.83 -0.33
C ALA B 238 -43.16 8.22 -0.66
N ASP B 239 -43.78 7.57 0.33
CA ASP B 239 -45.14 7.08 0.16
C ASP B 239 -46.16 8.13 0.59
N VAL B 240 -46.89 8.66 -0.36
CA VAL B 240 -47.99 9.56 -0.07
C VAL B 240 -49.16 8.71 0.40
N LEU B 241 -49.97 9.25 1.31
CA LEU B 241 -51.12 8.51 1.80
C LEU B 241 -52.41 9.31 1.82
N CYS B 242 -52.41 10.56 1.39
CA CYS B 242 -53.57 11.41 1.59
C CYS B 242 -54.03 12.00 0.28
N LEU B 243 -55.34 12.20 0.18
CA LEU B 243 -55.94 12.80 -1.00
C LEU B 243 -57.38 13.18 -0.68
N ASP B 244 -57.69 14.46 -0.92
CA ASP B 244 -59.08 14.92 -0.79
C ASP B 244 -59.32 16.08 -1.72
N LEU B 245 -60.49 16.05 -2.35
CA LEU B 245 -60.97 17.16 -3.14
C LEU B 245 -61.00 18.42 -2.30
N ALA B 246 -61.05 19.56 -2.98
CA ALA B 246 -61.45 20.78 -2.32
C ALA B 246 -62.96 20.85 -2.25
N PRO B 247 -63.52 21.55 -1.28
CA PRO B 247 -64.98 21.70 -1.28
C PRO B 247 -65.43 22.62 -2.39
N SER B 248 -64.63 23.65 -2.66
CA SER B 248 -65.00 24.66 -3.64
C SER B 248 -65.04 24.05 -5.03
N GLU B 249 -65.97 24.54 -5.83
CA GLU B 249 -65.90 24.26 -7.26
C GLU B 249 -65.24 25.40 -8.01
N THR B 250 -64.29 26.08 -7.37
CA THR B 250 -63.58 27.21 -7.95
C THR B 250 -62.31 26.80 -8.71
N GLY B 251 -61.34 26.20 -8.04
CA GLY B 251 -60.19 25.64 -8.69
C GLY B 251 -59.97 24.21 -8.20
N ASN B 252 -60.15 23.26 -9.11
CA ASN B 252 -60.22 21.86 -8.70
C ASN B 252 -58.80 21.49 -8.29
N THR B 253 -58.50 21.68 -7.01
CA THR B 253 -57.18 21.47 -6.49
C THR B 253 -57.29 20.26 -5.56
N PHE B 254 -56.15 19.84 -5.00
CA PHE B 254 -56.16 18.80 -3.99
C PHE B 254 -54.81 18.73 -3.30
N VAL B 255 -54.76 17.90 -2.25
CA VAL B 255 -53.82 18.04 -1.16
C VAL B 255 -53.03 16.75 -0.97
N SER B 256 -51.76 16.90 -0.58
CA SER B 256 -50.87 15.76 -0.45
C SER B 256 -49.92 15.95 0.71
N GLY B 257 -49.73 14.86 1.46
CA GLY B 257 -48.74 14.81 2.51
C GLY B 257 -48.46 13.36 2.86
N GLY B 258 -47.18 13.05 2.99
CA GLY B 258 -46.79 11.66 3.13
C GLY B 258 -45.60 11.43 4.04
N CYS B 259 -44.96 10.26 3.90
CA CYS B 259 -43.85 9.83 4.73
C CYS B 259 -42.78 10.89 4.92
N ASP B 260 -42.65 11.82 4.00
CA ASP B 260 -41.64 12.85 4.07
C ASP B 260 -41.86 13.85 5.20
N LYS B 261 -42.90 13.68 6.03
CA LYS B 261 -43.13 14.54 7.18
C LYS B 261 -43.78 15.84 6.72
N LYS B 262 -44.08 15.96 5.44
CA LYS B 262 -44.55 17.21 4.89
C LYS B 262 -45.97 17.05 4.37
N ALA B 263 -46.53 18.15 3.90
CA ALA B 263 -47.73 18.13 3.09
C ALA B 263 -47.54 19.10 1.94
N MET B 264 -48.03 18.72 0.76
CA MET B 264 -47.93 19.57 -0.40
C MET B 264 -49.23 19.49 -1.17
N VAL B 265 -49.61 20.58 -1.81
CA VAL B 265 -50.90 20.69 -2.47
C VAL B 265 -50.67 20.94 -3.95
N TRP B 266 -51.31 20.12 -4.78
CA TRP B 266 -51.19 20.26 -6.22
C TRP B 266 -52.27 21.21 -6.71
N ASP B 267 -51.99 21.88 -7.81
CA ASP B 267 -53.00 22.62 -8.55
C ASP B 267 -53.20 21.87 -9.85
N MET B 268 -54.35 21.21 -9.98
CA MET B 268 -54.52 20.27 -11.08
C MET B 268 -54.53 20.96 -12.43
N ARG B 269 -54.76 22.28 -12.47
CA ARG B 269 -54.69 22.99 -13.75
C ARG B 269 -53.30 22.86 -14.37
N SER B 270 -52.25 22.84 -13.57
CA SER B 270 -50.92 22.62 -14.11
C SER B 270 -50.35 21.26 -13.74
N GLY B 271 -50.30 20.94 -12.46
CA GLY B 271 -49.44 19.91 -11.95
C GLY B 271 -48.23 20.43 -11.22
N GLN B 272 -48.25 21.70 -10.79
CA GLN B 272 -47.13 22.32 -10.13
C GLN B 272 -47.37 22.46 -8.63
N CYS B 273 -46.39 22.03 -7.85
CA CYS B 273 -46.50 22.00 -6.41
C CYS B 273 -46.40 23.42 -5.87
N VAL B 274 -47.53 24.12 -5.85
CA VAL B 274 -47.51 25.54 -5.52
C VAL B 274 -47.36 25.82 -4.03
N GLN B 275 -47.65 24.85 -3.18
CA GLN B 275 -47.55 25.10 -1.76
C GLN B 275 -47.31 23.79 -1.02
N ALA B 276 -46.47 23.85 0.01
CA ALA B 276 -46.12 22.69 0.81
C ALA B 276 -46.23 23.06 2.28
N PHE B 277 -46.20 22.02 3.14
CA PHE B 277 -46.26 22.20 4.58
C PHE B 277 -45.58 21.04 5.28
N GLU B 278 -44.94 21.32 6.40
CA GLU B 278 -44.25 20.28 7.18
C GLU B 278 -44.02 20.76 8.62
N THR B 279 -44.67 20.10 9.56
CA THR B 279 -44.30 20.20 10.97
C THR B 279 -44.35 18.87 11.71
N HIS B 280 -44.94 17.83 11.14
CA HIS B 280 -45.25 16.63 11.91
C HIS B 280 -43.97 15.89 12.31
N GLU B 281 -44.15 14.80 13.03
CA GLU B 281 -43.00 14.11 13.59
C GLU B 281 -42.79 12.74 13.00
N SER B 282 -43.73 12.26 12.19
CA SER B 282 -43.57 10.98 11.54
C SER B 282 -44.39 11.01 10.26
N ASP B 283 -44.60 9.83 9.69
CA ASP B 283 -45.52 9.69 8.59
C ASP B 283 -46.89 10.24 8.93
N ILE B 284 -47.66 10.55 7.90
CA ILE B 284 -48.93 11.26 8.04
C ILE B 284 -50.01 10.39 7.41
N ASN B 285 -51.15 10.24 8.06
CA ASN B 285 -52.03 9.17 7.63
C ASN B 285 -53.40 9.61 7.12
N SER B 286 -53.78 10.87 7.25
CA SER B 286 -54.80 11.44 6.37
C SER B 286 -54.98 12.92 6.67
N VAL B 287 -55.68 13.61 5.77
CA VAL B 287 -55.91 15.03 5.89
C VAL B 287 -57.27 15.37 5.28
N ARG B 288 -57.82 16.52 5.66
CA ARG B 288 -59.10 16.93 5.09
C ARG B 288 -59.19 18.44 5.10
N TYR B 289 -59.93 18.98 4.15
CA TYR B 289 -60.09 20.43 4.04
C TYR B 289 -61.04 20.99 5.08
N TYR B 290 -60.71 22.18 5.57
CA TYR B 290 -61.69 22.95 6.34
C TYR B 290 -62.88 23.24 5.43
N PRO B 291 -64.09 22.85 5.80
CA PRO B 291 -65.15 22.73 4.80
C PRO B 291 -65.69 24.06 4.31
N SER B 292 -65.05 25.17 4.63
CA SER B 292 -65.30 26.41 3.91
C SER B 292 -64.38 26.59 2.72
N GLY B 293 -63.51 25.63 2.45
CA GLY B 293 -62.57 25.75 1.38
C GLY B 293 -61.42 26.70 1.63
N ASP B 294 -60.98 26.82 2.88
CA ASP B 294 -60.00 27.85 3.24
C ASP B 294 -58.82 27.31 4.02
N ALA B 295 -58.88 26.08 4.54
CA ALA B 295 -57.77 25.54 5.31
C ALA B 295 -57.96 24.03 5.50
N PHE B 296 -56.99 23.42 6.19
CA PHE B 296 -57.07 21.99 6.45
C PHE B 296 -56.13 21.60 7.58
N ALA B 297 -56.64 20.79 8.49
CA ALA B 297 -55.91 20.25 9.62
C ALA B 297 -55.61 18.78 9.35
N SER B 298 -54.99 18.13 10.33
CA SER B 298 -54.75 16.70 10.24
C SER B 298 -54.10 16.16 11.50
N GLY B 299 -53.96 14.84 11.52
CA GLY B 299 -53.24 14.14 12.57
C GLY B 299 -52.50 12.94 12.02
N SER B 300 -51.46 12.51 12.73
CA SER B 300 -50.62 11.39 12.30
C SER B 300 -50.28 10.53 13.50
N ASP B 301 -49.29 9.65 13.31
CA ASP B 301 -48.84 8.78 14.39
C ASP B 301 -47.91 9.48 15.37
N ASP B 302 -47.81 10.79 15.30
CA ASP B 302 -47.29 11.58 16.40
C ASP B 302 -48.31 11.74 17.49
N ALA B 303 -49.58 11.47 17.17
CA ALA B 303 -50.72 11.75 18.04
C ALA B 303 -50.96 13.25 18.21
N THR B 304 -50.23 14.07 17.46
CA THR B 304 -50.27 15.52 17.61
C THR B 304 -50.89 16.15 16.38
N CYS B 305 -52.22 16.30 16.42
CA CYS B 305 -52.98 16.83 15.29
C CYS B 305 -52.78 18.33 15.20
N ARG B 306 -52.81 18.85 14.00
CA ARG B 306 -52.58 20.27 13.75
C ARG B 306 -53.51 20.74 12.65
N LEU B 307 -53.73 22.04 12.59
CA LEU B 307 -54.60 22.66 11.61
C LEU B 307 -53.84 23.79 10.92
N TYR B 308 -53.95 23.87 9.59
CA TYR B 308 -53.13 24.76 8.79
C TYR B 308 -53.97 25.64 7.87
N ASP B 309 -53.58 26.91 7.77
CA ASP B 309 -54.29 27.89 6.97
C ASP B 309 -53.73 27.88 5.55
N LEU B 310 -54.49 28.43 4.61
CA LEU B 310 -53.95 28.67 3.28
C LEU B 310 -53.58 30.14 3.08
N ARG B 311 -54.29 31.06 3.73
CA ARG B 311 -54.10 32.47 3.45
C ARG B 311 -52.94 33.07 4.24
N ALA B 312 -52.80 32.70 5.52
CA ALA B 312 -51.65 33.15 6.27
C ALA B 312 -50.42 32.29 6.02
N ASP B 313 -50.61 31.05 5.58
CA ASP B 313 -49.52 30.08 5.47
C ASP B 313 -48.85 29.88 6.82
N ARG B 314 -49.62 29.37 7.77
CA ARG B 314 -49.04 29.16 9.09
C ARG B 314 -49.89 28.18 9.88
N GLU B 315 -49.21 27.43 10.73
CA GLU B 315 -49.90 26.62 11.73
C GLU B 315 -50.83 27.50 12.54
N VAL B 316 -51.97 26.95 12.93
CA VAL B 316 -52.98 27.75 13.60
C VAL B 316 -53.12 27.42 15.08
N ALA B 317 -52.98 26.16 15.44
CA ALA B 317 -53.06 25.77 16.84
C ALA B 317 -52.73 24.29 16.93
N ILE B 318 -52.09 23.91 18.02
CA ILE B 318 -51.69 22.53 18.24
C ILE B 318 -52.92 21.75 18.68
N TYR B 319 -53.02 20.52 18.23
CA TYR B 319 -54.04 19.61 18.73
C TYR B 319 -53.35 18.35 19.23
N SER B 320 -53.20 18.26 20.54
CA SER B 320 -52.57 17.12 21.18
C SER B 320 -53.08 17.07 22.60
N LYS B 321 -52.84 15.94 23.26
CA LYS B 321 -53.05 15.75 24.69
C LYS B 321 -52.23 14.56 25.15
N GLU B 322 -51.48 14.79 26.23
CA GLU B 322 -50.53 13.80 26.73
C GLU B 322 -51.20 12.48 27.04
N SER B 323 -52.46 12.51 27.44
CA SER B 323 -53.18 11.29 27.76
C SER B 323 -53.23 10.32 26.59
N ILE B 324 -53.90 10.68 25.51
CA ILE B 324 -53.84 9.94 24.26
C ILE B 324 -52.38 9.94 23.86
N ILE B 325 -51.88 8.77 23.47
CA ILE B 325 -50.50 8.65 23.03
C ILE B 325 -50.40 7.95 21.68
N PHE B 326 -51.40 7.19 21.31
CA PHE B 326 -51.32 6.27 20.20
C PHE B 326 -51.39 7.06 18.90
N GLY B 327 -51.48 6.34 17.79
CA GLY B 327 -51.46 7.01 16.50
C GLY B 327 -52.83 7.55 16.11
N ALA B 328 -52.80 8.55 15.22
CA ALA B 328 -54.00 9.20 14.73
C ALA B 328 -54.31 8.73 13.32
N SER B 329 -55.41 8.01 13.17
CA SER B 329 -55.67 7.31 11.92
C SER B 329 -56.94 7.75 11.20
N SER B 330 -57.40 8.99 11.40
CA SER B 330 -58.32 9.63 10.45
C SER B 330 -58.71 11.00 10.97
N VAL B 331 -59.23 11.84 10.09
CA VAL B 331 -59.92 13.05 10.52
C VAL B 331 -60.99 13.42 9.51
N ASP B 332 -61.99 14.18 9.98
CA ASP B 332 -63.13 14.63 9.20
C ASP B 332 -63.91 15.61 10.05
N PHE B 333 -64.49 16.58 9.37
CA PHE B 333 -65.16 17.67 10.06
C PHE B 333 -66.67 17.45 10.10
N SER B 334 -67.33 18.26 10.91
CA SER B 334 -68.78 18.27 10.98
C SER B 334 -69.31 19.46 10.22
N LEU B 335 -70.50 19.28 9.61
CA LEU B 335 -71.00 20.19 8.57
C LEU B 335 -70.99 21.64 9.03
N SER B 336 -71.18 21.86 10.32
CA SER B 336 -70.93 23.17 10.87
C SER B 336 -69.52 23.65 10.63
N GLY B 337 -68.58 22.76 10.51
CA GLY B 337 -67.23 23.19 10.69
C GLY B 337 -66.94 23.62 12.11
N ARG B 338 -67.66 23.09 13.09
CA ARG B 338 -67.37 23.41 14.47
C ARG B 338 -66.47 22.37 15.13
N LEU B 339 -66.89 21.11 15.11
CA LEU B 339 -66.23 20.07 15.87
C LEU B 339 -64.94 19.69 15.19
N LEU B 340 -64.32 18.63 15.67
CA LEU B 340 -63.28 17.92 14.94
C LEU B 340 -63.46 16.45 15.25
N PHE B 341 -63.27 15.60 14.27
CA PHE B 341 -63.29 14.18 14.51
C PHE B 341 -61.93 13.60 14.24
N ALA B 342 -61.62 12.48 14.90
CA ALA B 342 -60.42 11.72 14.61
C ALA B 342 -60.51 10.37 15.30
N GLY B 343 -60.41 9.29 14.53
CA GLY B 343 -60.21 7.97 15.10
C GLY B 343 -58.75 7.84 15.50
N TYR B 344 -58.49 7.07 16.54
CA TYR B 344 -57.14 7.02 17.09
C TYR B 344 -56.68 5.58 17.12
N ASN B 345 -55.51 5.36 17.73
CA ASN B 345 -54.99 4.02 17.89
C ASN B 345 -55.23 3.44 19.28
N ASP B 346 -55.58 4.27 20.27
CA ASP B 346 -55.95 3.75 21.59
C ASP B 346 -57.43 3.38 21.68
N TYR B 347 -58.05 3.15 20.53
CA TYR B 347 -59.34 2.48 20.40
C TYR B 347 -60.52 3.39 20.65
N THR B 348 -60.30 4.62 21.06
CA THR B 348 -61.41 5.50 21.35
C THR B 348 -61.61 6.26 20.05
N ILE B 349 -62.65 7.08 20.05
CA ILE B 349 -62.71 8.28 19.22
C ILE B 349 -62.57 9.56 20.04
N ASN B 350 -62.33 10.68 19.39
CA ASN B 350 -62.00 11.89 20.13
C ASN B 350 -62.51 13.13 19.42
N VAL B 351 -63.63 13.65 19.86
CA VAL B 351 -64.17 14.88 19.31
C VAL B 351 -63.57 16.04 20.07
N TRP B 352 -63.05 17.02 19.33
CA TRP B 352 -62.38 18.16 19.91
C TRP B 352 -63.06 19.43 19.42
N ASP B 353 -63.07 20.45 20.28
CA ASP B 353 -63.56 21.75 19.84
C ASP B 353 -62.52 22.37 18.93
N VAL B 354 -62.98 22.99 17.85
CA VAL B 354 -62.03 23.56 16.90
C VAL B 354 -61.49 24.91 17.40
N LEU B 355 -62.17 25.53 18.37
CA LEU B 355 -61.74 26.84 18.80
C LEU B 355 -61.08 26.80 20.18
N LYS B 356 -61.78 26.27 21.17
CA LYS B 356 -61.31 26.35 22.55
C LYS B 356 -60.31 25.26 22.89
N GLY B 357 -60.16 24.26 22.04
CA GLY B 357 -59.09 23.30 22.18
C GLY B 357 -59.31 22.26 23.26
N SER B 358 -60.48 22.20 23.87
CA SER B 358 -60.72 21.16 24.84
C SER B 358 -61.31 19.93 24.16
N ARG B 359 -61.16 18.79 24.83
CA ARG B 359 -61.88 17.59 24.42
C ARG B 359 -63.35 17.77 24.79
N VAL B 360 -64.23 16.98 24.20
CA VAL B 360 -65.64 17.04 24.55
C VAL B 360 -66.23 15.68 24.85
N SER B 361 -65.57 14.60 24.46
CA SER B 361 -66.05 13.28 24.78
C SER B 361 -65.01 12.27 24.37
N ILE B 362 -65.18 11.04 24.82
CA ILE B 362 -64.44 9.91 24.31
C ILE B 362 -65.38 8.73 24.41
N LEU B 363 -65.72 8.14 23.28
CA LEU B 363 -66.94 7.37 23.15
C LEU B 363 -66.59 5.92 22.86
N PHE B 364 -66.33 5.15 23.91
CA PHE B 364 -65.53 3.93 23.83
C PHE B 364 -66.38 2.82 23.22
N GLY B 365 -66.16 2.55 21.94
CA GLY B 365 -66.94 1.51 21.31
C GLY B 365 -66.18 0.36 20.68
N HIS B 366 -64.90 0.58 20.34
CA HIS B 366 -64.20 -0.33 19.44
C HIS B 366 -63.16 -1.17 20.16
N GLU B 367 -63.33 -2.48 20.11
CA GLU B 367 -62.47 -3.43 20.80
C GLU B 367 -61.05 -3.46 20.24
N ASN B 368 -60.77 -2.68 19.21
CA ASN B 368 -59.52 -2.76 18.48
C ASN B 368 -59.27 -1.37 17.91
N ARG B 369 -58.38 -1.25 16.93
CA ARG B 369 -57.95 0.09 16.57
C ARG B 369 -58.83 0.70 15.48
N VAL B 370 -58.83 2.02 15.44
CA VAL B 370 -59.65 2.80 14.52
C VAL B 370 -58.93 2.85 13.18
N SER B 371 -59.42 2.29 12.11
CA SER B 371 -58.86 2.39 10.75
C SER B 371 -59.06 3.72 9.98
N THR B 372 -60.30 4.22 9.78
CA THR B 372 -60.54 5.49 9.09
C THR B 372 -61.99 5.90 9.31
N LEU B 373 -62.27 7.19 9.12
CA LEU B 373 -63.51 7.73 9.67
C LEU B 373 -64.05 8.82 8.76
N ARG B 374 -65.37 8.96 8.69
CA ARG B 374 -65.99 9.92 7.78
C ARG B 374 -67.27 10.48 8.38
N VAL B 375 -67.69 11.63 7.86
CA VAL B 375 -68.94 12.29 8.23
C VAL B 375 -69.91 12.17 7.09
N SER B 376 -71.17 11.92 7.38
CA SER B 376 -72.07 11.87 6.25
C SER B 376 -72.30 13.28 5.72
N PRO B 377 -72.48 13.45 4.42
CA PRO B 377 -72.39 14.79 3.84
C PRO B 377 -73.56 15.65 4.18
N ASP B 378 -74.74 15.06 4.30
CA ASP B 378 -75.90 15.72 4.85
C ASP B 378 -75.60 16.43 6.16
N GLY B 379 -74.71 15.88 6.97
CA GLY B 379 -74.39 16.45 8.25
C GLY B 379 -75.19 15.90 9.41
N THR B 380 -75.39 14.59 9.48
CA THR B 380 -76.28 14.09 10.50
C THR B 380 -75.63 13.04 11.39
N ALA B 381 -74.46 12.54 11.04
CA ALA B 381 -73.84 11.49 11.83
C ALA B 381 -72.46 11.20 11.27
N PHE B 382 -71.86 10.13 11.77
CA PHE B 382 -70.55 9.70 11.31
C PHE B 382 -70.32 8.25 11.68
N CYS B 383 -69.52 7.58 10.87
CA CYS B 383 -69.16 6.19 11.06
C CYS B 383 -67.68 6.08 11.37
N SER B 384 -67.22 4.88 11.70
CA SER B 384 -65.83 4.64 12.04
C SER B 384 -65.32 3.46 11.25
N GLY B 385 -64.05 3.49 10.89
CA GLY B 385 -63.36 2.29 10.46
C GLY B 385 -62.45 1.76 11.55
N SER B 386 -62.48 0.46 11.78
CA SER B 386 -61.87 -0.07 12.99
C SER B 386 -61.38 -1.48 12.77
N TRP B 387 -60.51 -1.91 13.68
CA TRP B 387 -59.91 -3.23 13.63
C TRP B 387 -60.70 -4.27 14.41
N ASP B 388 -62.01 -4.16 14.48
CA ASP B 388 -62.79 -5.10 15.29
C ASP B 388 -63.63 -6.06 14.47
N HIS B 389 -63.48 -6.06 13.15
CA HIS B 389 -64.25 -6.80 12.16
C HIS B 389 -65.72 -6.43 12.12
N THR B 390 -66.10 -5.16 12.30
CA THR B 390 -67.46 -4.73 12.04
C THR B 390 -67.45 -3.20 12.09
N LEU B 391 -68.55 -2.62 11.65
CA LEU B 391 -68.72 -1.18 11.66
C LEU B 391 -69.88 -0.78 12.56
N ARG B 392 -69.86 0.46 13.01
CA ARG B 392 -70.98 1.06 13.72
C ARG B 392 -71.31 2.38 13.07
N VAL B 393 -72.49 2.92 13.36
CA VAL B 393 -72.94 4.20 12.82
C VAL B 393 -73.16 5.17 13.97
N TRP B 394 -72.13 5.94 14.29
CA TRP B 394 -72.10 6.67 15.55
C TRP B 394 -72.87 7.96 15.40
N ALA B 395 -73.96 8.09 16.15
CA ALA B 395 -74.73 9.31 16.15
C ALA B 395 -74.49 10.08 17.42
N LEU C 70 68.50 -13.07 -60.66
CA LEU C 70 69.49 -12.00 -60.53
C LEU C 70 70.56 -12.15 -61.60
N ALA C 71 70.12 -12.27 -62.85
CA ALA C 71 71.04 -12.38 -63.97
C ALA C 71 71.93 -11.16 -64.07
N GLN C 72 71.42 -9.99 -63.68
CA GLN C 72 72.17 -8.75 -63.79
C GLN C 72 73.42 -8.78 -62.91
N LYS C 73 73.24 -8.94 -61.61
CA LYS C 73 74.40 -9.12 -60.73
C LYS C 73 75.22 -10.32 -61.17
N LEU C 74 74.57 -11.39 -61.61
CA LEU C 74 75.30 -12.51 -62.18
C LEU C 74 76.02 -12.09 -63.45
N ALA C 75 75.42 -11.18 -64.22
CA ALA C 75 76.05 -10.73 -65.46
C ALA C 75 77.21 -9.78 -65.15
N GLU C 76 76.96 -8.77 -64.32
CA GLU C 76 77.97 -7.83 -63.90
C GLU C 76 78.80 -8.35 -62.73
N GLU C 77 78.73 -9.64 -62.44
CA GLU C 77 79.69 -10.29 -61.55
C GLU C 77 81.06 -10.43 -62.20
N VAL C 78 81.21 -10.06 -63.47
CA VAL C 78 82.50 -10.04 -64.16
C VAL C 78 82.99 -8.61 -64.31
N PRO C 79 82.75 -7.78 -63.29
CA PRO C 79 83.27 -6.43 -63.28
C PRO C 79 84.78 -6.42 -63.38
N MET C 80 85.29 -5.35 -63.99
CA MET C 80 86.71 -5.30 -64.37
C MET C 80 87.56 -4.66 -63.28
N ASP C 81 87.26 -3.40 -62.95
CA ASP C 81 88.09 -2.64 -62.02
C ASP C 81 87.22 -1.65 -61.29
N VAL C 82 86.97 -1.90 -60.01
CA VAL C 82 86.13 -1.03 -59.19
C VAL C 82 84.77 -0.84 -59.83
N ALA C 83 84.27 -1.91 -60.44
CA ALA C 83 83.03 -1.90 -61.21
C ALA C 83 81.84 -1.41 -60.40
N SER C 84 81.45 -2.13 -59.36
CA SER C 84 80.40 -1.62 -58.48
C SER C 84 80.84 -0.37 -57.75
N TYR C 85 82.14 -0.18 -57.54
CA TYR C 85 82.65 1.10 -57.12
C TYR C 85 82.44 2.18 -58.17
N LEU C 86 82.25 1.76 -59.42
CA LEU C 86 81.84 2.65 -60.50
C LEU C 86 80.38 2.44 -60.91
N TYR C 87 79.80 1.28 -60.62
CA TYR C 87 78.51 0.87 -61.14
C TYR C 87 77.45 0.86 -60.07
N THR C 88 77.84 0.63 -58.82
CA THR C 88 76.98 0.79 -57.65
C THR C 88 77.41 1.99 -56.85
N GLY C 89 78.66 2.44 -57.02
CA GLY C 89 79.19 3.62 -56.38
C GLY C 89 79.78 4.55 -57.44
N ASP C 90 80.09 5.78 -57.03
CA ASP C 90 80.68 6.73 -57.93
C ASP C 90 82.10 6.33 -58.28
N SER C 91 82.46 6.50 -59.55
CA SER C 91 83.64 5.86 -60.13
C SER C 91 84.90 6.72 -60.00
N HIS C 92 84.99 7.55 -58.97
CA HIS C 92 86.12 8.46 -58.86
C HIS C 92 87.41 7.72 -58.59
N GLN C 93 87.48 7.01 -57.46
CA GLN C 93 88.61 6.13 -57.22
C GLN C 93 88.64 5.00 -58.24
N LEU C 94 87.47 4.58 -58.71
CA LEU C 94 87.41 3.57 -59.75
C LEU C 94 88.09 4.03 -61.02
N LYS C 95 87.97 5.30 -61.37
CA LYS C 95 88.65 5.86 -62.52
C LYS C 95 90.05 6.34 -62.15
N ARG C 96 90.22 6.82 -60.91
CA ARG C 96 91.56 7.14 -60.43
C ARG C 96 92.40 5.88 -60.23
N ALA C 97 91.77 4.70 -60.18
CA ALA C 97 92.47 3.41 -60.09
C ALA C 97 92.07 2.61 -61.32
N ASN C 98 92.86 2.73 -62.38
CA ASN C 98 92.55 2.08 -63.64
C ASN C 98 93.83 1.94 -64.45
N CYS C 99 93.98 0.79 -65.12
CA CYS C 99 95.15 0.54 -65.97
C CYS C 99 94.71 -0.41 -67.09
N SER C 100 94.32 0.15 -68.23
CA SER C 100 93.77 -0.63 -69.33
C SER C 100 93.80 0.23 -70.59
N GLY C 101 93.08 -0.21 -71.63
CA GLY C 101 92.78 0.64 -72.75
C GLY C 101 91.47 1.39 -72.51
N ARG C 102 90.96 2.04 -73.56
CA ARG C 102 89.80 2.89 -73.45
C ARG C 102 88.52 2.28 -73.98
N TYR C 103 87.41 2.94 -73.65
CA TYR C 103 86.11 2.71 -74.28
C TYR C 103 85.63 1.27 -74.09
N GLU C 104 85.33 0.92 -72.85
CA GLU C 104 84.76 -0.38 -72.53
C GLU C 104 83.25 -0.32 -72.71
N LEU C 105 82.79 -0.69 -73.90
CA LEU C 105 81.36 -0.73 -74.21
C LEU C 105 80.77 -2.08 -73.87
N ALA C 106 79.84 -2.07 -72.92
CA ALA C 106 79.02 -3.25 -72.61
C ALA C 106 77.74 -3.13 -73.43
N GLY C 107 77.94 -3.05 -74.75
CA GLY C 107 76.86 -2.77 -75.68
C GLY C 107 75.93 -3.97 -75.76
N LEU C 108 74.64 -3.75 -75.46
CA LEU C 108 73.65 -4.79 -75.51
C LEU C 108 73.48 -5.57 -74.24
N PRO C 109 74.49 -5.57 -73.35
CA PRO C 109 74.32 -6.19 -72.05
C PRO C 109 73.24 -5.49 -71.23
N GLY C 110 73.00 -4.22 -71.53
CA GLY C 110 71.91 -3.47 -70.92
C GLY C 110 70.58 -4.20 -71.04
N LYS C 111 69.67 -3.90 -70.12
CA LYS C 111 68.32 -4.40 -70.24
C LYS C 111 67.74 -4.04 -71.59
N TRP C 112 67.22 -5.05 -72.27
CA TRP C 112 66.84 -4.86 -73.66
C TRP C 112 68.08 -4.73 -74.52
N PRO C 113 68.26 -3.57 -75.10
CA PRO C 113 69.42 -3.30 -75.95
C PRO C 113 69.69 -1.80 -75.91
N ALA C 114 70.50 -1.34 -76.86
CA ALA C 114 70.61 0.08 -77.19
C ALA C 114 69.63 0.37 -78.33
N LEU C 115 68.40 -0.13 -78.18
CA LEU C 115 67.35 0.01 -79.18
C LEU C 115 65.99 0.20 -78.53
N ALA C 116 65.91 1.01 -77.49
CA ALA C 116 64.70 1.11 -76.67
C ALA C 116 64.39 2.57 -76.39
N SER C 117 63.41 2.80 -75.50
CA SER C 117 62.90 4.14 -75.20
C SER C 117 62.74 4.23 -73.69
N ALA C 118 63.49 5.14 -73.05
CA ALA C 118 63.55 5.19 -71.59
C ALA C 118 63.62 6.58 -70.97
N HIS C 119 63.54 7.67 -71.75
CA HIS C 119 63.86 8.97 -71.17
C HIS C 119 63.40 10.15 -72.02
N PRO C 120 63.09 11.31 -71.42
CA PRO C 120 62.87 12.51 -72.25
C PRO C 120 64.05 12.91 -73.10
N SER C 121 65.24 13.10 -72.51
CA SER C 121 66.37 13.58 -73.28
C SER C 121 66.80 12.58 -74.33
N LEU C 122 66.58 11.30 -74.05
CA LEU C 122 66.72 10.27 -75.08
C LEU C 122 65.92 10.62 -76.31
N HIS C 123 64.65 10.92 -76.13
CA HIS C 123 63.80 11.21 -77.27
C HIS C 123 64.14 12.57 -77.87
N ARG C 124 64.67 13.49 -77.07
CA ARG C 124 65.15 14.76 -77.61
C ARG C 124 66.23 14.51 -78.65
N ALA C 125 67.30 13.82 -78.24
CA ALA C 125 68.36 13.49 -79.16
C ALA C 125 67.89 12.63 -80.31
N LEU C 126 66.92 11.74 -80.05
CA LEU C 126 66.31 10.92 -81.09
C LEU C 126 65.68 11.79 -82.16
N ASP C 127 64.97 12.84 -81.75
CA ASP C 127 64.41 13.76 -82.71
C ASP C 127 65.52 14.49 -83.46
N THR C 128 66.50 15.00 -82.72
CA THR C 128 67.67 15.61 -83.35
C THR C 128 68.32 14.64 -84.34
N LEU C 129 68.47 13.39 -83.92
CA LEU C 129 69.04 12.34 -84.77
C LEU C 129 68.29 12.20 -86.07
N THR C 130 67.02 11.82 -85.99
CA THR C 130 66.28 11.48 -87.20
C THR C 130 66.01 12.69 -88.07
N HIS C 131 65.91 13.89 -87.50
CA HIS C 131 65.70 15.06 -88.32
C HIS C 131 66.98 15.49 -89.01
N ALA C 132 68.12 15.32 -88.36
CA ALA C 132 69.38 15.46 -89.08
C ALA C 132 69.47 14.45 -90.20
N THR C 133 69.01 13.22 -89.94
CA THR C 133 69.14 12.15 -90.91
C THR C 133 68.26 12.39 -92.14
N ASN C 134 66.99 12.74 -91.94
CA ASN C 134 66.12 13.06 -93.05
C ASN C 134 66.58 14.31 -93.76
N PHE C 135 67.02 15.32 -93.00
CA PHE C 135 67.63 16.51 -93.58
C PHE C 135 68.73 16.14 -94.55
N LEU C 136 69.57 15.19 -94.16
CA LEU C 136 70.69 14.79 -95.01
C LEU C 136 70.21 14.00 -96.21
N ASN C 137 69.34 13.02 -95.99
CA ASN C 137 68.89 12.16 -97.08
C ASN C 137 68.14 12.95 -98.14
N VAL C 138 67.55 14.09 -97.77
CA VAL C 138 66.97 15.01 -98.75
C VAL C 138 67.98 16.04 -99.24
N MET C 139 68.97 16.40 -98.41
CA MET C 139 69.97 17.41 -98.77
C MET C 139 71.05 16.80 -99.64
N LEU C 140 71.57 15.64 -99.25
CA LEU C 140 72.54 14.96 -100.09
C LEU C 140 71.91 14.45 -101.38
N GLN C 141 70.58 14.35 -101.42
CA GLN C 141 69.83 14.10 -102.64
C GLN C 141 69.42 15.38 -103.36
N SER C 142 70.05 16.52 -103.04
CA SER C 142 69.69 17.79 -103.64
C SER C 142 70.16 17.86 -105.09
N ASN C 143 69.59 18.81 -105.82
CA ASN C 143 70.02 19.10 -107.18
C ASN C 143 71.12 20.14 -107.17
N LYS C 144 71.74 20.35 -108.34
CA LYS C 144 72.85 21.29 -108.49
C LYS C 144 73.97 20.97 -107.50
N SER C 145 74.22 19.66 -107.32
CA SER C 145 75.22 19.19 -106.37
C SER C 145 76.61 19.42 -106.95
N ARG C 146 77.01 20.69 -106.98
CA ARG C 146 78.35 21.04 -107.43
C ARG C 146 79.42 20.48 -106.50
N GLU C 147 79.06 20.22 -105.23
CA GLU C 147 79.97 19.67 -104.23
C GLU C 147 81.16 20.62 -104.03
N GLN C 148 80.83 21.83 -103.57
CA GLN C 148 81.83 22.87 -103.31
C GLN C 148 82.44 22.62 -101.93
N ASN C 149 83.09 21.46 -101.80
CA ASN C 149 83.66 21.01 -100.54
C ASN C 149 84.88 21.81 -100.09
N LEU C 150 85.30 22.82 -100.86
CA LEU C 150 86.42 23.67 -100.50
C LEU C 150 86.06 25.15 -100.45
N GLN C 151 85.00 25.58 -101.14
CA GLN C 151 84.70 27.00 -101.21
C GLN C 151 83.97 27.50 -99.97
N ASP C 152 82.72 27.05 -99.78
CA ASP C 152 81.96 27.39 -98.58
C ASP C 152 81.08 26.27 -98.06
N ASP C 153 81.08 25.08 -98.67
CA ASP C 153 80.38 23.95 -98.08
C ASP C 153 80.97 23.55 -96.74
N LEU C 154 82.27 23.81 -96.55
CA LEU C 154 82.88 23.57 -95.26
C LEU C 154 82.27 24.46 -94.18
N ASP C 155 81.97 25.71 -94.53
CA ASP C 155 81.26 26.58 -93.58
C ASP C 155 79.91 25.98 -93.22
N TRP C 156 79.19 25.48 -94.22
CA TRP C 156 77.89 24.84 -93.97
C TRP C 156 78.06 23.67 -93.01
N TYR C 157 79.02 22.80 -93.29
CA TYR C 157 79.19 21.59 -92.48
C TYR C 157 79.61 21.93 -91.06
N GLN C 158 80.57 22.84 -90.91
CA GLN C 158 81.05 23.20 -89.59
C GLN C 158 79.98 23.89 -88.78
N ALA C 159 79.29 24.87 -89.39
CA ALA C 159 78.18 25.51 -88.72
C ALA C 159 77.14 24.48 -88.30
N LEU C 160 76.86 23.51 -89.16
CA LEU C 160 75.89 22.46 -88.85
C LEU C 160 76.31 21.69 -87.60
N VAL C 161 77.50 21.08 -87.64
CA VAL C 161 77.90 20.17 -86.59
C VAL C 161 78.11 20.91 -85.27
N TRP C 162 78.63 22.14 -85.32
CA TRP C 162 78.84 22.89 -84.08
C TRP C 162 77.51 23.38 -83.52
N SER C 163 76.71 24.05 -84.34
CA SER C 163 75.44 24.58 -83.91
C SER C 163 74.50 23.51 -83.38
N LEU C 164 74.64 22.27 -83.83
CA LEU C 164 73.76 21.23 -83.31
C LEU C 164 73.97 21.02 -81.82
N LEU C 165 75.22 20.98 -81.35
CA LEU C 165 75.49 20.89 -79.93
C LEU C 165 75.38 22.23 -79.24
N GLU C 166 75.51 23.33 -79.98
CA GLU C 166 75.11 24.65 -79.49
C GLU C 166 73.60 24.74 -79.33
N GLY C 167 72.86 23.84 -79.98
CA GLY C 167 71.43 23.72 -79.80
C GLY C 167 71.08 22.55 -78.90
N GLU C 168 71.84 21.45 -79.01
CA GLU C 168 71.57 20.26 -78.26
C GLU C 168 72.24 20.31 -76.89
N PRO C 169 71.68 19.53 -75.95
CA PRO C 169 72.16 19.54 -74.57
C PRO C 169 73.11 18.39 -74.27
N SER C 170 72.81 17.18 -74.74
CA SER C 170 73.68 16.03 -74.55
C SER C 170 74.83 16.20 -75.54
N ILE C 171 75.82 16.99 -75.14
CA ILE C 171 76.86 17.47 -76.05
C ILE C 171 78.22 17.14 -75.47
N SER C 172 78.68 15.91 -75.71
CA SER C 172 80.00 15.46 -75.30
C SER C 172 81.03 15.51 -76.42
N ARG C 173 80.82 14.72 -77.47
CA ARG C 173 81.77 14.62 -78.57
C ARG C 173 81.08 13.94 -79.75
N ALA C 174 81.62 14.21 -80.94
CA ALA C 174 80.94 13.80 -82.16
C ALA C 174 81.87 14.01 -83.34
N ALA C 175 81.42 13.59 -84.52
CA ALA C 175 82.18 13.79 -85.73
C ALA C 175 81.28 13.67 -86.93
N ILE C 176 81.75 14.19 -88.05
CA ILE C 176 81.17 13.90 -89.36
C ILE C 176 82.32 13.71 -90.32
N THR C 177 82.58 12.46 -90.68
CA THR C 177 83.74 12.06 -91.46
C THR C 177 83.29 11.43 -92.77
N PHE C 178 83.42 12.18 -93.87
CA PHE C 178 82.96 11.72 -95.16
C PHE C 178 83.92 12.19 -96.25
N SER C 179 83.61 11.78 -97.47
CA SER C 179 84.20 12.34 -98.69
C SER C 179 83.10 12.18 -99.73
N THR C 180 82.29 13.23 -99.89
CA THR C 180 81.07 13.16 -100.67
C THR C 180 80.98 14.33 -101.64
N GLN C 189 90.13 11.01 -94.34
CA GLN C 189 88.72 11.31 -94.13
C GLN C 189 88.49 12.81 -94.02
N VAL C 190 87.56 13.34 -94.80
CA VAL C 190 87.13 14.72 -94.61
C VAL C 190 86.27 14.76 -93.37
N PHE C 191 86.94 14.99 -92.23
CA PHE C 191 86.31 14.86 -90.93
C PHE C 191 86.25 16.21 -90.26
N LEU C 192 85.03 16.64 -89.98
CA LEU C 192 84.78 17.62 -88.95
C LEU C 192 84.53 16.84 -87.67
N GLN C 193 85.63 16.50 -87.00
CA GLN C 193 85.57 15.71 -85.79
C GLN C 193 85.46 16.65 -84.61
N ALA C 194 84.22 16.97 -84.25
CA ALA C 194 83.91 18.11 -83.40
C ALA C 194 83.48 17.62 -82.03
N THR C 195 84.14 18.16 -81.00
CA THR C 195 83.82 17.80 -79.62
C THR C 195 83.82 19.05 -78.77
N ARG C 196 82.69 19.28 -78.09
CA ARG C 196 82.53 20.48 -77.27
C ARG C 196 83.44 20.33 -76.06
N GLU C 197 84.66 20.86 -76.18
CA GLU C 197 85.64 20.73 -75.12
C GLU C 197 85.14 21.42 -73.85
N GLU C 198 85.03 22.75 -73.89
CA GLU C 198 84.28 23.51 -72.90
C GLU C 198 83.12 24.25 -73.55
N SER C 199 83.42 25.11 -74.53
CA SER C 199 82.44 25.64 -75.45
C SER C 199 82.92 25.68 -76.89
N ARG C 200 84.21 25.45 -77.14
CA ARG C 200 84.76 25.39 -78.49
C ARG C 200 84.71 23.95 -78.96
N ILE C 201 84.01 23.71 -80.07
CA ILE C 201 83.97 22.38 -80.65
C ILE C 201 85.36 22.04 -81.15
N LEU C 202 86.04 21.15 -80.44
CA LEU C 202 87.38 20.75 -80.85
C LEU C 202 87.31 19.99 -82.16
N LEU C 203 87.66 20.67 -83.25
CA LEU C 203 87.45 20.17 -84.61
C LEU C 203 88.76 19.61 -85.12
N GLN C 204 88.69 18.45 -85.77
CA GLN C 204 89.85 17.81 -86.34
C GLN C 204 89.42 16.90 -87.49
N ASP C 205 90.39 16.57 -88.34
CA ASP C 205 90.16 15.70 -89.48
C ASP C 205 91.11 14.51 -89.46
N PRO C 211 87.09 3.11 -88.60
CA PRO C 211 86.78 2.37 -87.38
C PRO C 211 85.95 1.14 -87.71
N HIS C 212 85.74 0.29 -86.70
CA HIS C 212 84.84 -0.85 -86.87
C HIS C 212 83.41 -0.37 -87.14
N LEU C 213 83.06 0.81 -86.62
CA LEU C 213 81.76 1.38 -86.92
C LEU C 213 81.64 1.75 -88.40
N ALA C 214 82.69 2.37 -88.94
CA ALA C 214 82.70 2.66 -90.38
C ALA C 214 82.69 1.37 -91.20
N ASN C 215 83.39 0.35 -90.72
CA ASN C 215 83.37 -0.95 -91.40
C ASN C 215 81.97 -1.54 -91.40
N ALA C 216 81.25 -1.45 -90.29
CA ALA C 216 79.89 -1.96 -90.23
C ALA C 216 78.95 -1.14 -91.09
N THR C 217 79.16 0.18 -91.16
CA THR C 217 78.37 1.02 -92.05
C THR C 217 78.59 0.63 -93.50
N LEU C 218 79.83 0.35 -93.88
CA LEU C 218 80.11 -0.12 -95.23
C LEU C 218 79.50 -1.50 -95.47
N GLU C 219 79.50 -2.34 -94.43
CA GLU C 219 78.91 -3.68 -94.54
C GLU C 219 77.42 -3.60 -94.82
N THR C 220 76.68 -2.96 -93.92
CA THR C 220 75.24 -2.81 -94.08
C THR C 220 74.92 -1.87 -95.24
N SER C 261 72.22 4.38 -92.32
CA SER C 261 70.81 3.97 -92.36
C SER C 261 70.18 4.06 -90.98
N HIS C 262 70.96 3.77 -89.96
CA HIS C 262 70.48 3.77 -88.57
C HIS C 262 71.59 4.20 -87.64
N PHE C 263 71.19 4.75 -86.49
CA PHE C 263 72.13 5.17 -85.47
C PHE C 263 72.81 3.95 -84.87
N LYS C 264 74.10 3.80 -85.13
CA LYS C 264 74.87 2.68 -84.63
C LYS C 264 75.33 2.98 -83.21
N TRP C 265 74.38 2.97 -82.28
CA TRP C 265 74.63 3.34 -80.90
C TRP C 265 74.79 2.08 -80.06
N SER C 266 75.73 2.14 -79.13
CA SER C 266 75.96 1.09 -78.18
C SER C 266 75.23 1.42 -76.89
N PRO C 267 75.12 0.44 -76.01
CA PRO C 267 74.66 0.65 -74.66
C PRO C 267 75.83 1.19 -73.84
N PRO C 268 75.66 1.24 -72.52
CA PRO C 268 76.61 1.91 -71.64
C PRO C 268 78.07 1.56 -71.93
N TYR C 269 78.83 2.55 -72.36
CA TYR C 269 80.25 2.47 -72.60
C TYR C 269 80.96 3.56 -71.83
N LEU C 270 82.13 3.23 -71.32
CA LEU C 270 82.91 4.18 -70.55
C LEU C 270 83.62 5.13 -71.50
N GLU C 271 84.42 6.00 -70.92
CA GLU C 271 85.27 6.89 -71.72
C GLU C 271 86.42 6.09 -72.30
N CYS C 272 87.36 6.81 -72.92
CA CYS C 272 88.63 6.24 -73.33
C CYS C 272 89.71 7.14 -72.72
N GLU C 273 90.04 6.88 -71.46
CA GLU C 273 91.03 7.63 -70.71
C GLU C 273 92.39 6.93 -70.78
N ASN C 274 92.54 6.03 -71.76
CA ASN C 274 93.65 5.07 -71.79
C ASN C 274 93.67 4.23 -70.51
N GLY C 275 92.53 4.09 -69.86
CA GLY C 275 92.35 3.10 -68.80
C GLY C 275 90.86 2.88 -68.61
N SER C 276 90.31 1.83 -69.21
CA SER C 276 88.88 1.61 -69.09
C SER C 276 88.40 2.93 -69.66
N TYR C 277 87.52 3.57 -68.90
CA TYR C 277 87.11 4.93 -69.22
C TYR C 277 86.55 5.70 -68.06
N LYS C 278 86.87 6.99 -68.00
CA LYS C 278 86.38 7.86 -66.94
C LYS C 278 85.02 8.43 -67.33
N PRO C 279 84.08 7.51 -67.56
CA PRO C 279 82.69 7.87 -67.83
C PRO C 279 81.82 6.67 -67.55
N GLY C 280 80.57 6.95 -67.20
CA GLY C 280 79.59 5.90 -66.97
C GLY C 280 78.89 5.51 -68.26
N TRP C 281 77.56 5.56 -68.21
CA TRP C 281 76.75 5.22 -69.37
C TRP C 281 76.95 6.25 -70.48
N LEU C 282 77.07 5.75 -71.71
CA LEU C 282 77.26 6.59 -72.87
C LEU C 282 76.95 5.80 -74.14
N VAL C 283 76.67 6.53 -75.21
CA VAL C 283 76.23 5.94 -76.47
C VAL C 283 77.27 6.15 -77.56
N THR C 284 76.94 5.67 -78.76
CA THR C 284 77.82 5.76 -79.92
C THR C 284 77.03 6.05 -81.19
N LEU C 285 75.95 6.82 -81.07
CA LEU C 285 74.94 6.86 -82.11
C LEU C 285 75.48 7.49 -83.39
N SER C 286 75.35 6.77 -84.49
CA SER C 286 76.04 7.14 -85.73
C SER C 286 75.27 6.69 -86.96
N SER C 287 75.10 7.63 -87.89
CA SER C 287 74.59 7.40 -89.23
C SER C 287 75.67 7.77 -90.23
N ALA C 288 75.34 7.80 -91.53
CA ALA C 288 76.32 8.06 -92.58
C ALA C 288 75.90 9.24 -93.44
N ILE C 289 76.88 10.04 -93.85
CA ILE C 289 76.67 11.09 -94.84
C ILE C 289 76.68 10.46 -96.22
N TYR C 290 75.55 9.86 -96.58
CA TYR C 290 75.47 9.04 -97.78
C TYR C 290 75.40 9.89 -99.05
N GLY C 291 76.44 9.77 -99.87
CA GLY C 291 76.57 10.58 -101.08
C GLY C 291 75.65 10.03 -102.16
N LEU C 292 75.72 10.61 -103.36
CA LEU C 292 74.91 10.16 -104.49
C LEU C 292 75.52 10.65 -105.80
N LEU C 296 73.31 4.37 -110.26
CA LEU C 296 72.76 5.72 -110.33
C LEU C 296 71.80 5.98 -109.19
N VAL C 297 72.21 5.62 -107.97
CA VAL C 297 71.46 5.84 -106.75
C VAL C 297 72.39 6.43 -105.70
N PRO C 298 71.86 6.66 -104.50
CA PRO C 298 72.67 7.17 -103.41
C PRO C 298 73.57 6.06 -102.88
N GLU C 299 74.55 6.46 -102.07
CA GLU C 299 75.51 5.50 -101.54
C GLU C 299 76.15 6.06 -100.28
N PHE C 300 76.53 5.19 -99.37
CA PHE C 300 77.18 5.59 -98.14
C PHE C 300 78.57 6.13 -98.43
N ARG C 301 78.85 7.34 -97.95
CA ARG C 301 80.12 8.01 -98.20
C ARG C 301 80.68 8.68 -96.94
N GLY C 302 80.07 8.45 -95.79
CA GLY C 302 80.47 9.17 -94.60
C GLY C 302 79.99 8.51 -93.32
N VAL C 303 80.25 9.22 -92.22
CA VAL C 303 79.92 8.73 -90.89
C VAL C 303 79.74 9.95 -90.00
N MET C 304 78.49 10.33 -89.76
CA MET C 304 78.15 11.28 -88.72
C MET C 304 77.87 10.48 -87.46
N LYS C 305 78.31 10.99 -86.32
CA LYS C 305 78.24 10.22 -85.09
C LYS C 305 78.40 11.12 -83.89
N VAL C 306 77.96 10.63 -82.74
CA VAL C 306 78.05 11.35 -81.48
C VAL C 306 77.90 10.38 -80.32
N ASP C 307 78.59 10.68 -79.23
CA ASP C 307 78.62 9.82 -78.06
C ASP C 307 78.25 10.64 -76.84
N ILE C 308 76.95 10.74 -76.59
CA ILE C 308 76.46 11.41 -75.40
C ILE C 308 76.55 10.49 -74.20
N ASN C 309 76.90 11.06 -73.04
CA ASN C 309 77.10 10.29 -71.81
C ASN C 309 75.80 10.22 -71.05
N LEU C 310 75.27 9.00 -70.92
CA LEU C 310 74.12 8.73 -70.08
C LEU C 310 74.56 8.28 -68.68
N GLN C 311 75.81 8.56 -68.35
CA GLN C 311 76.29 8.42 -66.99
C GLN C 311 75.56 9.31 -66.01
N LYS C 312 74.88 10.34 -66.49
CA LYS C 312 74.01 11.18 -65.68
C LYS C 312 72.55 10.76 -65.81
N VAL C 313 72.28 9.48 -65.57
CA VAL C 313 70.96 8.88 -65.79
C VAL C 313 70.68 7.91 -64.66
N ASP C 314 69.74 8.26 -63.78
CA ASP C 314 69.36 7.38 -62.69
C ASP C 314 68.80 6.07 -63.23
N ILE C 315 69.00 5.00 -62.46
CA ILE C 315 68.67 3.65 -62.88
C ILE C 315 68.06 2.89 -61.71
N ASP C 316 67.46 1.74 -62.00
CA ASP C 316 66.68 0.96 -61.02
C ASP C 316 66.94 -0.53 -61.24
N GLN C 317 67.68 -1.15 -60.32
CA GLN C 317 67.82 -2.60 -60.32
C GLN C 317 66.47 -3.30 -60.19
N CYS C 318 65.64 -2.88 -59.25
CA CYS C 318 64.45 -3.65 -58.91
C CYS C 318 63.26 -3.16 -59.71
N SER C 319 63.51 -2.66 -60.92
CA SER C 319 62.48 -2.02 -61.71
C SER C 319 61.57 -3.06 -62.35
N SER C 320 60.39 -2.59 -62.78
CA SER C 320 59.50 -3.41 -63.59
C SER C 320 60.02 -3.52 -65.02
N ASP C 321 60.37 -2.38 -65.62
CA ASP C 321 60.93 -2.34 -66.96
C ASP C 321 61.99 -1.25 -66.98
N GLY C 322 63.14 -1.59 -67.55
CA GLY C 322 64.28 -0.69 -67.48
C GLY C 322 65.57 -1.47 -67.50
N TRP C 323 66.65 -0.76 -67.20
CA TRP C 323 67.99 -1.32 -67.29
C TRP C 323 68.18 -2.31 -66.15
N PHE C 324 68.14 -3.60 -66.48
CA PHE C 324 68.24 -4.68 -65.51
C PHE C 324 67.11 -4.56 -64.48
N SER C 325 65.94 -4.25 -65.03
CA SER C 325 64.72 -4.09 -64.25
C SER C 325 64.29 -5.46 -63.74
N GLY C 326 64.58 -5.72 -62.47
CA GLY C 326 64.29 -7.00 -61.84
C GLY C 326 63.92 -6.87 -60.39
N THR C 327 64.57 -7.67 -59.55
CA THR C 327 64.67 -7.39 -58.11
C THR C 327 65.82 -8.27 -57.61
N HIS C 328 66.87 -7.61 -57.11
CA HIS C 328 68.13 -8.31 -56.85
C HIS C 328 67.97 -9.33 -55.73
N LYS C 329 67.72 -8.86 -54.51
CA LYS C 329 67.60 -9.72 -53.33
C LYS C 329 66.41 -9.27 -52.50
N CYS C 330 65.24 -9.16 -53.14
CA CYS C 330 64.00 -8.88 -52.44
C CYS C 330 62.94 -9.81 -52.98
N HIS C 331 62.73 -10.92 -52.29
CA HIS C 331 61.64 -11.83 -52.61
C HIS C 331 60.33 -11.07 -52.46
N LEU C 332 59.69 -10.77 -53.59
CA LEU C 332 58.54 -9.88 -53.56
C LEU C 332 57.24 -10.59 -53.20
N ASN C 333 57.30 -11.85 -52.79
CA ASN C 333 56.14 -12.49 -52.20
C ASN C 333 55.71 -11.75 -50.95
N ASN C 334 56.68 -11.29 -50.15
CA ASN C 334 56.42 -10.49 -48.98
C ASN C 334 57.38 -9.31 -48.91
N SER C 335 57.81 -8.80 -50.07
CA SER C 335 58.64 -7.62 -50.13
C SER C 335 58.08 -6.71 -51.21
N GLU C 336 58.44 -5.44 -51.08
CA GLU C 336 58.00 -4.37 -51.98
C GLU C 336 59.21 -3.51 -52.27
N CYS C 337 59.66 -3.50 -53.51
CA CYS C 337 60.74 -2.58 -53.81
C CYS C 337 60.21 -1.16 -53.85
N MET C 338 61.13 -0.21 -53.86
CA MET C 338 60.79 1.19 -54.00
C MET C 338 61.93 1.87 -54.71
N PRO C 339 61.97 1.82 -56.04
CA PRO C 339 62.98 2.59 -56.76
C PRO C 339 62.80 4.08 -56.52
N ILE C 340 63.93 4.79 -56.59
CA ILE C 340 64.00 6.17 -56.16
C ILE C 340 64.86 6.98 -57.15
N LYS C 341 65.05 8.26 -56.82
CA LYS C 341 65.90 9.18 -57.57
C LYS C 341 66.87 9.81 -56.57
N GLY C 342 68.15 9.73 -56.88
CA GLY C 342 69.17 10.24 -55.99
C GLY C 342 70.31 10.82 -56.79
N LEU C 343 71.51 10.39 -56.41
CA LEU C 343 72.74 10.73 -57.12
C LEU C 343 72.59 10.56 -58.63
N GLY C 344 72.31 9.33 -59.09
CA GLY C 344 72.19 9.07 -60.51
C GLY C 344 72.52 7.66 -60.94
N PHE C 345 73.35 7.54 -61.98
CA PHE C 345 73.57 6.28 -62.68
C PHE C 345 74.44 5.30 -61.87
N VAL C 346 73.85 4.60 -60.91
CA VAL C 346 74.51 3.46 -60.27
C VAL C 346 73.50 2.47 -59.72
N LEU C 347 73.98 1.24 -59.53
CA LEU C 347 73.26 0.23 -58.79
C LEU C 347 73.09 0.67 -57.34
N GLY C 348 72.17 0.00 -56.64
CA GLY C 348 71.76 0.45 -55.33
C GLY C 348 70.81 1.62 -55.40
N ALA C 349 70.39 2.00 -56.60
CA ALA C 349 69.55 3.17 -56.81
C ALA C 349 68.08 2.79 -56.66
N TYR C 350 67.77 2.27 -55.47
CA TYR C 350 66.43 1.81 -55.16
C TYR C 350 66.34 1.53 -53.68
N GLU C 351 65.15 1.16 -53.24
CA GLU C 351 64.87 0.92 -51.83
C GLU C 351 63.91 -0.26 -51.71
N CYS C 352 64.31 -1.28 -50.97
CA CYS C 352 63.44 -2.42 -50.71
C CYS C 352 62.73 -2.30 -49.37
N ILE C 353 61.67 -3.07 -49.24
CA ILE C 353 60.84 -3.12 -48.03
C ILE C 353 60.41 -4.56 -47.87
N CYS C 354 60.26 -5.00 -46.62
CA CYS C 354 59.62 -6.27 -46.33
C CYS C 354 58.20 -5.99 -45.86
N LYS C 355 57.34 -7.00 -45.95
CA LYS C 355 55.91 -6.82 -45.95
C LYS C 355 55.24 -7.65 -44.86
N ALA C 356 54.67 -6.94 -43.88
CA ALA C 356 53.90 -7.50 -42.77
C ALA C 356 54.74 -8.25 -41.75
N GLY C 357 56.07 -8.22 -41.89
CA GLY C 357 56.94 -8.79 -40.88
C GLY C 357 58.12 -7.89 -40.66
N PHE C 358 58.76 -8.08 -39.51
CA PHE C 358 59.89 -7.26 -39.11
C PHE C 358 61.07 -7.62 -40.00
N TYR C 359 61.82 -6.61 -40.40
CA TYR C 359 63.06 -6.87 -41.13
C TYR C 359 64.05 -7.56 -40.21
N HIS C 360 64.47 -8.76 -40.60
CA HIS C 360 65.43 -9.47 -39.77
C HIS C 360 66.74 -8.72 -39.82
N PRO C 361 67.01 -7.98 -38.75
CA PRO C 361 68.03 -6.95 -38.78
C PRO C 361 68.27 -6.39 -37.39
N ALA C 389 69.56 -9.16 -43.86
CA ALA C 389 68.95 -8.14 -44.69
C ALA C 389 67.52 -7.88 -44.26
N TYR C 390 66.89 -6.90 -44.90
CA TYR C 390 65.53 -6.53 -44.55
C TYR C 390 64.58 -7.61 -45.05
N VAL C 391 64.16 -8.49 -44.14
CA VAL C 391 63.43 -9.69 -44.48
C VAL C 391 62.42 -9.97 -43.36
N CYS C 392 61.21 -10.33 -43.77
CA CYS C 392 60.04 -10.33 -42.90
C CYS C 392 60.16 -11.35 -41.78
N LEU C 393 59.58 -10.94 -40.66
CA LEU C 393 59.45 -11.63 -39.44
C LEU C 393 58.02 -11.38 -38.99
N PRO C 394 57.06 -12.10 -39.54
CA PRO C 394 55.69 -11.99 -39.04
C PRO C 394 55.63 -12.28 -37.55
N CYS C 395 54.84 -11.47 -36.85
CA CYS C 395 54.79 -11.43 -35.40
C CYS C 395 54.45 -12.79 -34.80
N ARG C 396 54.57 -12.89 -33.48
CA ARG C 396 54.54 -14.16 -32.75
C ARG C 396 53.24 -14.89 -33.08
N GLU C 397 52.17 -14.12 -33.22
CA GLU C 397 50.89 -14.56 -33.73
C GLU C 397 50.48 -13.58 -34.82
N GLY C 398 49.21 -13.61 -35.20
CA GLY C 398 48.67 -12.53 -35.99
C GLY C 398 48.42 -11.28 -35.16
N CYS C 399 49.48 -10.61 -34.70
CA CYS C 399 49.37 -9.33 -33.99
C CYS C 399 50.13 -8.61 -35.11
N PRO C 400 49.46 -7.73 -35.90
CA PRO C 400 50.12 -7.14 -37.09
C PRO C 400 51.13 -6.04 -36.78
N PHE C 401 51.66 -5.38 -37.83
CA PHE C 401 52.64 -4.30 -37.67
C PHE C 401 53.89 -4.70 -36.90
N CYS C 402 54.71 -5.55 -37.51
CA CYS C 402 55.91 -6.07 -36.84
C CYS C 402 57.22 -5.28 -36.70
N ALA C 403 57.25 -4.25 -35.86
CA ALA C 403 58.43 -3.49 -35.51
C ALA C 403 59.61 -4.30 -35.03
N ASP C 404 59.48 -4.90 -33.85
CA ASP C 404 60.29 -6.04 -33.44
C ASP C 404 59.39 -7.26 -33.45
N ASP C 405 59.93 -8.38 -33.90
CA ASP C 405 59.17 -9.63 -33.90
C ASP C 405 59.10 -10.19 -32.48
N SER C 406 58.36 -9.48 -31.64
CA SER C 406 58.17 -9.77 -30.23
C SER C 406 56.67 -9.86 -29.94
N PRO C 407 56.29 -10.27 -28.74
CA PRO C 407 54.87 -10.49 -28.46
C PRO C 407 54.13 -9.26 -27.99
N CYS C 408 52.82 -9.31 -28.20
CA CYS C 408 51.86 -8.34 -27.68
C CYS C 408 51.15 -8.84 -26.44
N PHE C 409 51.55 -10.01 -25.93
CA PHE C 409 50.66 -10.85 -25.15
C PHE C 409 51.14 -10.95 -23.70
N VAL C 410 50.21 -10.89 -22.77
CA VAL C 410 50.49 -11.33 -21.41
C VAL C 410 50.38 -12.85 -21.39
N GLN C 411 51.50 -13.52 -21.56
CA GLN C 411 51.53 -14.96 -21.45
C GLN C 411 51.38 -15.35 -19.98
N GLU C 412 50.73 -16.48 -19.73
CA GLU C 412 50.11 -16.75 -18.43
C GLU C 412 50.48 -18.13 -17.89
N ASP C 413 50.21 -18.30 -16.60
CA ASP C 413 50.83 -19.33 -15.80
C ASP C 413 50.33 -20.72 -16.14
N LYS C 414 51.18 -21.70 -15.85
CA LYS C 414 50.80 -23.08 -15.67
C LYS C 414 50.43 -23.41 -14.24
N TYR C 415 51.34 -23.16 -13.30
CA TYR C 415 51.16 -23.59 -11.91
C TYR C 415 50.11 -22.80 -11.17
N LEU C 416 49.36 -21.94 -11.86
CA LEU C 416 48.06 -21.47 -11.45
C LEU C 416 46.97 -22.41 -11.94
N ARG C 417 46.96 -22.62 -13.25
CA ARG C 417 45.79 -23.14 -13.92
C ARG C 417 45.65 -24.64 -13.70
N LEU C 418 46.77 -25.36 -13.65
CA LEU C 418 46.72 -26.78 -13.37
C LEU C 418 45.98 -27.05 -12.06
N ALA C 419 46.35 -26.31 -11.03
CA ALA C 419 45.80 -26.55 -9.71
C ALA C 419 44.36 -26.08 -9.66
N ILE C 420 44.07 -24.96 -10.34
CA ILE C 420 42.69 -24.51 -10.49
C ILE C 420 41.81 -25.65 -10.99
N ILE C 421 42.23 -26.27 -12.08
CA ILE C 421 41.41 -27.28 -12.72
C ILE C 421 41.29 -28.50 -11.83
N SER C 422 42.40 -28.94 -11.25
CA SER C 422 42.37 -30.15 -10.44
C SER C 422 41.45 -29.98 -9.25
N PHE C 423 41.58 -28.84 -8.56
CA PHE C 423 40.71 -28.45 -7.47
C PHE C 423 39.24 -28.48 -7.83
N GLN C 424 38.88 -27.74 -8.87
CA GLN C 424 37.48 -27.67 -9.28
C GLN C 424 36.94 -29.04 -9.65
N ALA C 425 37.77 -29.86 -10.30
CA ALA C 425 37.34 -31.20 -10.62
C ALA C 425 37.02 -31.98 -9.37
N LEU C 426 37.84 -31.81 -8.34
CA LEU C 426 37.63 -32.55 -7.11
C LEU C 426 36.33 -32.13 -6.45
N CYS C 427 35.98 -30.85 -6.56
CA CYS C 427 34.71 -30.41 -5.98
C CYS C 427 33.52 -30.97 -6.76
N MET C 428 33.63 -30.97 -8.09
CA MET C 428 32.63 -31.64 -8.91
C MET C 428 32.45 -33.10 -8.48
N LEU C 429 33.57 -33.77 -8.24
CA LEU C 429 33.54 -35.18 -7.87
C LEU C 429 32.85 -35.37 -6.53
N LEU C 430 33.16 -34.51 -5.56
CA LEU C 430 32.41 -34.48 -4.32
C LEU C 430 30.92 -34.45 -4.57
N ASP C 431 30.47 -33.61 -5.50
CA ASP C 431 29.04 -33.53 -5.77
C ASP C 431 28.48 -34.87 -6.25
N PHE C 432 29.14 -35.44 -7.25
CA PHE C 432 28.75 -36.75 -7.78
C PHE C 432 28.62 -37.77 -6.66
N VAL C 433 29.61 -37.80 -5.79
CA VAL C 433 29.65 -38.85 -4.80
C VAL C 433 28.67 -38.58 -3.68
N SER C 434 28.30 -37.31 -3.46
CA SER C 434 27.18 -37.02 -2.57
C SER C 434 25.92 -37.66 -3.10
N MET C 435 25.75 -37.59 -4.41
CA MET C 435 24.60 -38.24 -5.02
C MET C 435 24.62 -39.74 -4.73
N LEU C 436 25.79 -40.36 -4.89
CA LEU C 436 25.91 -41.79 -4.59
C LEU C 436 25.61 -42.10 -3.13
N VAL C 437 26.07 -41.23 -2.23
CA VAL C 437 25.82 -41.39 -0.80
C VAL C 437 24.33 -41.51 -0.55
N VAL C 438 23.61 -40.48 -0.94
CA VAL C 438 22.19 -40.46 -0.63
C VAL C 438 21.49 -41.63 -1.31
N TYR C 439 22.02 -42.09 -2.44
CA TYR C 439 21.51 -43.32 -3.01
C TYR C 439 21.76 -44.53 -2.12
N HIS C 440 22.80 -44.48 -1.28
CA HIS C 440 22.99 -45.54 -0.29
C HIS C 440 22.27 -45.25 1.01
N PHE C 441 22.02 -43.99 1.33
CA PHE C 441 21.59 -43.58 2.65
C PHE C 441 20.16 -43.12 2.53
N ARG C 442 19.38 -43.95 1.86
CA ARG C 442 17.98 -43.67 1.56
C ARG C 442 17.08 -43.80 2.78
N LYS C 443 17.61 -44.17 3.95
CA LYS C 443 16.86 -44.28 5.19
C LYS C 443 17.48 -43.35 6.21
N ALA C 444 16.66 -42.52 6.83
CA ALA C 444 17.19 -41.60 7.84
C ALA C 444 16.03 -41.02 8.63
N LYS C 445 16.32 -39.94 9.35
CA LYS C 445 15.33 -39.17 10.09
C LYS C 445 14.90 -37.93 9.35
N SER C 446 15.78 -37.38 8.53
CA SER C 446 15.66 -36.01 8.06
C SER C 446 15.53 -35.97 6.55
N ILE C 447 16.01 -37.02 5.87
CA ILE C 447 15.73 -37.15 4.45
C ILE C 447 14.25 -37.33 4.24
N ARG C 448 13.58 -37.95 5.20
CA ARG C 448 12.13 -37.95 5.18
C ARG C 448 11.57 -36.58 5.54
N ALA C 449 12.29 -35.83 6.38
CA ALA C 449 11.94 -34.46 6.66
C ALA C 449 12.21 -33.55 5.47
N SER C 450 12.97 -34.03 4.50
CA SER C 450 13.45 -33.22 3.40
C SER C 450 13.74 -34.14 2.24
N GLY C 451 12.85 -34.14 1.26
CA GLY C 451 12.76 -35.24 0.33
C GLY C 451 14.03 -35.49 -0.45
N LEU C 452 14.27 -36.79 -0.64
CA LEU C 452 15.38 -37.31 -1.42
C LEU C 452 15.59 -36.51 -2.69
N ILE C 453 14.53 -36.38 -3.46
CA ILE C 453 14.69 -36.08 -4.86
C ILE C 453 14.99 -34.62 -5.01
N LEU C 454 14.45 -33.80 -4.11
CA LEU C 454 14.86 -32.41 -4.03
C LEU C 454 16.37 -32.29 -3.91
N LEU C 455 16.97 -33.16 -3.11
CA LEU C 455 18.38 -33.00 -2.81
C LEU C 455 19.22 -33.50 -3.97
N GLU C 456 18.80 -34.59 -4.60
CA GLU C 456 19.54 -35.01 -5.78
C GLU C 456 19.43 -33.96 -6.86
N THR C 457 18.27 -33.34 -6.97
CA THR C 457 18.06 -32.25 -7.91
C THR C 457 19.05 -31.13 -7.66
N ILE C 458 19.06 -30.61 -6.45
CA ILE C 458 20.02 -29.57 -6.06
C ILE C 458 21.43 -29.95 -6.43
N LEU C 459 21.88 -31.12 -5.98
CA LEU C 459 23.27 -31.47 -6.13
C LEU C 459 23.66 -31.58 -7.59
N PHE C 460 22.83 -32.25 -8.38
CA PHE C 460 23.08 -32.34 -9.81
C PHE C 460 23.20 -30.97 -10.44
N GLY C 461 22.19 -30.13 -10.19
CA GLY C 461 22.19 -28.83 -10.78
C GLY C 461 23.46 -28.05 -10.50
N SER C 462 23.94 -28.09 -9.26
CA SER C 462 25.07 -27.25 -8.91
C SER C 462 26.37 -27.84 -9.44
N LEU C 463 26.47 -29.17 -9.47
CA LEU C 463 27.51 -29.80 -10.27
C LEU C 463 27.61 -29.15 -11.61
N LEU C 464 26.48 -29.00 -12.24
CA LEU C 464 26.53 -28.41 -13.55
C LEU C 464 26.95 -26.96 -13.46
N LEU C 465 26.58 -26.28 -12.38
CA LEU C 465 26.95 -24.88 -12.26
C LEU C 465 28.45 -24.70 -12.08
N TYR C 466 29.19 -25.78 -11.76
CA TYR C 466 30.65 -25.67 -11.74
C TYR C 466 31.30 -25.57 -13.12
N PHE C 467 30.55 -25.53 -14.21
CA PHE C 467 31.19 -25.48 -15.52
C PHE C 467 31.94 -24.20 -15.89
N PRO C 468 31.61 -22.99 -15.39
CA PRO C 468 32.27 -21.76 -15.87
C PRO C 468 33.79 -21.75 -15.84
N VAL C 469 34.41 -22.69 -15.15
CA VAL C 469 35.78 -22.55 -14.73
C VAL C 469 36.60 -23.78 -15.14
N VAL C 470 35.94 -24.77 -15.73
CA VAL C 470 36.61 -25.60 -16.71
C VAL C 470 36.48 -25.00 -18.08
N ILE C 471 35.48 -24.13 -18.26
CA ILE C 471 35.26 -23.51 -19.55
C ILE C 471 36.47 -22.69 -19.98
N LEU C 472 36.78 -21.65 -19.21
CA LEU C 472 37.70 -20.61 -19.66
C LEU C 472 39.10 -21.11 -19.93
N TYR C 473 39.47 -22.25 -19.34
CA TYR C 473 40.81 -22.76 -19.54
C TYR C 473 41.03 -23.07 -20.99
N PHE C 474 39.98 -23.51 -21.67
CA PHE C 474 40.01 -23.62 -23.10
C PHE C 474 39.84 -22.24 -23.73
N GLU C 475 40.24 -22.13 -24.99
CA GLU C 475 40.26 -20.84 -25.65
C GLU C 475 38.84 -20.32 -25.89
N PRO C 476 38.61 -19.01 -25.88
CA PRO C 476 37.28 -18.50 -26.19
C PRO C 476 36.97 -18.61 -27.67
N SER C 477 35.71 -18.94 -27.98
CA SER C 477 35.20 -19.05 -29.34
C SER C 477 33.71 -18.72 -29.32
N THR C 478 33.01 -19.06 -30.39
CA THR C 478 31.56 -18.98 -30.38
C THR C 478 30.98 -19.86 -29.29
N PHE C 479 31.21 -21.17 -29.43
CA PHE C 479 30.58 -22.18 -28.62
C PHE C 479 30.73 -21.96 -27.12
N ARG C 480 31.74 -21.20 -26.72
CA ARG C 480 32.11 -21.15 -25.32
C ARG C 480 31.13 -20.30 -24.54
N CYS C 481 30.98 -19.04 -24.94
CA CYS C 481 30.18 -18.10 -24.20
C CYS C 481 28.71 -18.55 -24.17
N ILE C 482 28.29 -19.21 -25.22
CA ILE C 482 26.92 -19.69 -25.30
C ILE C 482 26.67 -20.76 -24.24
N LEU C 483 27.54 -21.75 -24.21
CA LEU C 483 27.37 -22.80 -23.24
C LEU C 483 27.48 -22.28 -21.84
N LEU C 484 28.34 -21.29 -21.66
CA LEU C 484 28.40 -20.61 -20.37
C LEU C 484 27.02 -20.18 -19.94
N ARG C 485 26.29 -19.50 -20.82
CA ARG C 485 25.02 -18.96 -20.36
C ARG C 485 24.01 -20.08 -20.14
N TRP C 486 24.05 -21.12 -20.98
CA TRP C 486 23.23 -22.32 -20.73
C TRP C 486 23.44 -22.81 -19.32
N ALA C 487 24.69 -23.10 -18.99
CA ALA C 487 24.99 -23.84 -17.79
C ALA C 487 24.68 -23.01 -16.57
N ARG C 488 25.10 -21.75 -16.61
CA ARG C 488 24.79 -20.81 -15.56
C ARG C 488 23.32 -20.84 -15.20
N LEU C 489 22.47 -20.52 -16.17
CA LEU C 489 21.07 -20.28 -15.83
C LEU C 489 20.37 -21.57 -15.39
N LEU C 490 20.65 -22.68 -16.07
CA LEU C 490 20.15 -23.95 -15.58
C LEU C 490 20.53 -24.16 -14.14
N GLY C 491 21.81 -24.02 -13.83
CA GLY C 491 22.26 -24.25 -12.48
C GLY C 491 21.53 -23.35 -11.51
N PHE C 492 21.30 -22.12 -11.92
CA PHE C 492 20.83 -21.11 -11.02
C PHE C 492 19.44 -21.39 -10.57
N ALA C 493 18.56 -21.62 -11.54
CA ALA C 493 17.18 -21.89 -11.17
C ALA C 493 17.11 -23.20 -10.42
N THR C 494 17.72 -24.25 -10.96
CA THR C 494 17.53 -25.55 -10.36
C THR C 494 18.31 -25.72 -9.08
N VAL C 495 18.89 -24.66 -8.56
CA VAL C 495 19.35 -24.60 -7.18
C VAL C 495 18.52 -23.64 -6.32
N TYR C 496 18.61 -22.33 -6.60
CA TYR C 496 17.98 -21.38 -5.69
C TYR C 496 16.47 -21.44 -5.78
N GLY C 497 15.93 -21.69 -6.97
CA GLY C 497 14.51 -21.74 -7.12
C GLY C 497 13.88 -22.80 -6.25
N THR C 498 14.31 -24.05 -6.42
CA THR C 498 13.68 -25.15 -5.69
C THR C 498 13.85 -24.96 -4.21
N VAL C 499 14.97 -24.37 -3.80
CA VAL C 499 15.17 -24.11 -2.39
C VAL C 499 14.07 -23.18 -1.86
N THR C 500 13.90 -22.05 -2.53
CA THR C 500 12.86 -21.09 -2.15
C THR C 500 11.48 -21.76 -2.08
N LEU C 501 11.20 -22.68 -3.00
CA LEU C 501 9.85 -23.26 -3.02
C LEU C 501 9.66 -24.29 -1.92
N LYS C 502 10.71 -25.02 -1.57
CA LYS C 502 10.68 -25.83 -0.36
C LYS C 502 10.21 -25.02 0.80
N LEU C 503 10.77 -23.83 0.94
CA LEU C 503 10.37 -23.02 2.07
C LEU C 503 8.89 -22.63 1.98
N HIS C 504 8.40 -22.36 0.78
CA HIS C 504 6.98 -22.06 0.63
C HIS C 504 6.14 -23.23 1.16
N ARG C 505 6.56 -24.45 0.85
CA ARG C 505 5.87 -25.63 1.33
C ARG C 505 5.83 -25.67 2.83
N VAL C 506 6.94 -25.31 3.46
CA VAL C 506 6.95 -25.25 4.92
C VAL C 506 5.78 -24.44 5.42
N LEU C 507 5.64 -23.23 4.89
CA LEU C 507 4.58 -22.38 5.41
C LEU C 507 3.23 -23.07 5.22
N LYS C 508 2.98 -23.59 4.02
CA LYS C 508 1.66 -24.17 3.77
C LYS C 508 1.38 -25.41 4.58
N VAL C 509 2.39 -26.22 4.86
CA VAL C 509 2.11 -27.43 5.62
C VAL C 509 1.72 -27.01 7.01
N PHE C 510 2.35 -25.94 7.49
CA PHE C 510 2.07 -25.43 8.82
C PHE C 510 0.57 -25.20 9.01
N LEU C 511 0.01 -24.29 8.21
CA LEU C 511 -1.41 -23.97 8.29
C LEU C 511 -2.24 -25.21 8.02
N SER C 512 -1.86 -25.97 6.98
CA SER C 512 -2.58 -27.18 6.62
C SER C 512 -2.67 -27.99 7.91
N ARG C 513 -1.53 -28.23 8.53
CA ARG C 513 -1.48 -28.99 9.78
C ARG C 513 -2.17 -28.39 11.00
N THR C 514 -2.23 -27.07 11.05
CA THR C 514 -2.86 -26.37 12.16
C THR C 514 -4.36 -26.64 12.04
N ALA C 515 -4.87 -26.56 10.81
CA ALA C 515 -6.30 -26.79 10.53
C ALA C 515 -6.78 -28.24 10.50
N GLN C 516 -6.28 -29.02 9.53
CA GLN C 516 -6.67 -30.45 9.40
C GLN C 516 -5.51 -31.15 8.69
N ARG C 517 -4.70 -31.91 9.45
CA ARG C 517 -3.54 -32.63 8.87
C ARG C 517 -4.19 -33.41 7.73
N ILE C 518 -3.90 -33.03 6.48
CA ILE C 518 -4.46 -33.72 5.30
C ILE C 518 -3.45 -33.54 4.16
N PRO C 519 -2.17 -33.42 4.51
CA PRO C 519 -1.07 -33.37 3.50
C PRO C 519 -1.36 -32.30 2.46
N TYR C 520 -1.42 -31.03 2.89
CA TYR C 520 -1.70 -29.89 1.97
C TYR C 520 -0.72 -29.93 0.80
N MET C 521 0.57 -29.77 1.08
CA MET C 521 1.62 -29.78 0.01
C MET C 521 2.52 -31.01 0.21
N THR C 522 2.88 -31.68 -0.89
CA THR C 522 3.73 -32.86 -0.83
C THR C 522 4.93 -32.64 -1.75
N GLY C 523 5.91 -33.52 -1.64
CA GLY C 523 7.03 -33.55 -2.55
C GLY C 523 6.61 -33.79 -3.99
N GLY C 524 5.45 -34.41 -4.18
CA GLY C 524 4.88 -34.45 -5.50
C GLY C 524 4.49 -33.11 -6.07
N ARG C 525 4.34 -32.09 -5.22
CA ARG C 525 3.89 -30.79 -5.70
C ARG C 525 5.06 -29.93 -6.19
N VAL C 526 6.25 -30.16 -5.64
CA VAL C 526 7.41 -29.31 -5.92
C VAL C 526 7.73 -29.29 -7.41
N MET C 527 8.00 -30.47 -7.96
CA MET C 527 8.45 -30.60 -9.33
C MET C 527 7.58 -29.85 -10.33
N ARG C 528 6.29 -29.75 -10.07
CA ARG C 528 5.44 -29.04 -11.01
C ARG C 528 5.76 -27.56 -11.02
N MET C 529 5.79 -26.93 -9.87
CA MET C 529 6.20 -25.54 -9.78
C MET C 529 7.70 -25.37 -9.94
N LEU C 530 8.41 -26.42 -10.35
CA LEU C 530 9.75 -26.33 -10.94
C LEU C 530 9.74 -26.25 -12.45
N ALA C 531 8.99 -27.16 -13.08
CA ALA C 531 9.06 -27.30 -14.53
C ALA C 531 8.65 -26.03 -15.23
N VAL C 532 7.70 -25.30 -14.64
CA VAL C 532 7.31 -23.99 -15.13
C VAL C 532 8.54 -23.12 -15.37
N ILE C 533 9.36 -22.99 -14.34
CA ILE C 533 10.51 -22.10 -14.41
C ILE C 533 11.52 -22.63 -15.40
N LEU C 534 11.80 -23.92 -15.32
CA LEU C 534 12.66 -24.55 -16.30
C LEU C 534 12.24 -24.19 -17.72
N LEU C 535 10.93 -24.17 -17.97
CA LEU C 535 10.44 -23.90 -19.30
C LEU C 535 10.74 -22.48 -19.73
N VAL C 536 10.30 -21.54 -18.90
CA VAL C 536 10.50 -20.12 -19.17
C VAL C 536 11.94 -19.87 -19.59
N VAL C 537 12.85 -20.39 -18.80
CA VAL C 537 14.25 -20.14 -19.06
C VAL C 537 14.66 -20.79 -20.37
N PHE C 538 14.02 -21.89 -20.72
CA PHE C 538 14.32 -22.48 -22.01
C PHE C 538 13.94 -21.55 -23.15
N TRP C 539 12.77 -20.95 -23.06
CA TRP C 539 12.33 -20.08 -24.15
C TRP C 539 13.28 -18.89 -24.28
N PHE C 540 13.81 -18.44 -23.15
CA PHE C 540 14.72 -17.29 -23.13
C PHE C 540 16.00 -17.62 -23.83
N LEU C 541 16.64 -18.71 -23.41
CA LEU C 541 17.87 -19.11 -24.05
C LEU C 541 17.65 -19.22 -25.54
N ILE C 542 16.48 -19.70 -25.92
CA ILE C 542 16.22 -19.87 -27.34
C ILE C 542 16.21 -18.50 -28.01
N GLY C 543 15.73 -17.50 -27.30
CA GLY C 543 15.74 -16.15 -27.86
C GLY C 543 17.12 -15.65 -28.18
N TRP C 544 17.91 -15.49 -27.14
CA TRP C 544 19.30 -15.07 -27.28
C TRP C 544 20.05 -15.92 -28.30
N THR C 545 19.97 -17.23 -28.10
CA THR C 545 20.70 -18.16 -28.92
C THR C 545 20.27 -18.04 -30.37
N SER C 546 19.03 -17.64 -30.58
CA SER C 546 18.55 -17.48 -31.93
C SER C 546 19.14 -16.26 -32.56
N SER C 547 19.16 -15.14 -31.82
CA SER C 547 19.68 -13.89 -32.38
C SER C 547 21.06 -14.11 -32.92
N VAL C 548 21.89 -14.77 -32.13
CA VAL C 548 23.21 -15.13 -32.61
C VAL C 548 23.12 -16.05 -33.80
N CYS C 549 22.55 -17.22 -33.60
CA CYS C 549 22.75 -18.31 -34.53
C CYS C 549 22.11 -18.06 -35.88
N GLN C 550 21.26 -17.04 -36.01
CA GLN C 550 20.55 -16.75 -37.24
C GLN C 550 20.93 -15.42 -37.84
N ASN C 551 21.45 -14.47 -37.05
CA ASN C 551 21.81 -13.17 -37.62
C ASN C 551 23.30 -12.90 -37.57
N LEU C 552 23.90 -12.82 -36.39
CA LEU C 552 25.25 -12.31 -36.23
C LEU C 552 26.28 -13.42 -36.02
N GLU C 553 25.98 -14.62 -36.52
CA GLU C 553 26.90 -15.74 -36.45
C GLU C 553 28.13 -15.53 -37.28
N LYS C 554 27.95 -15.17 -38.50
CA LYS C 554 28.91 -15.08 -39.58
C LYS C 554 28.88 -13.74 -40.25
N GLN C 555 27.72 -13.08 -40.25
CA GLN C 555 27.52 -11.88 -41.03
C GLN C 555 28.40 -10.75 -40.53
N ILE C 556 28.15 -10.26 -39.32
CA ILE C 556 28.69 -8.97 -38.91
C ILE C 556 29.40 -8.94 -37.58
N SER C 557 28.99 -9.78 -36.63
CA SER C 557 29.53 -9.71 -35.27
C SER C 557 29.96 -11.08 -34.79
N LEU C 558 30.53 -11.08 -33.59
CA LEU C 558 31.21 -12.23 -33.05
C LEU C 558 31.40 -11.98 -31.57
N ILE C 559 32.04 -12.94 -30.90
CA ILE C 559 32.29 -12.84 -29.48
C ILE C 559 33.76 -13.02 -29.18
N GLY C 560 34.40 -13.97 -29.85
CA GLY C 560 35.82 -14.16 -29.67
C GLY C 560 36.37 -12.82 -30.10
N GLN C 561 36.98 -12.12 -29.15
CA GLN C 561 37.19 -10.69 -29.29
C GLN C 561 38.10 -10.18 -28.19
N GLY C 562 39.10 -9.37 -28.56
CA GLY C 562 40.03 -8.81 -27.61
C GLY C 562 40.16 -7.31 -27.60
N LYS C 563 40.61 -6.81 -26.46
CA LYS C 563 40.90 -5.40 -26.21
C LYS C 563 42.32 -5.30 -25.66
N THR C 564 42.68 -4.11 -25.17
CA THR C 564 44.06 -3.87 -24.74
C THR C 564 44.11 -3.03 -23.47
N SER C 565 45.16 -3.28 -22.68
CA SER C 565 45.32 -2.63 -21.38
C SER C 565 45.97 -1.25 -21.54
N ASP C 566 47.24 -1.24 -21.95
CA ASP C 566 47.93 -0.02 -22.35
C ASP C 566 48.32 -0.11 -23.82
N HIS C 567 49.04 -1.15 -24.22
CA HIS C 567 49.39 -1.38 -25.60
C HIS C 567 49.46 -2.87 -25.93
N LEU C 568 48.90 -3.73 -25.06
CA LEU C 568 49.06 -5.16 -25.15
C LEU C 568 47.71 -5.85 -25.25
N ILE C 569 47.74 -7.07 -25.78
CA ILE C 569 46.57 -7.71 -26.33
C ILE C 569 45.93 -8.59 -25.28
N PHE C 570 44.60 -8.74 -25.35
CA PHE C 570 43.93 -9.80 -24.63
C PHE C 570 42.56 -10.13 -25.20
N ASN C 571 42.31 -11.40 -25.51
CA ASN C 571 41.05 -11.87 -26.05
C ASN C 571 40.15 -12.43 -24.94
N MET C 572 38.87 -12.59 -25.26
CA MET C 572 37.89 -13.15 -24.34
C MET C 572 36.54 -13.26 -25.03
N CYS C 573 35.55 -13.76 -24.27
CA CYS C 573 34.16 -13.42 -24.50
C CYS C 573 33.87 -12.03 -23.93
N LEU C 574 32.64 -11.59 -24.10
CA LEU C 574 32.22 -10.25 -23.75
C LEU C 574 30.71 -10.20 -23.55
N ILE C 575 30.17 -8.99 -23.53
CA ILE C 575 28.83 -8.74 -23.02
C ILE C 575 27.95 -8.04 -24.06
N ASP C 576 26.68 -7.92 -23.72
CA ASP C 576 25.80 -6.86 -24.20
C ASP C 576 24.75 -6.63 -23.13
N ARG C 577 23.66 -5.97 -23.50
CA ARG C 577 22.65 -5.58 -22.53
C ARG C 577 21.95 -6.81 -21.91
N TRP C 578 22.07 -7.98 -22.56
CA TRP C 578 21.28 -9.11 -22.08
C TRP C 578 21.76 -9.60 -20.74
N ASP C 579 23.05 -9.72 -20.58
CA ASP C 579 23.57 -10.18 -19.32
C ASP C 579 23.18 -9.23 -18.20
N TYR C 580 23.03 -7.95 -18.52
CA TYR C 580 22.53 -7.01 -17.53
C TYR C 580 21.16 -7.45 -17.04
N MET C 581 20.24 -7.63 -17.99
CA MET C 581 18.87 -7.97 -17.59
C MET C 581 18.82 -9.30 -16.86
N THR C 582 19.68 -10.23 -17.26
CA THR C 582 19.82 -11.50 -16.57
C THR C 582 20.11 -11.30 -15.08
N ALA C 583 21.12 -10.50 -14.79
CA ALA C 583 21.49 -10.26 -13.41
C ALA C 583 20.32 -9.71 -12.64
N VAL C 584 19.63 -8.74 -13.23
CA VAL C 584 18.59 -8.06 -12.47
C VAL C 584 17.46 -9.02 -12.16
N ALA C 585 17.28 -10.01 -13.02
CA ALA C 585 16.27 -11.02 -12.73
C ALA C 585 16.68 -11.86 -11.54
N GLU C 586 17.93 -12.30 -11.51
CA GLU C 586 18.40 -13.12 -10.39
C GLU C 586 18.17 -12.41 -9.07
N PHE C 587 18.58 -11.14 -9.04
CA PHE C 587 18.33 -10.24 -7.92
C PHE C 587 16.89 -10.31 -7.45
N LEU C 588 15.93 -10.04 -8.34
CA LEU C 588 14.54 -9.98 -7.90
C LEU C 588 14.02 -11.32 -7.40
N PHE C 589 14.39 -12.38 -8.11
CA PHE C 589 13.98 -13.73 -7.72
C PHE C 589 14.36 -14.00 -6.27
N LEU C 590 15.64 -13.90 -5.95
CA LEU C 590 16.00 -14.12 -4.58
C LEU C 590 15.43 -13.09 -3.64
N LEU C 591 15.05 -11.93 -4.13
CA LEU C 591 14.36 -11.00 -3.25
C LEU C 591 13.07 -11.63 -2.73
N TRP C 592 12.35 -12.27 -3.64
CA TRP C 592 11.11 -12.92 -3.24
C TRP C 592 11.39 -14.03 -2.24
N GLY C 593 12.44 -14.77 -2.51
CA GLY C 593 12.83 -15.81 -1.58
C GLY C 593 13.16 -15.24 -0.21
N VAL C 594 13.66 -14.01 -0.16
CA VAL C 594 14.10 -13.48 1.11
C VAL C 594 12.89 -13.07 1.93
N TYR C 595 11.87 -12.53 1.27
CA TYR C 595 10.64 -12.22 1.99
C TYR C 595 10.09 -13.48 2.60
N LEU C 596 10.11 -14.55 1.82
CA LEU C 596 9.71 -15.83 2.36
C LEU C 596 10.50 -16.20 3.61
N CYS C 597 11.82 -16.11 3.55
CA CYS C 597 12.59 -16.49 4.74
C CYS C 597 12.66 -15.34 5.74
N TYR C 598 11.88 -14.30 5.52
CA TYR C 598 11.66 -13.30 6.55
C TYR C 598 10.52 -13.69 7.44
N ALA C 599 9.33 -13.88 6.86
CA ALA C 599 8.19 -14.15 7.73
C ALA C 599 8.37 -15.47 8.46
N VAL C 600 8.96 -16.44 7.79
CA VAL C 600 9.08 -17.78 8.33
C VAL C 600 10.29 -17.77 9.24
N ARG C 601 10.06 -17.39 10.49
CA ARG C 601 11.11 -17.07 11.42
C ARG C 601 10.80 -17.57 12.82
N THR C 602 9.70 -18.31 13.00
CA THR C 602 9.18 -18.56 14.33
C THR C 602 8.71 -19.99 14.54
N VAL C 603 8.73 -20.82 13.52
CA VAL C 603 8.20 -22.17 13.58
C VAL C 603 8.81 -22.96 14.72
N PRO C 604 8.05 -23.80 15.41
CA PRO C 604 8.67 -24.93 16.08
C PRO C 604 8.96 -26.01 15.06
N SER C 605 10.24 -26.15 14.72
CA SER C 605 10.64 -27.13 13.73
C SER C 605 11.85 -27.90 14.21
N ALA C 606 12.07 -29.02 13.56
CA ALA C 606 13.05 -29.99 14.00
C ALA C 606 14.47 -29.49 13.97
N PHE C 607 15.01 -29.24 12.78
CA PHE C 607 16.43 -29.04 12.61
C PHE C 607 16.83 -27.60 12.35
N HIS C 608 15.89 -26.66 12.38
CA HIS C 608 16.14 -25.25 12.07
C HIS C 608 16.79 -25.08 10.70
N GLU C 609 16.36 -25.89 9.73
CA GLU C 609 16.68 -25.67 8.33
C GLU C 609 16.57 -24.20 7.92
N PRO C 610 15.51 -23.49 8.29
CA PRO C 610 15.38 -22.06 7.99
C PRO C 610 16.61 -21.20 8.16
N ARG C 611 17.27 -21.25 9.31
CA ARG C 611 18.57 -20.62 9.47
C ARG C 611 19.44 -20.86 8.25
N TYR C 612 19.66 -22.12 7.95
CA TYR C 612 20.69 -22.56 7.02
C TYR C 612 20.35 -22.08 5.61
N MET C 613 19.16 -22.45 5.15
CA MET C 613 18.67 -22.00 3.87
C MET C 613 18.76 -20.48 3.73
N ALA C 614 18.11 -19.76 4.65
CA ALA C 614 17.99 -18.31 4.52
C ALA C 614 19.35 -17.65 4.43
N VAL C 615 20.36 -18.22 5.09
CA VAL C 615 21.66 -17.57 5.04
C VAL C 615 22.34 -17.84 3.71
N ALA C 616 22.19 -19.06 3.17
CA ALA C 616 22.66 -19.28 1.80
C ALA C 616 22.09 -18.25 0.86
N VAL C 617 20.79 -18.06 0.96
CA VAL C 617 20.09 -17.08 0.16
C VAL C 617 20.75 -15.71 0.25
N HIS C 618 20.85 -15.18 1.46
CA HIS C 618 21.38 -13.83 1.61
C HIS C 618 22.80 -13.72 1.09
N ASN C 619 23.65 -14.66 1.47
CA ASN C 619 25.02 -14.75 0.98
C ASN C 619 25.06 -14.61 -0.52
N GLU C 620 24.25 -15.42 -1.17
CA GLU C 620 24.29 -15.53 -2.61
C GLU C 620 23.92 -14.23 -3.27
N LEU C 621 22.82 -13.64 -2.81
CA LEU C 621 22.40 -12.36 -3.34
C LEU C 621 23.55 -11.36 -3.30
N ILE C 622 24.23 -11.29 -2.16
CA ILE C 622 25.29 -10.31 -1.99
C ILE C 622 26.42 -10.56 -2.98
N ILE C 623 27.02 -11.74 -2.88
CA ILE C 623 28.13 -12.14 -3.71
C ILE C 623 27.82 -11.90 -5.19
N SER C 624 26.57 -12.19 -5.59
CA SER C 624 26.23 -12.07 -6.99
C SER C 624 26.18 -10.62 -7.42
N ALA C 625 25.58 -9.76 -6.59
CA ALA C 625 25.57 -8.33 -6.88
C ALA C 625 26.98 -7.83 -7.12
N ILE C 626 27.89 -8.21 -6.25
CA ILE C 626 29.25 -7.69 -6.34
C ILE C 626 29.94 -8.19 -7.59
N PHE C 627 29.96 -9.51 -7.75
CA PHE C 627 30.56 -10.13 -8.93
C PHE C 627 30.11 -9.44 -10.19
N HIS C 628 28.80 -9.39 -10.39
CA HIS C 628 28.30 -8.87 -11.64
C HIS C 628 28.66 -7.40 -11.79
N THR C 629 28.65 -6.64 -10.69
CA THR C 629 28.93 -5.21 -10.81
C THR C 629 30.36 -4.99 -11.28
N ILE C 630 31.28 -5.73 -10.68
CA ILE C 630 32.68 -5.65 -11.09
C ILE C 630 32.83 -6.02 -12.54
N ARG C 631 32.35 -7.19 -12.92
CA ARG C 631 32.62 -7.66 -14.26
C ARG C 631 31.91 -6.82 -15.30
N PHE C 632 30.89 -6.07 -14.88
CA PHE C 632 30.12 -5.27 -15.83
C PHE C 632 30.51 -3.81 -15.74
N VAL C 633 31.53 -3.48 -14.97
CA VAL C 633 32.30 -2.26 -15.21
C VAL C 633 33.53 -2.56 -16.05
N LEU C 634 34.06 -3.77 -15.94
CA LEU C 634 35.47 -4.01 -16.18
C LEU C 634 35.71 -4.65 -17.54
N ALA C 635 34.95 -4.23 -18.56
CA ALA C 635 35.13 -4.76 -19.91
C ALA C 635 36.55 -4.60 -20.44
N SER C 636 37.34 -3.66 -19.91
CA SER C 636 38.57 -3.24 -20.56
C SER C 636 39.83 -3.66 -19.81
N ARG C 637 39.72 -4.00 -18.54
CA ARG C 637 40.88 -4.17 -17.67
C ARG C 637 40.98 -5.60 -17.18
N LEU C 638 40.86 -6.55 -18.10
CA LEU C 638 40.64 -7.94 -17.73
C LEU C 638 41.40 -8.85 -18.67
N GLN C 639 42.59 -9.24 -18.27
CA GLN C 639 43.15 -10.42 -18.89
C GLN C 639 42.38 -11.66 -18.43
N SER C 640 42.82 -12.79 -18.93
CA SER C 640 42.24 -14.07 -18.54
C SER C 640 42.39 -14.32 -17.05
N ASP C 641 43.60 -14.15 -16.53
CA ASP C 641 43.88 -14.46 -15.14
C ASP C 641 42.95 -13.75 -14.17
N TRP C 642 43.00 -12.40 -14.13
CA TRP C 642 42.19 -11.62 -13.20
C TRP C 642 40.73 -12.04 -13.21
N MET C 643 40.15 -12.23 -14.40
CA MET C 643 38.82 -12.79 -14.49
C MET C 643 38.72 -14.13 -13.81
N LEU C 644 39.54 -15.08 -14.26
CA LEU C 644 39.51 -16.44 -13.76
C LEU C 644 39.57 -16.48 -12.24
N MET C 645 40.32 -15.55 -11.65
CA MET C 645 40.18 -15.25 -10.24
C MET C 645 38.73 -15.03 -9.87
N LEU C 646 38.04 -14.16 -10.60
CA LEU C 646 36.71 -13.73 -10.23
C LEU C 646 35.72 -14.89 -10.31
N TYR C 647 35.78 -15.68 -11.38
CA TYR C 647 34.84 -16.79 -11.51
C TYR C 647 35.13 -17.86 -10.47
N PHE C 648 36.41 -18.11 -10.20
CA PHE C 648 36.79 -19.04 -9.13
C PHE C 648 36.17 -18.62 -7.81
N ALA C 649 36.25 -17.32 -7.51
CA ALA C 649 35.65 -16.79 -6.30
C ALA C 649 34.18 -17.15 -6.23
N HIS C 650 33.41 -16.62 -7.18
CA HIS C 650 31.96 -16.76 -7.16
C HIS C 650 31.55 -18.21 -7.01
N THR C 651 32.14 -19.08 -7.84
CA THR C 651 31.71 -20.47 -7.82
C THR C 651 32.03 -21.17 -6.50
N HIS C 652 33.28 -21.16 -6.03
CA HIS C 652 33.54 -21.97 -4.84
C HIS C 652 32.81 -21.41 -3.66
N LEU C 653 32.73 -20.09 -3.58
CA LEU C 653 31.93 -19.44 -2.56
C LEU C 653 30.52 -19.99 -2.45
N THR C 654 29.70 -19.83 -3.50
CA THR C 654 28.28 -20.05 -3.27
C THR C 654 27.99 -21.52 -3.44
N VAL C 655 28.72 -22.20 -4.31
CA VAL C 655 28.49 -23.62 -4.46
C VAL C 655 28.81 -24.35 -3.18
N THR C 656 30.02 -24.18 -2.67
CA THR C 656 30.40 -24.91 -1.48
C THR C 656 29.52 -24.53 -0.32
N VAL C 657 29.26 -23.23 -0.16
CA VAL C 657 28.34 -22.72 0.85
C VAL C 657 27.01 -23.46 0.83
N THR C 658 26.34 -23.52 -0.33
CA THR C 658 24.96 -23.94 -0.37
C THR C 658 24.85 -25.36 -0.84
N ILE C 659 25.98 -26.05 -0.93
CA ILE C 659 26.01 -27.45 -0.58
C ILE C 659 25.95 -27.61 0.93
N GLY C 660 26.91 -26.98 1.60
CA GLY C 660 27.25 -27.40 2.94
C GLY C 660 26.16 -27.09 3.92
N LEU C 661 25.70 -25.83 3.93
CA LEU C 661 24.78 -25.32 4.93
C LEU C 661 23.60 -26.24 5.13
N LEU C 662 23.12 -26.87 4.08
CA LEU C 662 21.99 -27.75 4.18
C LEU C 662 22.39 -29.19 4.29
N LEU C 663 23.31 -29.65 3.47
CA LEU C 663 23.64 -31.06 3.44
C LEU C 663 24.35 -31.54 4.70
N ILE C 664 25.47 -30.92 5.05
CA ILE C 664 26.38 -31.46 6.06
C ILE C 664 25.74 -31.59 7.44
N PRO C 665 25.06 -30.58 7.98
CA PRO C 665 24.48 -30.71 9.33
C PRO C 665 23.53 -31.88 9.47
N LYS C 666 23.10 -32.48 8.38
CA LYS C 666 22.26 -33.64 8.40
C LYS C 666 23.06 -34.93 8.53
N PHE C 667 24.27 -34.84 9.10
CA PHE C 667 24.88 -35.96 9.79
C PHE C 667 25.22 -35.67 11.24
N SER C 668 25.10 -34.41 11.68
CA SER C 668 25.32 -34.08 13.06
C SER C 668 24.06 -34.32 13.90
N ALA C 703 -14.15 3.88 20.56
CA ALA C 703 -13.72 4.94 21.45
C ALA C 703 -13.04 4.35 22.68
N TRP C 704 -11.91 4.92 23.09
CA TRP C 704 -11.16 4.45 24.26
C TRP C 704 -11.94 4.91 25.48
N SER C 705 -12.91 4.11 25.89
CA SER C 705 -13.89 4.58 26.84
C SER C 705 -14.24 3.44 27.79
N GLU C 706 -15.20 3.69 28.68
CA GLU C 706 -15.59 2.76 29.72
C GLU C 706 -17.02 2.28 29.56
N HIS C 707 -17.99 3.18 29.47
CA HIS C 707 -19.34 2.75 29.14
C HIS C 707 -19.39 2.18 27.74
N SER C 708 -18.94 2.98 26.78
CA SER C 708 -18.97 2.56 25.37
C SER C 708 -18.14 1.31 25.16
N LEU C 709 -16.87 1.34 25.57
CA LEU C 709 -15.99 0.20 25.34
C LEU C 709 -16.43 -0.99 26.17
N ASP C 710 -17.04 -0.72 27.33
CA ASP C 710 -17.53 -1.79 28.18
C ASP C 710 -18.62 -2.57 27.47
N PRO C 711 -19.68 -1.87 27.07
CA PRO C 711 -20.75 -2.49 26.31
C PRO C 711 -20.21 -3.07 25.01
N GLU C 712 -19.19 -2.46 24.44
CA GLU C 712 -18.64 -2.91 23.18
C GLU C 712 -18.00 -4.29 23.32
N ASP C 713 -17.01 -4.41 24.21
CA ASP C 713 -16.36 -5.68 24.45
C ASP C 713 -17.37 -6.72 24.94
N ILE C 714 -18.35 -6.26 25.73
CA ILE C 714 -19.38 -7.17 26.24
C ILE C 714 -20.19 -7.77 25.10
N ARG C 715 -20.76 -6.93 24.25
CA ARG C 715 -21.55 -7.40 23.13
C ARG C 715 -20.68 -8.18 22.15
N ASP C 716 -19.40 -7.83 22.08
CA ASP C 716 -18.48 -8.57 21.22
C ASP C 716 -18.37 -10.01 21.68
N GLU C 717 -18.07 -10.20 22.96
CA GLU C 717 -18.04 -11.54 23.51
C GLU C 717 -19.39 -12.23 23.35
N LEU C 718 -20.48 -11.47 23.51
CA LEU C 718 -21.82 -12.05 23.44
C LEU C 718 -22.11 -12.60 22.05
N LYS C 719 -21.85 -11.79 21.03
CA LYS C 719 -22.05 -12.20 19.65
C LYS C 719 -21.13 -13.36 19.32
N LYS C 720 -19.91 -13.33 19.86
CA LYS C 720 -18.99 -14.44 19.65
C LYS C 720 -19.57 -15.73 20.19
N LEU C 721 -20.11 -15.67 21.41
CA LEU C 721 -20.75 -16.83 22.02
C LEU C 721 -21.92 -17.34 21.17
N TYR C 722 -22.86 -16.46 20.85
CA TYR C 722 -24.06 -16.87 20.13
C TYR C 722 -23.72 -17.43 18.75
N ALA C 723 -22.76 -16.80 18.06
CA ALA C 723 -22.31 -17.32 16.77
C ALA C 723 -21.65 -18.68 16.92
N GLN C 724 -20.78 -18.83 17.91
CA GLN C 724 -20.22 -20.13 18.24
C GLN C 724 -21.33 -21.16 18.42
N LEU C 725 -22.43 -20.74 19.06
CA LEU C 725 -23.53 -21.66 19.33
C LEU C 725 -24.23 -22.08 18.04
N GLU C 726 -24.52 -21.11 17.17
CA GLU C 726 -25.18 -21.43 15.92
C GLU C 726 -24.31 -22.36 15.09
N ILE C 727 -23.01 -22.07 15.01
CA ILE C 727 -22.12 -22.94 14.27
C ILE C 727 -22.04 -24.31 14.91
N TYR C 728 -22.17 -24.36 16.24
CA TYR C 728 -22.23 -25.65 16.91
C TYR C 728 -23.47 -26.42 16.47
N LYS C 729 -24.60 -25.73 16.36
CA LYS C 729 -25.84 -26.37 15.92
C LYS C 729 -25.66 -26.97 14.53
N ARG C 730 -25.04 -26.22 13.63
CA ARG C 730 -24.75 -26.77 12.30
C ARG C 730 -23.76 -27.92 12.34
N LYS C 731 -22.73 -27.80 13.17
CA LYS C 731 -21.71 -28.85 13.26
C LYS C 731 -22.19 -30.13 13.91
N LYS C 732 -23.38 -30.10 14.51
CA LYS C 732 -23.93 -31.33 15.07
C LYS C 732 -23.70 -32.55 14.19
N MET C 733 -24.08 -32.44 12.93
CA MET C 733 -23.87 -33.54 11.99
C MET C 733 -22.64 -33.32 11.15
N ILE C 734 -22.22 -32.06 11.02
CA ILE C 734 -21.06 -31.76 10.18
C ILE C 734 -19.76 -32.24 10.80
N THR C 735 -19.64 -32.15 12.12
CA THR C 735 -18.45 -32.67 12.79
C THR C 735 -18.59 -34.16 13.04
N ASN C 736 -18.87 -34.92 11.99
CA ASN C 736 -18.99 -36.37 12.11
C ASN C 736 -17.66 -37.07 12.36
N ASN C 737 -16.57 -36.32 12.55
CA ASN C 737 -15.27 -36.93 12.73
C ASN C 737 -15.01 -37.77 13.97
N PRO C 738 -15.88 -37.71 14.98
CA PRO C 738 -15.61 -38.37 16.25
C PRO C 738 -16.89 -39.01 16.75
N HIS C 739 -16.84 -39.50 17.99
CA HIS C 739 -17.89 -40.34 18.55
C HIS C 739 -19.12 -39.51 18.90
N LEU C 740 -20.26 -40.18 18.98
CA LEU C 740 -21.53 -39.52 19.26
C LEU C 740 -21.64 -39.03 20.69
N GLN C 741 -21.55 -39.93 21.68
CA GLN C 741 -21.67 -39.50 23.07
C GLN C 741 -20.58 -38.51 23.43
N LYS C 742 -19.36 -38.75 22.97
CA LYS C 742 -18.31 -37.74 23.09
C LYS C 742 -18.75 -36.44 22.44
N LYS C 743 -19.24 -36.51 21.20
CA LYS C 743 -19.90 -35.34 20.62
C LYS C 743 -21.08 -34.92 21.47
N ARG C 744 -21.81 -35.89 22.04
CA ARG C 744 -22.92 -35.59 22.91
C ARG C 744 -22.46 -34.81 24.13
N CYS C 745 -21.41 -35.31 24.80
CA CYS C 745 -20.90 -34.62 25.97
C CYS C 745 -20.41 -33.23 25.64
N SER C 746 -19.65 -33.09 24.55
CA SER C 746 -19.15 -31.79 24.16
C SER C 746 -20.29 -30.83 23.87
N LYS C 747 -21.28 -31.28 23.09
CA LYS C 747 -22.42 -30.46 22.76
C LYS C 747 -23.19 -30.06 24.01
N LYS C 748 -23.35 -31.00 24.93
CA LYS C 748 -24.09 -30.72 26.16
C LYS C 748 -23.36 -29.67 27.00
N GLY C 749 -22.05 -29.85 27.19
CA GLY C 749 -21.28 -28.91 27.98
C GLY C 749 -21.30 -27.53 27.34
N LEU C 750 -21.14 -27.47 26.02
CA LEU C 750 -21.18 -26.20 25.33
C LEU C 750 -22.53 -25.52 25.52
N GLY C 751 -23.61 -26.27 25.31
CA GLY C 751 -24.95 -25.71 25.45
C GLY C 751 -25.18 -25.20 26.86
N ARG C 752 -24.72 -25.97 27.86
CA ARG C 752 -24.93 -25.57 29.23
C ARG C 752 -24.19 -24.28 29.55
N SER C 753 -22.88 -24.25 29.25
CA SER C 753 -22.10 -23.06 29.53
C SER C 753 -22.62 -21.87 28.74
N ILE C 754 -23.13 -22.11 27.54
CA ILE C 754 -23.61 -21.02 26.71
C ILE C 754 -24.90 -20.44 27.26
N MET C 755 -25.84 -21.31 27.64
CA MET C 755 -27.06 -20.82 28.25
C MET C 755 -26.75 -20.12 29.57
N ARG C 756 -25.77 -20.61 30.31
CA ARG C 756 -25.37 -19.94 31.53
C ARG C 756 -24.85 -18.55 31.24
N ARG C 757 -23.93 -18.43 30.28
CA ARG C 757 -23.39 -17.13 29.92
C ARG C 757 -24.49 -16.21 29.41
N ILE C 758 -25.45 -16.76 28.69
CA ILE C 758 -26.56 -15.94 28.20
C ILE C 758 -27.39 -15.40 29.36
N THR C 759 -27.85 -16.28 30.24
CA THR C 759 -28.66 -15.86 31.37
C THR C 759 -27.90 -14.91 32.28
N GLU C 760 -26.58 -15.00 32.32
CA GLU C 760 -25.79 -14.02 33.04
C GLU C 760 -25.70 -12.69 32.30
N ILE C 761 -25.59 -12.73 30.98
CA ILE C 761 -25.57 -11.49 30.21
C ILE C 761 -26.92 -10.80 30.34
N PRO C 762 -27.96 -11.59 30.57
CA PRO C 762 -29.31 -11.04 30.71
C PRO C 762 -29.47 -10.44 32.10
N GLU C 763 -28.67 -10.89 33.05
CA GLU C 763 -28.74 -10.37 34.40
C GLU C 763 -27.76 -9.20 34.58
N ALA D 71 30.60 35.81 -72.20
CA ALA D 71 31.84 36.08 -72.93
C ALA D 71 31.98 35.13 -74.12
N GLN D 72 32.28 33.86 -73.81
CA GLN D 72 32.37 32.86 -74.86
C GLN D 72 31.07 32.75 -75.66
N LYS D 73 29.93 32.85 -74.96
CA LYS D 73 28.64 32.79 -75.65
C LYS D 73 28.45 33.97 -76.58
N LEU D 74 28.66 35.19 -76.09
CA LEU D 74 28.55 36.37 -76.95
C LEU D 74 29.64 36.37 -78.00
N ALA D 75 30.76 35.69 -77.74
CA ALA D 75 31.89 35.64 -78.66
C ALA D 75 31.65 34.66 -79.80
N GLU D 76 30.48 34.01 -79.86
CA GLU D 76 30.15 33.11 -80.95
C GLU D 76 29.60 33.85 -82.16
N GLU D 77 29.13 35.09 -81.96
CA GLU D 77 28.63 35.93 -83.06
C GLU D 77 29.82 36.67 -83.66
N VAL D 78 30.79 35.90 -84.12
CA VAL D 78 32.08 36.42 -84.58
C VAL D 78 32.21 36.38 -86.08
N PRO D 79 31.97 35.22 -86.68
CA PRO D 79 32.30 34.97 -88.08
C PRO D 79 31.09 34.39 -88.78
N MET D 80 30.51 35.20 -89.67
CA MET D 80 29.37 34.81 -90.47
C MET D 80 29.82 33.99 -91.68
N ASP D 81 28.99 33.02 -92.08
CA ASP D 81 29.36 32.02 -93.08
C ASP D 81 30.58 31.22 -92.64
N VAL D 82 30.83 31.18 -91.34
CA VAL D 82 31.92 30.43 -90.74
C VAL D 82 31.45 29.63 -89.53
N ALA D 83 30.30 30.01 -88.96
CA ALA D 83 29.76 29.29 -87.81
C ALA D 83 29.51 27.82 -88.16
N SER D 84 29.23 27.53 -89.42
CA SER D 84 29.25 26.15 -89.88
C SER D 84 30.65 25.59 -89.80
N TYR D 85 31.65 26.41 -90.11
CA TYR D 85 33.03 26.01 -89.97
C TYR D 85 33.50 26.16 -88.52
N LEU D 86 32.79 26.97 -87.73
CA LEU D 86 33.15 27.15 -86.33
C LEU D 86 32.42 26.16 -85.44
N TYR D 87 31.09 26.19 -85.42
CA TYR D 87 30.29 25.36 -84.52
C TYR D 87 30.03 23.99 -85.11
N THR D 88 29.58 23.93 -86.35
CA THR D 88 29.41 22.65 -87.01
C THR D 88 30.73 22.11 -87.54
N GLY D 89 31.67 23.00 -87.86
CA GLY D 89 32.93 22.62 -88.48
C GLY D 89 32.65 21.86 -89.77
N ASP D 90 31.85 22.50 -90.59
CA ASP D 90 31.04 21.84 -91.60
C ASP D 90 31.34 22.42 -92.98
N SER D 91 30.83 21.72 -93.99
CA SER D 91 31.00 22.12 -95.38
C SER D 91 30.02 23.20 -95.82
N HIS D 92 29.11 23.61 -94.96
CA HIS D 92 28.25 24.76 -95.29
C HIS D 92 29.08 26.02 -95.41
N GLN D 93 29.98 26.23 -94.44
CA GLN D 93 30.91 27.35 -94.51
C GLN D 93 32.13 27.02 -95.36
N LEU D 94 32.24 25.77 -95.84
CA LEU D 94 33.45 25.33 -96.56
C LEU D 94 33.17 24.96 -98.01
N LYS D 95 32.26 24.02 -98.28
CA LYS D 95 32.04 23.58 -99.65
C LYS D 95 31.43 24.70 -100.49
N ARG D 96 30.61 25.55 -99.87
CA ARG D 96 30.00 26.66 -100.59
C ARG D 96 29.81 27.81 -99.60
N ALA D 97 30.83 28.66 -99.49
CA ALA D 97 30.71 29.89 -98.72
C ALA D 97 31.90 30.77 -99.11
N ASN D 98 31.62 31.94 -99.68
CA ASN D 98 32.66 32.85 -100.13
C ASN D 98 33.34 33.45 -98.93
N CYS D 99 34.64 33.16 -98.78
CA CYS D 99 35.41 33.61 -97.62
C CYS D 99 36.18 34.86 -97.96
N SER D 100 37.04 34.78 -98.98
CA SER D 100 37.90 35.89 -99.40
C SER D 100 38.69 36.45 -98.20
N GLY D 101 39.24 35.52 -97.42
CA GLY D 101 39.99 35.89 -96.24
C GLY D 101 40.28 34.70 -95.36
N ARG D 102 41.49 34.65 -94.83
CA ARG D 102 41.94 33.54 -93.99
C ARG D 102 41.48 33.80 -92.56
N TYR D 103 41.26 32.73 -91.80
CA TYR D 103 40.87 32.84 -90.41
C TYR D 103 41.99 33.44 -89.58
N GLU D 104 41.72 33.67 -88.29
CA GLU D 104 42.73 34.21 -87.40
C GLU D 104 42.39 33.87 -85.96
N LEU D 105 43.15 32.95 -85.37
CA LEU D 105 43.08 32.70 -83.94
C LEU D 105 44.10 33.52 -83.18
N ALA D 106 43.75 34.79 -82.94
CA ALA D 106 44.51 35.68 -82.06
C ALA D 106 43.65 36.07 -80.87
N GLY D 107 42.99 35.06 -80.29
CA GLY D 107 41.87 35.26 -79.40
C GLY D 107 40.75 34.29 -79.65
N LEU D 108 40.64 33.74 -80.87
CA LEU D 108 39.74 32.62 -81.10
C LEU D 108 40.30 31.33 -80.52
N PRO D 109 41.55 31.35 -80.07
CA PRO D 109 42.10 30.25 -79.31
C PRO D 109 41.76 30.51 -77.86
N GLY D 110 42.48 29.82 -76.98
CA GLY D 110 42.26 29.99 -75.57
C GLY D 110 42.91 31.31 -75.20
N LYS D 111 43.01 31.55 -73.90
CA LYS D 111 43.83 32.66 -73.45
C LYS D 111 45.12 32.97 -74.20
N TRP D 112 45.98 31.95 -74.30
CA TRP D 112 46.99 31.86 -75.35
C TRP D 112 47.21 30.46 -74.81
N PRO D 113 47.68 29.54 -75.66
CA PRO D 113 47.82 28.16 -75.23
C PRO D 113 49.33 28.15 -75.37
N ALA D 114 49.85 28.75 -76.44
CA ALA D 114 51.29 29.00 -76.59
C ALA D 114 52.10 27.71 -76.52
N LEU D 115 51.48 26.59 -76.89
CA LEU D 115 52.03 25.25 -76.69
C LEU D 115 52.31 24.97 -75.22
N ALA D 116 51.60 25.67 -74.32
CA ALA D 116 51.50 25.24 -72.94
C ALA D 116 50.37 24.23 -72.77
N SER D 117 49.27 24.39 -73.50
CA SER D 117 48.27 23.35 -73.71
C SER D 117 48.61 22.78 -75.08
N ALA D 118 49.42 21.73 -75.10
CA ALA D 118 50.14 21.33 -76.30
C ALA D 118 49.82 19.90 -76.68
N HIS D 119 49.58 19.71 -77.98
CA HIS D 119 49.82 18.42 -78.58
C HIS D 119 51.34 18.23 -78.70
N PRO D 120 51.81 17.01 -78.88
CA PRO D 120 53.26 16.84 -79.03
C PRO D 120 53.75 17.47 -80.32
N SER D 121 52.88 17.45 -81.33
CA SER D 121 53.22 17.95 -82.66
C SER D 121 53.73 19.38 -82.62
N LEU D 122 53.20 20.17 -81.69
CA LEU D 122 53.75 21.49 -81.45
C LEU D 122 55.22 21.39 -81.10
N HIS D 123 55.54 20.45 -80.24
CA HIS D 123 56.91 20.28 -79.79
C HIS D 123 57.79 19.81 -80.95
N ARG D 124 57.24 18.96 -81.80
CA ARG D 124 57.99 18.44 -82.94
C ARG D 124 58.31 19.57 -83.91
N ALA D 125 57.30 20.38 -84.19
CA ALA D 125 57.45 21.51 -85.08
C ALA D 125 58.50 22.48 -84.54
N LEU D 126 58.37 22.84 -83.27
CA LEU D 126 59.32 23.76 -82.66
C LEU D 126 60.72 23.17 -82.64
N ASP D 127 60.81 21.83 -82.55
CA ASP D 127 62.12 21.20 -82.56
C ASP D 127 62.81 21.39 -83.89
N THR D 128 62.12 21.04 -84.97
CA THR D 128 62.71 21.19 -86.30
C THR D 128 63.01 22.65 -86.58
N LEU D 129 62.08 23.53 -86.18
CA LEU D 129 62.29 24.96 -86.23
C LEU D 129 63.62 25.35 -85.62
N THR D 130 63.81 25.00 -84.35
CA THR D 130 64.96 25.49 -83.62
C THR D 130 66.24 24.89 -84.18
N HIS D 131 66.18 23.65 -84.66
CA HIS D 131 67.35 23.07 -85.31
C HIS D 131 67.76 23.90 -86.52
N ALA D 132 66.82 24.14 -87.43
CA ALA D 132 67.14 24.93 -88.61
C ALA D 132 67.57 26.34 -88.24
N THR D 133 66.97 26.89 -87.19
CA THR D 133 67.24 28.24 -86.76
C THR D 133 68.68 28.38 -86.25
N ASN D 134 69.10 27.47 -85.38
CA ASN D 134 70.47 27.49 -84.92
C ASN D 134 71.42 27.25 -86.08
N PHE D 135 71.05 26.34 -86.99
CA PHE D 135 71.89 26.03 -88.14
C PHE D 135 72.18 27.29 -88.95
N LEU D 136 71.13 27.98 -89.37
CA LEU D 136 71.34 29.16 -90.21
C LEU D 136 71.96 30.30 -89.43
N ASN D 137 71.68 30.40 -88.13
CA ASN D 137 72.23 31.50 -87.35
C ASN D 137 73.73 31.38 -87.20
N VAL D 138 74.20 30.21 -86.76
CA VAL D 138 75.63 30.00 -86.64
C VAL D 138 76.28 30.04 -88.02
N MET D 139 75.59 29.56 -89.05
CA MET D 139 76.15 29.60 -90.39
C MET D 139 76.29 31.03 -90.89
N LEU D 140 75.27 31.85 -90.68
CA LEU D 140 75.37 33.26 -91.01
C LEU D 140 76.29 34.01 -90.05
N GLN D 141 76.40 33.52 -88.82
CA GLN D 141 77.36 34.07 -87.87
C GLN D 141 78.79 33.70 -88.22
N SER D 142 79.00 32.85 -89.22
CA SER D 142 80.34 32.63 -89.74
C SER D 142 80.93 33.95 -90.20
N ASN D 143 82.22 34.14 -89.91
CA ASN D 143 82.86 35.42 -90.16
C ASN D 143 82.92 35.71 -91.64
N LYS D 144 82.97 37.00 -91.97
CA LYS D 144 83.03 37.47 -93.35
C LYS D 144 81.82 36.98 -94.14
N SER D 145 80.65 37.43 -93.71
CA SER D 145 79.41 37.10 -94.40
C SER D 145 79.48 37.62 -95.83
N ARG D 146 79.59 36.68 -96.78
CA ARG D 146 79.91 37.05 -98.15
C ARG D 146 78.71 37.59 -98.90
N GLU D 147 77.50 37.21 -98.49
CA GLU D 147 76.29 37.43 -99.29
C GLU D 147 76.46 36.76 -100.66
N GLN D 148 77.11 35.61 -100.66
CA GLN D 148 77.43 34.89 -101.89
C GLN D 148 76.27 34.01 -102.32
N ASN D 149 75.20 34.68 -102.76
CA ASN D 149 74.01 34.02 -103.27
C ASN D 149 74.11 33.70 -104.75
N LEU D 150 75.33 33.64 -105.30
CA LEU D 150 75.53 33.52 -106.74
C LEU D 150 75.78 32.07 -107.18
N GLN D 151 76.78 31.43 -106.59
CA GLN D 151 77.24 30.15 -107.13
C GLN D 151 76.30 29.01 -106.77
N ASP D 152 76.21 28.67 -105.49
CA ASP D 152 75.43 27.53 -105.04
C ASP D 152 74.63 27.77 -103.77
N ASP D 153 74.80 28.91 -103.09
CA ASP D 153 74.09 29.14 -101.83
C ASP D 153 72.58 29.08 -102.05
N LEU D 154 72.12 29.52 -103.22
CA LEU D 154 70.73 29.31 -103.59
C LEU D 154 70.35 27.83 -103.57
N ASP D 155 71.23 26.95 -104.07
CA ASP D 155 70.95 25.53 -103.99
C ASP D 155 70.89 25.05 -102.55
N TRP D 156 71.76 25.60 -101.68
CA TRP D 156 71.72 25.23 -100.28
C TRP D 156 70.38 25.59 -99.66
N TYR D 157 69.90 26.81 -99.91
CA TYR D 157 68.64 27.24 -99.32
C TYR D 157 67.47 26.46 -99.92
N GLN D 158 67.56 26.13 -101.21
CA GLN D 158 66.48 25.41 -101.86
C GLN D 158 66.37 24.00 -101.32
N ALA D 159 67.49 23.26 -101.30
CA ALA D 159 67.50 21.94 -100.68
C ALA D 159 67.10 22.00 -99.22
N LEU D 160 67.48 23.06 -98.52
CA LEU D 160 67.11 23.23 -97.13
C LEU D 160 65.60 23.31 -96.96
N VAL D 161 64.93 24.16 -97.73
CA VAL D 161 63.48 24.30 -97.61
C VAL D 161 62.76 23.06 -98.12
N TRP D 162 63.35 22.38 -99.12
CA TRP D 162 62.78 21.11 -99.57
C TRP D 162 62.75 20.10 -98.44
N SER D 163 63.91 19.85 -97.83
CA SER D 163 63.99 18.95 -96.69
C SER D 163 63.12 19.44 -95.55
N LEU D 164 62.98 20.76 -95.42
CA LEU D 164 62.18 21.35 -94.35
C LEU D 164 60.71 20.95 -94.48
N LEU D 165 60.07 21.35 -95.57
CA LEU D 165 58.65 21.03 -95.72
C LEU D 165 58.45 19.52 -95.90
N GLU D 166 59.48 18.82 -96.39
CA GLU D 166 59.42 17.37 -96.47
C GLU D 166 59.49 16.70 -95.10
N GLY D 167 59.89 17.43 -94.07
CA GLY D 167 60.00 16.85 -92.75
C GLY D 167 58.63 16.63 -92.12
N GLU D 168 57.74 17.61 -92.30
CA GLU D 168 56.40 17.56 -91.73
C GLU D 168 55.38 17.16 -92.79
N PRO D 169 54.59 16.15 -92.46
CA PRO D 169 53.55 15.66 -93.35
C PRO D 169 52.34 16.59 -93.39
N SER D 170 52.22 17.51 -92.44
CA SER D 170 51.10 18.44 -92.38
C SER D 170 51.59 19.88 -92.43
N ILE D 171 52.86 20.09 -92.79
CA ILE D 171 53.38 21.41 -93.07
C ILE D 171 53.08 21.70 -94.52
N SER D 172 52.01 22.45 -94.76
CA SER D 172 51.46 22.62 -96.10
C SER D 172 52.27 23.56 -96.96
N ARG D 173 52.69 24.70 -96.42
CA ARG D 173 53.48 25.68 -97.16
C ARG D 173 54.47 26.33 -96.21
N ALA D 174 55.55 26.84 -96.79
CA ALA D 174 56.59 27.48 -95.99
C ALA D 174 57.49 28.31 -96.88
N ALA D 175 57.86 29.48 -96.35
CA ALA D 175 58.74 30.39 -97.06
C ALA D 175 59.91 30.76 -96.14
N ILE D 176 61.02 31.14 -96.78
CA ILE D 176 62.22 31.57 -96.08
C ILE D 176 62.84 32.72 -96.86
N THR D 177 62.87 33.90 -96.25
CA THR D 177 63.43 35.09 -96.83
C THR D 177 64.69 35.46 -96.08
N PHE D 178 65.68 35.97 -96.81
CA PHE D 178 66.91 36.43 -96.20
C PHE D 178 67.42 37.63 -96.98
N SER D 179 67.41 38.78 -96.32
CA SER D 179 67.92 40.02 -96.90
C SER D 179 68.47 40.87 -95.77
N THR D 180 69.78 40.88 -95.63
CA THR D 180 70.44 41.60 -94.54
C THR D 180 70.70 43.06 -94.93
N GLN D 189 62.74 41.28 -100.46
CA GLN D 189 61.43 41.07 -101.07
C GLN D 189 61.34 39.66 -101.64
N VAL D 190 62.42 39.19 -102.25
CA VAL D 190 62.49 37.86 -102.82
C VAL D 190 62.88 36.87 -101.74
N PHE D 191 62.46 35.62 -101.94
CA PHE D 191 62.63 34.59 -100.92
C PHE D 191 62.39 33.24 -101.57
N LEU D 192 62.71 32.17 -100.86
CA LEU D 192 62.40 30.82 -101.32
C LEU D 192 61.07 30.40 -100.70
N GLN D 193 60.34 29.54 -101.40
CA GLN D 193 59.08 29.06 -100.90
C GLN D 193 58.83 27.66 -101.43
N ALA D 194 57.90 26.96 -100.78
CA ALA D 194 57.50 25.64 -101.25
C ALA D 194 56.25 25.20 -100.50
N THR D 195 55.39 24.46 -101.21
CA THR D 195 54.19 23.89 -100.65
C THR D 195 53.98 22.49 -101.23
N ARG D 196 53.40 21.62 -100.41
CA ARG D 196 53.20 20.21 -100.77
C ARG D 196 52.13 20.12 -101.83
N GLU D 197 52.54 19.77 -103.06
CA GLU D 197 51.56 19.61 -104.13
C GLU D 197 50.83 18.28 -104.03
N GLU D 198 51.53 17.18 -104.31
CA GLU D 198 51.08 15.83 -103.96
C GLU D 198 52.16 15.05 -103.22
N SER D 199 53.37 15.01 -103.77
CA SER D 199 54.48 14.26 -103.19
C SER D 199 55.78 15.04 -103.14
N ARG D 200 56.02 15.96 -104.06
CA ARG D 200 57.22 16.78 -104.08
C ARG D 200 56.93 18.14 -103.46
N ILE D 201 58.00 18.84 -103.11
CA ILE D 201 57.90 20.21 -102.62
C ILE D 201 57.78 21.14 -103.81
N LEU D 202 56.57 21.59 -104.11
CA LEU D 202 56.37 22.50 -105.22
C LEU D 202 57.07 23.70 -104.65
N LEU D 203 58.18 24.09 -105.28
CA LEU D 203 59.14 25.02 -104.74
C LEU D 203 59.51 25.98 -105.85
N GLN D 204 59.81 27.21 -105.46
CA GLN D 204 60.27 28.22 -106.40
C GLN D 204 60.92 29.34 -105.60
N ASP D 205 61.87 30.02 -106.24
CA ASP D 205 62.59 31.12 -105.60
C ASP D 205 61.73 32.38 -105.63
N LEU D 206 60.68 32.35 -104.84
CA LEU D 206 59.72 33.44 -104.76
C LEU D 206 59.06 33.41 -103.40
N SER D 207 58.68 34.59 -102.90
CA SER D 207 58.11 34.70 -101.56
C SER D 207 56.80 33.95 -101.44
N SER D 208 56.73 33.02 -100.50
CA SER D 208 55.55 32.19 -100.31
C SER D 208 55.54 31.62 -98.92
N SER D 209 54.54 30.78 -98.65
CA SER D 209 54.37 30.22 -97.32
C SER D 209 54.29 31.43 -96.41
N ALA D 210 55.17 31.49 -95.43
CA ALA D 210 55.28 32.67 -94.61
C ALA D 210 56.65 33.33 -94.55
N PRO D 211 56.66 34.67 -94.63
CA PRO D 211 57.83 35.46 -94.31
C PRO D 211 57.40 36.88 -93.96
N HIS D 212 57.33 37.20 -92.66
CA HIS D 212 56.83 38.48 -92.18
C HIS D 212 57.94 39.46 -91.79
N LEU D 213 58.68 39.98 -92.77
CA LEU D 213 59.64 41.04 -92.49
C LEU D 213 58.97 42.24 -91.84
N ALA D 214 57.69 42.49 -92.19
CA ALA D 214 56.96 43.60 -91.59
C ALA D 214 56.80 43.41 -90.09
N ASN D 215 56.28 42.27 -89.67
CA ASN D 215 56.09 42.02 -88.24
C ASN D 215 57.43 41.86 -87.53
N ALA D 216 58.47 41.43 -88.24
CA ALA D 216 59.79 41.37 -87.64
C ALA D 216 60.33 42.78 -87.38
N THR D 217 60.10 43.71 -88.30
CA THR D 217 60.45 45.11 -88.07
C THR D 217 59.62 45.70 -86.95
N LEU D 218 58.34 45.31 -86.89
CA LEU D 218 57.50 45.72 -85.76
C LEU D 218 58.09 45.23 -84.45
N GLU D 219 58.59 43.99 -84.42
CA GLU D 219 59.30 43.49 -83.26
C GLU D 219 60.58 44.29 -83.01
N THR D 220 61.18 44.81 -84.07
CA THR D 220 62.36 45.64 -83.96
C THR D 220 61.98 47.06 -83.55
N HIS D 262 63.26 36.15 -79.87
CA HIS D 262 62.41 34.96 -79.87
C HIS D 262 61.69 34.83 -81.22
N PHE D 263 60.92 33.75 -81.36
CA PHE D 263 60.19 33.48 -82.57
C PHE D 263 58.84 34.20 -82.55
N LYS D 264 58.00 33.87 -83.53
CA LYS D 264 56.70 34.51 -83.70
C LYS D 264 55.64 33.43 -83.77
N TRP D 265 54.85 33.31 -82.70
CA TRP D 265 53.64 32.49 -82.75
C TRP D 265 52.69 33.07 -83.79
N SER D 266 51.68 32.31 -84.18
CA SER D 266 50.78 32.74 -85.23
C SER D 266 49.38 32.21 -84.94
N PRO D 267 48.50 32.39 -85.91
CA PRO D 267 47.08 32.14 -85.76
C PRO D 267 46.63 31.09 -86.78
N PRO D 268 45.63 30.29 -86.40
CA PRO D 268 44.98 29.42 -87.37
C PRO D 268 44.34 30.27 -88.45
N TYR D 269 44.10 29.66 -89.61
CA TYR D 269 43.77 30.41 -90.81
C TYR D 269 42.71 29.64 -91.59
N LEU D 270 42.56 30.01 -92.86
CA LEU D 270 41.70 29.32 -93.78
C LEU D 270 42.27 29.56 -95.17
N GLU D 271 42.13 28.56 -96.04
CA GLU D 271 42.82 28.59 -97.33
C GLU D 271 42.17 29.60 -98.26
N CYS D 272 42.29 30.88 -97.93
CA CYS D 272 41.64 31.92 -98.71
C CYS D 272 42.19 33.27 -98.33
N GLU D 273 42.44 34.11 -99.33
CA GLU D 273 42.72 35.53 -99.15
C GLU D 273 41.69 36.35 -99.93
N ASN D 274 41.40 35.90 -101.15
CA ASN D 274 40.35 36.48 -101.99
C ASN D 274 39.61 35.37 -102.72
N GLY D 275 39.44 34.24 -102.05
CA GLY D 275 38.83 33.05 -102.63
C GLY D 275 38.02 32.36 -101.54
N SER D 276 37.32 31.30 -101.94
CA SER D 276 36.68 30.43 -100.98
C SER D 276 37.73 29.68 -100.16
N TYR D 277 37.56 29.70 -98.85
CA TYR D 277 38.48 28.99 -97.96
C TYR D 277 38.41 27.49 -98.23
N LYS D 278 39.46 26.97 -98.85
CA LYS D 278 39.56 25.56 -99.17
C LYS D 278 39.78 24.75 -97.90
N PRO D 279 39.89 23.44 -98.07
CA PRO D 279 40.12 22.55 -96.94
C PRO D 279 41.37 22.94 -96.17
N GLY D 280 41.27 22.87 -94.84
CA GLY D 280 42.39 23.20 -93.97
C GLY D 280 42.32 24.60 -93.37
N TRP D 281 42.72 24.68 -92.11
CA TRP D 281 42.87 25.94 -91.39
C TRP D 281 44.32 25.99 -90.93
N LEU D 282 45.02 27.07 -91.25
CA LEU D 282 46.48 27.08 -91.20
C LEU D 282 46.96 27.85 -89.98
N VAL D 283 47.53 27.14 -89.02
CA VAL D 283 48.27 27.77 -87.94
C VAL D 283 49.74 27.84 -88.32
N THR D 284 50.35 29.00 -88.10
CA THR D 284 51.67 29.30 -88.61
C THR D 284 52.68 29.31 -87.48
N LEU D 285 53.92 28.99 -87.82
CA LEU D 285 55.07 29.28 -86.99
C LEU D 285 56.01 30.15 -87.81
N SER D 286 56.58 31.16 -87.16
CA SER D 286 57.37 32.16 -87.86
C SER D 286 58.47 32.68 -86.97
N SER D 287 59.56 33.12 -87.60
CA SER D 287 60.70 33.67 -86.90
C SER D 287 61.43 34.65 -87.79
N ALA D 288 62.17 35.55 -87.18
CA ALA D 288 62.92 36.59 -87.86
C ALA D 288 64.41 36.24 -87.82
N ILE D 289 65.02 36.15 -88.99
CA ILE D 289 66.42 35.73 -89.11
C ILE D 289 67.31 36.81 -88.51
N TYR D 290 67.84 36.53 -87.32
CA TYR D 290 68.81 37.42 -86.70
C TYR D 290 70.07 37.49 -87.55
N GLY D 291 70.53 38.71 -87.81
CA GLY D 291 71.65 38.94 -88.70
C GLY D 291 72.96 38.65 -87.97
N LEU D 292 74.08 38.92 -88.63
CA LEU D 292 75.41 38.68 -88.07
C LEU D 292 76.36 39.83 -88.41
N LEU D 296 79.74 43.26 -85.50
CA LEU D 296 79.66 42.24 -84.47
C LEU D 296 78.34 42.32 -83.71
N VAL D 297 77.27 42.72 -84.41
CA VAL D 297 75.95 42.88 -83.83
C VAL D 297 74.93 42.14 -84.69
N PRO D 298 73.71 42.04 -84.20
CA PRO D 298 72.63 41.35 -84.89
C PRO D 298 71.58 42.33 -85.38
N GLU D 299 70.74 41.86 -86.29
CA GLU D 299 69.68 42.67 -86.87
C GLU D 299 68.72 41.77 -87.62
N PHE D 300 67.63 42.35 -88.13
CA PHE D 300 66.66 41.58 -88.90
C PHE D 300 67.11 41.46 -90.35
N ARG D 301 67.48 40.23 -90.74
CA ARG D 301 68.01 39.98 -92.08
C ARG D 301 67.21 38.95 -92.86
N GLY D 302 66.09 38.46 -92.33
CA GLY D 302 65.28 37.47 -93.02
C GLY D 302 64.05 37.17 -92.18
N VAL D 303 63.15 36.36 -92.74
CA VAL D 303 61.97 35.90 -92.03
C VAL D 303 61.60 34.54 -92.62
N MET D 304 61.53 33.52 -91.76
CA MET D 304 61.20 32.17 -92.19
C MET D 304 60.00 31.68 -91.40
N LYS D 305 59.07 31.04 -92.10
CA LYS D 305 57.82 30.65 -91.46
C LYS D 305 57.10 29.62 -92.31
N VAL D 306 56.44 28.69 -91.62
CA VAL D 306 55.62 27.68 -92.25
C VAL D 306 54.22 27.71 -91.65
N ASP D 307 53.31 26.96 -92.26
CA ASP D 307 51.91 26.93 -91.83
C ASP D 307 51.37 25.52 -92.01
N ILE D 308 50.87 24.95 -90.92
CA ILE D 308 50.31 23.60 -90.92
C ILE D 308 48.81 23.61 -90.64
N ASN D 309 48.13 22.55 -91.06
CA ASN D 309 46.67 22.49 -91.06
C ASN D 309 46.16 22.37 -89.63
N LEU D 310 45.79 23.52 -89.06
CA LEU D 310 45.09 23.56 -87.78
C LEU D 310 43.58 23.38 -87.97
N GLN D 311 43.23 22.31 -88.68
CA GLN D 311 41.84 21.97 -88.96
C GLN D 311 41.50 20.52 -88.65
N LYS D 312 42.45 19.60 -88.78
CA LYS D 312 42.28 18.26 -88.23
C LYS D 312 43.03 18.20 -86.90
N VAL D 313 42.55 18.99 -85.94
CA VAL D 313 43.20 19.16 -84.66
C VAL D 313 42.16 19.04 -83.56
N ASP D 314 42.15 17.88 -82.92
CA ASP D 314 41.20 17.58 -81.85
C ASP D 314 41.24 18.67 -80.79
N ILE D 315 40.04 19.05 -80.33
CA ILE D 315 39.87 20.14 -79.39
C ILE D 315 38.91 19.67 -78.29
N ASP D 316 38.89 20.40 -77.19
CA ASP D 316 38.28 19.93 -75.94
C ASP D 316 37.49 21.07 -75.30
N GLN D 317 36.16 20.94 -75.35
CA GLN D 317 35.29 21.93 -74.73
C GLN D 317 35.17 21.72 -73.24
N CYS D 318 35.28 20.48 -72.76
CA CYS D 318 35.10 20.15 -71.36
C CYS D 318 36.41 19.94 -70.63
N SER D 319 37.55 20.30 -71.23
CA SER D 319 38.81 20.12 -70.54
C SER D 319 38.93 21.10 -69.39
N SER D 320 39.71 20.71 -68.38
CA SER D 320 40.06 21.59 -67.28
C SER D 320 40.70 22.84 -67.86
N ASP D 321 41.74 22.63 -68.67
CA ASP D 321 42.33 23.68 -69.49
C ASP D 321 42.64 23.07 -70.85
N GLY D 322 42.13 23.70 -71.89
CA GLY D 322 42.39 23.26 -73.24
C GLY D 322 42.13 24.40 -74.18
N TRP D 323 41.74 24.07 -75.40
CA TRP D 323 41.39 25.12 -76.37
C TRP D 323 40.03 25.68 -75.97
N PHE D 324 40.07 26.82 -75.30
CA PHE D 324 38.89 27.61 -74.87
C PHE D 324 37.76 26.71 -74.39
N SER D 325 38.13 25.81 -73.48
CA SER D 325 37.21 24.77 -73.02
C SER D 325 36.08 25.41 -72.24
N GLY D 326 34.86 25.28 -72.77
CA GLY D 326 33.64 25.66 -72.07
C GLY D 326 32.65 24.51 -72.10
N THR D 327 32.37 23.95 -70.93
CA THR D 327 31.42 22.85 -70.83
C THR D 327 30.00 23.37 -70.72
N HIS D 328 29.59 24.22 -71.66
CA HIS D 328 28.29 24.90 -71.55
C HIS D 328 27.14 24.05 -72.08
N LYS D 329 27.10 22.78 -71.68
CA LYS D 329 25.99 21.88 -71.97
C LYS D 329 25.56 21.05 -70.78
N CYS D 330 26.43 20.82 -69.80
CA CYS D 330 26.10 20.03 -68.62
C CYS D 330 26.92 20.60 -67.46
N HIS D 331 26.33 21.57 -66.74
CA HIS D 331 27.06 22.22 -65.66
C HIS D 331 26.96 21.43 -64.37
N LEU D 332 25.74 21.33 -63.83
CA LEU D 332 25.51 20.70 -62.53
C LEU D 332 24.31 19.76 -62.54
N ASN D 333 23.29 20.07 -63.34
CA ASN D 333 21.99 19.42 -63.19
C ASN D 333 22.21 17.99 -63.63
N ASN D 334 22.33 17.09 -62.66
CA ASN D 334 22.82 15.74 -62.88
C ASN D 334 23.86 15.71 -64.00
N SER D 335 24.84 16.60 -63.89
CA SER D 335 25.72 16.91 -65.01
C SER D 335 26.96 16.03 -64.98
N GLU D 336 27.32 15.55 -66.16
CA GLU D 336 28.64 15.01 -66.40
C GLU D 336 28.98 15.34 -67.83
N CYS D 337 30.23 15.66 -68.14
CA CYS D 337 30.69 15.79 -69.53
C CYS D 337 31.56 14.59 -69.85
N MET D 338 31.08 13.74 -70.74
CA MET D 338 31.80 12.57 -71.22
C MET D 338 32.17 12.83 -72.68
N PRO D 339 33.20 13.63 -72.93
CA PRO D 339 33.27 14.34 -74.21
C PRO D 339 33.75 13.44 -75.35
N ILE D 340 33.58 13.97 -76.56
CA ILE D 340 34.13 13.33 -77.75
C ILE D 340 35.57 13.79 -77.93
N LYS D 341 36.50 12.85 -77.80
CA LYS D 341 37.87 13.22 -77.44
C LYS D 341 38.67 13.70 -78.66
N GLY D 342 38.94 12.79 -79.60
CA GLY D 342 39.73 13.12 -80.76
C GLY D 342 39.08 12.80 -82.09
N LEU D 343 38.65 13.83 -82.80
CA LEU D 343 38.31 13.74 -84.21
C LEU D 343 39.12 14.77 -84.97
N GLY D 344 39.13 15.99 -84.47
CA GLY D 344 39.78 17.10 -85.14
C GLY D 344 39.21 18.41 -84.65
N PHE D 345 39.49 19.45 -85.44
CA PHE D 345 39.11 20.80 -85.08
C PHE D 345 37.62 20.98 -85.32
N VAL D 346 36.81 20.40 -84.42
CA VAL D 346 35.36 20.35 -84.60
C VAL D 346 34.68 20.66 -83.27
N LEU D 347 33.56 21.38 -83.37
CA LEU D 347 32.76 21.74 -82.22
C LEU D 347 31.59 20.78 -82.07
N GLY D 348 30.89 20.89 -80.95
CA GLY D 348 29.84 19.95 -80.62
C GLY D 348 30.42 18.57 -80.46
N ALA D 349 31.58 18.51 -79.82
CA ALA D 349 32.35 17.29 -79.64
C ALA D 349 32.61 17.04 -78.17
N TYR D 350 31.65 17.42 -77.33
CA TYR D 350 31.73 17.17 -75.89
C TYR D 350 30.38 16.61 -75.44
N GLU D 351 30.24 15.30 -75.55
CA GLU D 351 29.06 14.57 -75.10
C GLU D 351 28.91 14.74 -73.59
N CYS D 352 27.66 14.89 -73.15
CA CYS D 352 27.37 14.97 -71.72
C CYS D 352 26.47 13.82 -71.29
N ILE D 353 26.53 13.50 -70.00
CA ILE D 353 25.81 12.40 -69.40
C ILE D 353 24.91 12.95 -68.31
N CYS D 354 23.70 12.40 -68.23
CA CYS D 354 22.69 12.82 -67.27
C CYS D 354 22.81 11.89 -66.07
N LYS D 355 23.39 12.42 -65.00
CA LYS D 355 23.84 11.62 -63.86
C LYS D 355 22.70 11.25 -62.91
N ALA D 356 22.17 10.04 -63.06
CA ALA D 356 21.21 9.48 -62.11
C ALA D 356 19.93 10.32 -62.03
N GLY D 357 19.27 10.43 -63.17
CA GLY D 357 17.96 11.04 -63.23
C GLY D 357 17.36 10.83 -64.60
N PHE D 358 16.57 11.82 -65.02
CA PHE D 358 15.87 11.71 -66.29
C PHE D 358 16.70 12.36 -67.40
N TYR D 359 16.25 12.17 -68.65
CA TYR D 359 17.00 12.61 -69.82
C TYR D 359 16.11 13.29 -70.84
N HIS D 360 15.10 14.02 -70.39
CA HIS D 360 14.17 14.68 -71.30
C HIS D 360 13.32 15.71 -70.57
N TYR D 390 19.31 17.94 -75.16
CA TYR D 390 20.14 18.65 -74.21
C TYR D 390 19.41 18.80 -72.87
N VAL D 391 18.98 17.67 -72.31
CA VAL D 391 18.22 17.66 -71.07
C VAL D 391 18.75 16.57 -70.16
N CYS D 392 19.32 16.98 -69.04
CA CYS D 392 19.70 16.09 -67.96
C CYS D 392 18.99 16.53 -66.70
N LEU D 393 18.25 15.59 -66.09
CA LEU D 393 17.17 15.91 -65.17
C LEU D 393 17.33 15.08 -63.92
N PRO D 394 16.65 15.41 -62.83
CA PRO D 394 16.65 14.55 -61.65
C PRO D 394 15.67 13.39 -61.79
N CYS D 395 15.75 12.49 -60.82
CA CYS D 395 14.72 11.50 -60.57
C CYS D 395 13.53 12.11 -59.87
N ARG D 396 12.39 11.41 -59.95
CA ARG D 396 11.22 11.79 -59.18
C ARG D 396 11.48 11.69 -57.68
N GLU D 397 12.43 10.83 -57.29
CA GLU D 397 12.72 10.58 -55.90
C GLU D 397 14.16 10.08 -55.80
N GLY D 398 14.60 9.74 -54.59
CA GLY D 398 15.87 9.06 -54.42
C GLY D 398 15.66 7.63 -54.87
N CYS D 399 15.65 7.44 -56.18
CA CYS D 399 15.27 6.18 -56.80
C CYS D 399 15.85 6.18 -58.19
N PRO D 400 17.12 5.77 -58.35
CA PRO D 400 17.78 5.92 -59.64
C PRO D 400 17.17 5.05 -60.73
N PHE D 401 17.81 5.03 -61.90
CA PHE D 401 17.33 4.30 -63.07
C PHE D 401 16.07 4.95 -63.61
N CYS D 402 16.08 6.29 -63.64
CA CYS D 402 14.95 7.08 -64.09
C CYS D 402 14.99 7.26 -65.60
N ALA D 403 14.83 6.13 -66.31
CA ALA D 403 14.59 6.20 -67.74
C ALA D 403 13.33 7.00 -68.03
N ASP D 404 12.36 6.95 -67.13
CA ASP D 404 11.30 7.92 -67.05
C ASP D 404 11.43 8.66 -65.72
N ASP D 405 10.77 9.79 -65.63
CA ASP D 405 10.57 10.47 -64.35
C ASP D 405 9.25 10.05 -63.72
N SER D 406 9.05 8.74 -63.64
CA SER D 406 7.88 8.14 -63.02
C SER D 406 8.17 7.87 -61.55
N PRO D 407 7.14 7.61 -60.74
CA PRO D 407 7.36 7.36 -59.32
C PRO D 407 7.68 5.90 -59.01
N CYS D 408 8.21 5.68 -57.81
CA CYS D 408 8.91 4.45 -57.46
C CYS D 408 8.26 3.69 -56.32
N PHE D 409 7.09 4.18 -55.83
CA PHE D 409 6.24 3.74 -54.68
C PHE D 409 4.92 3.12 -55.17
N VAL D 410 4.19 2.46 -54.27
CA VAL D 410 2.89 1.79 -54.52
C VAL D 410 1.80 2.84 -54.70
N GLN D 411 0.70 2.46 -55.37
CA GLN D 411 -0.51 3.30 -55.53
C GLN D 411 -1.28 3.16 -54.20
N GLU D 412 -1.89 4.24 -53.71
CA GLU D 412 -2.57 4.21 -52.43
C GLU D 412 -4.06 4.04 -52.67
N ASP D 413 -4.81 3.88 -51.59
CA ASP D 413 -6.26 3.70 -51.64
C ASP D 413 -6.87 4.51 -50.49
N LYS D 414 -6.41 5.76 -50.39
CA LYS D 414 -6.70 6.67 -49.28
C LYS D 414 -8.13 6.59 -48.79
N TYR D 415 -9.07 6.64 -49.73
CA TYR D 415 -10.48 6.60 -49.38
C TYR D 415 -10.82 5.35 -48.60
N LEU D 416 -10.27 4.21 -48.99
CA LEU D 416 -10.41 3.01 -48.20
C LEU D 416 -9.93 3.20 -46.78
N ARG D 417 -8.76 3.77 -46.66
CA ARG D 417 -8.07 3.85 -45.39
C ARG D 417 -8.83 4.72 -44.41
N LEU D 418 -9.45 5.79 -44.89
CA LEU D 418 -10.24 6.65 -44.00
C LEU D 418 -11.28 5.85 -43.22
N ALA D 419 -12.10 5.08 -43.94
CA ALA D 419 -13.18 4.37 -43.30
C ALA D 419 -12.63 3.24 -42.45
N ILE D 420 -11.51 2.65 -42.88
CA ILE D 420 -10.86 1.64 -42.05
C ILE D 420 -10.58 2.21 -40.67
N ILE D 421 -9.88 3.35 -40.64
CA ILE D 421 -9.48 3.93 -39.38
C ILE D 421 -10.70 4.35 -38.58
N SER D 422 -11.72 4.86 -39.26
CA SER D 422 -12.92 5.27 -38.55
C SER D 422 -13.55 4.10 -37.84
N PHE D 423 -13.61 2.96 -38.52
CA PHE D 423 -14.21 1.78 -37.91
C PHE D 423 -13.35 1.28 -36.77
N GLN D 424 -12.05 1.50 -36.86
CA GLN D 424 -11.20 1.07 -35.78
C GLN D 424 -11.48 1.91 -34.55
N ALA D 425 -11.62 3.20 -34.76
CA ALA D 425 -12.05 4.07 -33.69
C ALA D 425 -13.41 3.66 -33.18
N LEU D 426 -14.25 3.10 -34.05
CA LEU D 426 -15.56 2.63 -33.62
C LEU D 426 -15.40 1.58 -32.55
N CYS D 427 -14.52 0.62 -32.81
CA CYS D 427 -14.39 -0.45 -31.83
C CYS D 427 -13.77 0.06 -30.55
N MET D 428 -12.81 0.98 -30.65
CA MET D 428 -12.19 1.48 -29.43
C MET D 428 -13.16 2.36 -28.66
N LEU D 429 -14.06 3.01 -29.38
CA LEU D 429 -15.12 3.75 -28.74
C LEU D 429 -16.01 2.82 -27.96
N LEU D 430 -16.39 1.70 -28.58
CA LEU D 430 -17.19 0.71 -27.87
C LEU D 430 -16.47 0.24 -26.62
N ASP D 431 -15.14 0.12 -26.71
CA ASP D 431 -14.34 -0.29 -25.56
C ASP D 431 -14.52 0.68 -24.40
N PHE D 432 -14.20 1.95 -24.65
CA PHE D 432 -14.31 2.96 -23.60
C PHE D 432 -15.73 3.05 -23.08
N VAL D 433 -16.68 3.11 -24.01
CA VAL D 433 -18.07 3.28 -23.71
C VAL D 433 -18.55 2.19 -22.78
N SER D 434 -18.17 0.95 -23.08
CA SER D 434 -18.66 -0.15 -22.29
C SER D 434 -18.00 -0.17 -20.93
N MET D 435 -16.80 0.39 -20.83
CA MET D 435 -16.21 0.54 -19.50
C MET D 435 -17.06 1.46 -18.65
N LEU D 436 -17.57 2.51 -19.28
CA LEU D 436 -18.44 3.41 -18.53
C LEU D 436 -19.77 2.73 -18.23
N VAL D 437 -20.26 1.94 -19.18
CA VAL D 437 -21.47 1.16 -18.99
C VAL D 437 -21.35 0.31 -17.75
N VAL D 438 -20.19 -0.34 -17.61
CA VAL D 438 -19.90 -1.14 -16.44
C VAL D 438 -19.99 -0.28 -15.21
N TYR D 439 -19.25 0.82 -15.17
CA TYR D 439 -19.17 1.60 -13.95
C TYR D 439 -20.49 2.29 -13.60
N HIS D 440 -21.51 2.19 -14.46
CA HIS D 440 -22.84 2.66 -14.09
C HIS D 440 -23.69 1.55 -13.49
N PHE D 441 -23.76 0.40 -14.16
CA PHE D 441 -24.82 -0.58 -13.95
C PHE D 441 -23.96 -1.70 -13.36
N ARG D 442 -23.80 -1.63 -12.02
CA ARG D 442 -22.91 -2.54 -11.33
C ARG D 442 -23.61 -3.28 -10.22
N LYS D 443 -24.95 -3.37 -10.18
CA LYS D 443 -25.65 -3.94 -9.02
C LYS D 443 -26.74 -5.00 -9.14
N ALA D 444 -26.44 -6.15 -9.75
CA ALA D 444 -27.40 -7.26 -9.82
C ALA D 444 -26.41 -8.43 -10.04
N LYS D 445 -26.76 -9.59 -10.60
CA LYS D 445 -25.85 -10.78 -10.67
C LYS D 445 -24.42 -10.65 -11.23
N SER D 446 -24.26 -10.16 -12.45
CA SER D 446 -22.91 -9.96 -13.06
C SER D 446 -21.97 -9.31 -12.08
N ILE D 447 -22.32 -8.31 -11.27
CA ILE D 447 -21.25 -7.67 -10.45
C ILE D 447 -20.41 -8.60 -9.58
N ARG D 448 -21.03 -9.59 -8.95
CA ARG D 448 -20.30 -10.47 -8.05
C ARG D 448 -19.60 -11.58 -8.82
N ALA D 449 -20.27 -12.20 -9.78
CA ALA D 449 -19.71 -13.33 -10.50
C ALA D 449 -18.56 -12.89 -11.37
N SER D 450 -18.63 -11.67 -11.85
CA SER D 450 -17.66 -11.13 -12.78
C SER D 450 -17.23 -9.79 -12.22
N GLY D 451 -15.98 -9.73 -11.77
CA GLY D 451 -15.50 -8.53 -11.13
C GLY D 451 -15.54 -7.32 -12.05
N LEU D 452 -16.24 -6.29 -11.56
CA LEU D 452 -16.16 -4.94 -12.12
C LEU D 452 -14.73 -4.59 -12.46
N ILE D 453 -13.82 -4.91 -11.54
CA ILE D 453 -12.41 -4.66 -11.70
C ILE D 453 -11.91 -5.42 -12.91
N LEU D 454 -12.33 -6.65 -13.01
CA LEU D 454 -11.71 -7.56 -13.96
C LEU D 454 -12.24 -7.25 -15.35
N LEU D 455 -13.49 -6.82 -15.41
CA LEU D 455 -14.02 -6.28 -16.66
C LEU D 455 -13.19 -5.11 -17.13
N GLU D 456 -13.07 -4.09 -16.28
CA GLU D 456 -12.39 -2.89 -16.70
C GLU D 456 -10.94 -3.19 -17.04
N THR D 457 -10.39 -4.25 -16.43
CA THR D 457 -9.10 -4.78 -16.85
C THR D 457 -9.15 -5.16 -18.31
N ILE D 458 -10.16 -5.94 -18.69
CA ILE D 458 -10.21 -6.45 -20.05
C ILE D 458 -10.41 -5.33 -21.04
N LEU D 459 -11.22 -4.36 -20.68
CA LEU D 459 -11.47 -3.27 -21.61
C LEU D 459 -10.26 -2.39 -21.78
N PHE D 460 -9.57 -2.10 -20.67
CA PHE D 460 -8.30 -1.40 -20.78
C PHE D 460 -7.35 -2.19 -21.61
N GLY D 461 -7.49 -3.51 -21.57
CA GLY D 461 -6.72 -4.34 -22.47
C GLY D 461 -7.04 -4.03 -23.92
N SER D 462 -8.32 -4.03 -24.25
CA SER D 462 -8.71 -3.86 -25.65
C SER D 462 -8.31 -2.48 -26.15
N LEU D 463 -8.36 -1.49 -25.26
CA LEU D 463 -8.01 -0.13 -25.64
C LEU D 463 -6.51 0.05 -25.74
N LEU D 464 -5.76 -0.61 -24.87
CA LEU D 464 -4.34 -0.76 -25.03
C LEU D 464 -3.99 -1.47 -26.30
N LEU D 465 -4.90 -2.26 -26.81
CA LEU D 465 -4.59 -3.18 -27.83
C LEU D 465 -4.81 -2.66 -29.23
N TYR D 466 -5.91 -1.97 -29.49
CA TYR D 466 -6.27 -1.76 -30.89
C TYR D 466 -5.30 -0.90 -31.69
N PHE D 467 -4.30 -0.29 -31.08
CA PHE D 467 -3.36 0.64 -31.71
C PHE D 467 -2.70 0.21 -33.03
N PRO D 468 -2.19 -1.04 -33.13
CA PRO D 468 -1.38 -1.45 -34.28
C PRO D 468 -1.90 -1.02 -35.64
N VAL D 469 -3.21 -1.00 -35.72
CA VAL D 469 -3.89 -0.48 -36.88
C VAL D 469 -3.50 0.96 -37.14
N VAL D 470 -3.80 1.86 -36.19
CA VAL D 470 -3.52 3.28 -36.42
C VAL D 470 -2.05 3.49 -36.66
N ILE D 471 -1.22 2.65 -36.06
CA ILE D 471 0.20 2.65 -36.38
C ILE D 471 0.39 2.46 -37.86
N LEU D 472 -0.03 1.32 -38.38
CA LEU D 472 0.49 0.92 -39.67
C LEU D 472 -0.34 1.49 -40.82
N TYR D 473 -1.24 2.42 -40.53
CA TYR D 473 -1.61 3.39 -41.54
C TYR D 473 -0.48 4.36 -41.75
N PHE D 474 0.14 4.82 -40.67
CA PHE D 474 1.19 5.81 -40.78
C PHE D 474 2.45 5.18 -41.37
N GLU D 475 3.49 5.98 -41.50
CA GLU D 475 4.68 5.53 -42.20
C GLU D 475 5.59 4.76 -41.26
N PRO D 476 6.44 3.86 -41.77
CA PRO D 476 7.43 3.21 -40.91
C PRO D 476 8.62 4.11 -40.61
N SER D 477 8.64 4.66 -39.41
CA SER D 477 9.84 5.00 -38.69
C SER D 477 10.16 3.83 -37.75
N THR D 478 11.40 3.76 -37.29
CA THR D 478 11.75 2.67 -36.38
C THR D 478 11.02 2.78 -35.06
N PHE D 479 10.77 4.00 -34.59
CA PHE D 479 10.00 4.23 -33.36
C PHE D 479 8.58 3.71 -33.45
N ARG D 480 8.09 3.43 -34.66
CA ARG D 480 6.80 2.79 -34.82
C ARG D 480 6.83 1.38 -34.28
N CYS D 481 7.73 0.58 -34.87
CA CYS D 481 7.79 -0.86 -34.65
C CYS D 481 7.80 -1.20 -33.16
N ILE D 482 8.47 -0.39 -32.39
CA ILE D 482 8.61 -0.70 -30.99
C ILE D 482 7.30 -0.51 -30.23
N LEU D 483 6.56 0.57 -30.53
CA LEU D 483 5.24 0.72 -29.94
C LEU D 483 4.36 -0.45 -30.31
N LEU D 484 4.58 -0.96 -31.51
CA LEU D 484 3.79 -2.09 -31.93
C LEU D 484 3.98 -3.26 -30.99
N ARG D 485 5.23 -3.57 -30.68
CA ARG D 485 5.50 -4.69 -29.79
C ARG D 485 4.96 -4.43 -28.38
N TRP D 486 5.18 -3.20 -27.89
CA TRP D 486 4.52 -2.72 -26.67
C TRP D 486 3.04 -3.08 -26.52
N ALA D 487 2.23 -2.68 -27.52
CA ALA D 487 0.80 -2.71 -27.34
C ALA D 487 0.35 -4.14 -27.49
N ARG D 488 0.99 -4.88 -28.39
CA ARG D 488 0.60 -6.24 -28.63
C ARG D 488 0.69 -7.02 -27.34
N LEU D 489 1.89 -7.09 -26.78
CA LEU D 489 2.06 -8.02 -25.69
C LEU D 489 1.36 -7.53 -24.43
N LEU D 490 1.29 -6.23 -24.24
CA LEU D 490 0.60 -5.79 -23.05
C LEU D 490 -0.89 -6.08 -23.07
N GLY D 491 -1.58 -5.79 -24.19
CA GLY D 491 -3.01 -6.07 -24.21
C GLY D 491 -3.25 -7.55 -24.13
N PHE D 492 -2.35 -8.31 -24.72
CA PHE D 492 -2.45 -9.75 -24.70
C PHE D 492 -2.47 -10.27 -23.29
N ALA D 493 -1.40 -10.02 -22.55
CA ALA D 493 -1.30 -10.62 -21.23
C ALA D 493 -2.34 -10.03 -20.31
N THR D 494 -2.52 -8.72 -20.36
CA THR D 494 -3.38 -8.09 -19.39
C THR D 494 -4.80 -8.57 -19.49
N VAL D 495 -5.24 -9.00 -20.66
CA VAL D 495 -6.54 -9.58 -20.80
C VAL D 495 -6.53 -11.03 -20.37
N TYR D 496 -5.63 -11.79 -20.93
CA TYR D 496 -5.86 -13.21 -20.90
C TYR D 496 -5.42 -13.80 -19.59
N GLY D 497 -4.55 -13.10 -18.89
CA GLY D 497 -4.25 -13.47 -17.53
C GLY D 497 -5.49 -13.49 -16.67
N THR D 498 -6.20 -12.36 -16.60
CA THR D 498 -7.40 -12.33 -15.79
C THR D 498 -8.39 -13.38 -16.25
N VAL D 499 -8.50 -13.58 -17.56
CA VAL D 499 -9.39 -14.60 -18.05
C VAL D 499 -9.07 -15.93 -17.42
N THR D 500 -7.84 -16.37 -17.58
CA THR D 500 -7.57 -17.73 -17.19
C THR D 500 -7.62 -17.88 -15.68
N LEU D 501 -7.30 -16.80 -14.96
CA LEU D 501 -7.27 -16.91 -13.51
C LEU D 501 -8.66 -17.09 -12.95
N LYS D 502 -9.64 -16.46 -13.56
CA LYS D 502 -11.00 -16.72 -13.14
C LYS D 502 -11.30 -18.19 -13.17
N LEU D 503 -10.81 -18.86 -14.20
CA LEU D 503 -11.10 -20.27 -14.33
C LEU D 503 -10.37 -21.06 -13.29
N HIS D 504 -9.13 -20.70 -13.02
CA HIS D 504 -8.41 -21.36 -11.95
C HIS D 504 -9.18 -21.25 -10.64
N ARG D 505 -9.79 -20.09 -10.40
CA ARG D 505 -10.54 -19.89 -9.16
C ARG D 505 -11.79 -20.74 -9.15
N VAL D 506 -12.47 -20.80 -10.29
CA VAL D 506 -13.56 -21.74 -10.50
C VAL D 506 -13.13 -23.14 -10.12
N LEU D 507 -11.96 -23.54 -10.58
CA LEU D 507 -11.55 -24.90 -10.38
C LEU D 507 -11.31 -25.19 -8.92
N LYS D 508 -10.97 -24.15 -8.15
CA LYS D 508 -10.77 -24.38 -6.72
C LYS D 508 -12.09 -24.39 -5.97
N VAL D 509 -13.05 -23.58 -6.41
CA VAL D 509 -14.40 -23.72 -5.88
C VAL D 509 -14.93 -25.13 -6.12
N PHE D 510 -14.50 -25.76 -7.20
CA PHE D 510 -14.80 -27.17 -7.43
C PHE D 510 -14.42 -28.04 -6.24
N LEU D 511 -13.38 -27.64 -5.51
CA LEU D 511 -12.76 -28.51 -4.52
C LEU D 511 -12.69 -27.82 -3.16
N ARG D 525 -6.57 -13.63 -3.82
CA ARG D 525 -5.33 -14.14 -4.38
C ARG D 525 -5.50 -14.28 -5.88
N VAL D 526 -5.65 -13.14 -6.54
CA VAL D 526 -5.79 -13.05 -7.99
C VAL D 526 -4.66 -12.18 -8.51
N MET D 527 -4.62 -10.96 -8.01
CA MET D 527 -3.68 -9.99 -8.54
C MET D 527 -2.26 -10.37 -8.19
N ARG D 528 -2.10 -11.10 -7.09
CA ARG D 528 -0.78 -11.60 -6.74
C ARG D 528 -0.43 -12.84 -7.55
N MET D 529 -1.24 -13.16 -8.56
CA MET D 529 -0.80 -13.96 -9.69
C MET D 529 -0.61 -13.15 -10.93
N LEU D 530 -1.39 -12.10 -11.10
CA LEU D 530 -1.38 -11.38 -12.38
C LEU D 530 -0.22 -10.41 -12.53
N ALA D 531 0.05 -9.63 -11.49
CA ALA D 531 1.12 -8.66 -11.54
C ALA D 531 2.46 -9.33 -11.83
N VAL D 532 2.57 -10.62 -11.55
CA VAL D 532 3.74 -11.39 -11.94
C VAL D 532 3.98 -11.29 -13.43
N ILE D 533 3.01 -11.72 -14.21
CA ILE D 533 3.27 -11.85 -15.63
C ILE D 533 3.31 -10.48 -16.27
N LEU D 534 2.60 -9.52 -15.69
CA LEU D 534 2.83 -8.16 -16.13
C LEU D 534 4.27 -7.72 -15.91
N LEU D 535 4.83 -8.06 -14.76
CA LEU D 535 6.24 -7.85 -14.51
C LEU D 535 7.12 -8.42 -15.61
N VAL D 536 6.92 -9.69 -15.96
CA VAL D 536 7.85 -10.35 -16.87
C VAL D 536 7.78 -9.68 -18.23
N VAL D 537 6.60 -9.20 -18.58
CA VAL D 537 6.45 -8.54 -19.87
C VAL D 537 7.14 -7.17 -19.87
N PHE D 538 7.01 -6.42 -18.76
CA PHE D 538 7.79 -5.18 -18.63
C PHE D 538 9.27 -5.44 -18.89
N TRP D 539 9.84 -6.32 -18.07
CA TRP D 539 11.22 -6.77 -18.23
C TRP D 539 11.55 -7.03 -19.68
N PHE D 540 10.67 -7.72 -20.38
CA PHE D 540 11.00 -8.11 -21.73
C PHE D 540 11.09 -6.92 -22.65
N LEU D 541 10.07 -6.06 -22.65
CA LEU D 541 10.15 -4.86 -23.48
C LEU D 541 11.47 -4.16 -23.24
N ILE D 542 11.86 -4.06 -21.98
CA ILE D 542 13.06 -3.30 -21.68
C ILE D 542 14.26 -3.95 -22.31
N GLY D 543 14.36 -5.26 -22.15
CA GLY D 543 15.58 -5.94 -22.55
C GLY D 543 15.76 -5.86 -24.04
N TRP D 544 14.75 -6.26 -24.76
CA TRP D 544 14.83 -6.27 -26.21
C TRP D 544 14.98 -4.88 -26.77
N THR D 545 14.24 -3.93 -26.19
CA THR D 545 14.29 -2.55 -26.64
C THR D 545 15.70 -2.00 -26.58
N SER D 546 16.31 -2.07 -25.41
CA SER D 546 17.69 -1.63 -25.31
C SER D 546 18.61 -2.40 -26.25
N SER D 547 18.38 -3.71 -26.47
CA SER D 547 19.36 -4.45 -27.24
C SER D 547 19.30 -4.08 -28.70
N VAL D 548 18.20 -3.48 -29.14
CA VAL D 548 18.14 -3.01 -30.52
C VAL D 548 18.60 -1.56 -30.60
N CYS D 549 18.19 -0.73 -29.65
CA CYS D 549 18.51 0.69 -29.77
C CYS D 549 19.97 0.97 -29.48
N GLN D 550 20.40 0.69 -28.24
CA GLN D 550 21.76 0.99 -27.80
C GLN D 550 22.82 0.39 -28.72
N ASN D 551 22.53 -0.74 -29.36
CA ASN D 551 23.55 -1.54 -30.01
C ASN D 551 23.22 -1.91 -31.45
N LEU D 552 22.02 -1.57 -31.96
CA LEU D 552 21.67 -1.88 -33.34
C LEU D 552 20.91 -0.73 -34.02
N GLU D 553 20.64 0.35 -33.31
CA GLU D 553 20.09 1.54 -33.95
C GLU D 553 21.03 2.14 -34.98
N LYS D 554 22.32 1.91 -34.82
CA LYS D 554 23.37 2.61 -35.55
C LYS D 554 24.33 1.67 -36.22
N GLN D 555 24.61 0.52 -35.61
CA GLN D 555 25.81 -0.21 -35.94
C GLN D 555 25.66 -0.98 -37.24
N ILE D 556 24.75 -1.94 -37.24
CA ILE D 556 24.82 -3.05 -38.19
C ILE D 556 23.54 -3.15 -38.98
N SER D 557 22.39 -3.40 -38.35
CA SER D 557 21.10 -3.63 -39.06
C SER D 557 20.22 -2.38 -39.09
N LEU D 558 19.29 -2.35 -40.06
CA LEU D 558 18.25 -1.30 -40.26
C LEU D 558 16.91 -2.00 -40.10
N ILE D 559 15.94 -1.40 -39.42
CA ILE D 559 14.62 -2.04 -39.12
C ILE D 559 13.53 -1.58 -40.10
N GLY D 560 13.37 -0.24 -40.35
CA GLY D 560 12.36 0.44 -41.13
C GLY D 560 13.09 0.05 -42.38
N GLN D 561 12.50 -0.55 -43.45
CA GLN D 561 13.24 -0.97 -44.67
C GLN D 561 12.41 -0.51 -45.87
N GLY D 562 13.06 -0.21 -46.99
CA GLY D 562 12.43 0.22 -48.26
C GLY D 562 12.81 -1.12 -48.86
N LYS D 563 11.80 -1.95 -49.16
CA LYS D 563 11.95 -3.32 -49.73
C LYS D 563 11.12 -3.10 -51.00
N THR D 564 11.47 -3.78 -52.09
CA THR D 564 10.78 -3.69 -53.41
C THR D 564 10.23 -5.07 -53.77
N SER D 565 9.06 -5.14 -54.41
CA SER D 565 8.40 -6.39 -54.86
C SER D 565 8.89 -6.51 -56.30
N ASP D 566 8.31 -5.72 -57.21
CA ASP D 566 8.68 -5.73 -58.65
C ASP D 566 9.08 -4.48 -59.45
N HIS D 567 8.44 -3.31 -59.28
CA HIS D 567 8.72 -2.20 -60.19
C HIS D 567 8.73 -1.19 -59.04
N LEU D 568 7.73 -1.27 -58.17
CA LEU D 568 7.61 -0.36 -57.04
C LEU D 568 8.32 -0.60 -55.71
N ILE D 569 8.19 0.36 -54.80
CA ILE D 569 8.82 0.25 -53.48
C ILE D 569 7.79 0.49 -52.38
N PHE D 570 8.16 0.12 -51.15
CA PHE D 570 7.28 0.28 -50.01
C PHE D 570 8.11 0.18 -48.76
N ASN D 571 7.81 1.01 -47.80
CA ASN D 571 8.40 0.88 -46.49
C ASN D 571 7.58 -0.11 -45.65
N MET D 572 8.19 -0.56 -44.56
CA MET D 572 7.50 -1.39 -43.59
C MET D 572 8.35 -1.57 -42.35
N CYS D 573 7.67 -1.87 -41.24
CA CYS D 573 8.34 -2.39 -40.05
C CYS D 573 8.64 -3.86 -40.25
N LEU D 574 9.87 -4.22 -39.97
CA LEU D 574 10.34 -5.59 -40.16
C LEU D 574 10.31 -6.33 -38.84
N ILE D 575 10.81 -7.57 -38.86
CA ILE D 575 10.56 -8.56 -37.85
C ILE D 575 11.86 -8.89 -37.13
N ASP D 576 11.75 -9.86 -36.23
CA ASP D 576 12.88 -10.68 -35.90
C ASP D 576 12.41 -11.94 -35.18
N ARG D 577 13.33 -12.92 -35.12
CA ARG D 577 13.10 -14.26 -34.60
C ARG D 577 12.47 -14.20 -33.21
N TRP D 578 12.78 -13.10 -32.52
CA TRP D 578 12.08 -12.73 -31.30
C TRP D 578 10.57 -12.92 -31.41
N ASP D 579 9.93 -12.24 -32.35
CA ASP D 579 8.48 -12.26 -32.34
C ASP D 579 7.96 -13.63 -32.73
N TYR D 580 8.76 -14.45 -33.41
CA TYR D 580 8.38 -15.85 -33.59
C TYR D 580 8.12 -16.50 -32.25
N MET D 581 9.15 -16.52 -31.41
CA MET D 581 8.95 -17.20 -30.14
C MET D 581 7.92 -16.49 -29.27
N THR D 582 7.67 -15.22 -29.55
CA THR D 582 6.61 -14.52 -28.83
C THR D 582 5.22 -15.08 -29.19
N ALA D 583 4.96 -15.23 -30.47
CA ALA D 583 3.73 -15.87 -30.92
C ALA D 583 3.55 -17.21 -30.24
N VAL D 584 4.65 -17.94 -30.15
CA VAL D 584 4.62 -19.24 -29.50
C VAL D 584 4.18 -19.10 -28.05
N ALA D 585 4.54 -17.98 -27.42
CA ALA D 585 4.01 -17.73 -26.10
C ALA D 585 2.50 -17.73 -26.14
N GLU D 586 1.95 -17.14 -27.19
CA GLU D 586 0.50 -17.00 -27.23
C GLU D 586 -0.17 -18.35 -27.29
N PHE D 587 0.35 -19.17 -28.19
CA PHE D 587 0.03 -20.59 -28.28
C PHE D 587 -0.13 -21.19 -26.88
N LEU D 588 0.92 -21.12 -26.07
CA LEU D 588 0.94 -21.97 -24.90
C LEU D 588 0.09 -21.41 -23.78
N PHE D 589 0.21 -20.11 -23.54
CA PHE D 589 -0.58 -19.50 -22.49
C PHE D 589 -2.05 -19.65 -22.74
N LEU D 590 -2.47 -19.82 -23.99
CA LEU D 590 -3.86 -20.20 -24.18
C LEU D 590 -4.08 -21.68 -23.92
N LEU D 591 -3.11 -22.50 -24.31
CA LEU D 591 -3.33 -23.93 -24.31
C LEU D 591 -3.55 -24.43 -22.90
N TRP D 592 -2.99 -23.73 -21.94
CA TRP D 592 -3.24 -24.01 -20.53
C TRP D 592 -4.70 -23.93 -20.21
N GLY D 593 -5.31 -22.78 -20.52
CA GLY D 593 -6.73 -22.64 -20.35
C GLY D 593 -7.52 -23.66 -21.13
N VAL D 594 -6.97 -24.17 -22.21
CA VAL D 594 -7.73 -25.12 -23.00
C VAL D 594 -7.85 -26.44 -22.26
N TYR D 595 -6.71 -27.00 -21.84
CA TYR D 595 -6.74 -28.10 -20.87
C TYR D 595 -7.73 -27.84 -19.79
N LEU D 596 -7.65 -26.62 -19.26
CA LEU D 596 -8.45 -26.23 -18.12
C LEU D 596 -9.93 -26.44 -18.43
N CYS D 597 -10.42 -25.75 -19.46
CA CYS D 597 -11.82 -25.83 -19.86
C CYS D 597 -12.25 -27.22 -20.24
N TYR D 598 -11.40 -27.97 -20.95
CA TYR D 598 -11.78 -29.30 -21.38
C TYR D 598 -12.13 -30.18 -20.20
N ALA D 599 -11.17 -30.39 -19.32
CA ALA D 599 -11.44 -31.34 -18.25
C ALA D 599 -12.48 -30.78 -17.28
N VAL D 600 -12.56 -29.45 -17.18
CA VAL D 600 -13.62 -28.86 -16.37
C VAL D 600 -14.85 -28.77 -17.25
N ARG D 601 -15.66 -29.81 -17.21
CA ARG D 601 -16.43 -30.20 -18.36
C ARG D 601 -17.92 -30.10 -18.14
N THR D 602 -18.35 -30.09 -16.89
CA THR D 602 -19.75 -30.31 -16.57
C THR D 602 -20.18 -29.41 -15.44
N VAL D 603 -19.42 -28.36 -15.17
CA VAL D 603 -19.38 -27.75 -13.85
C VAL D 603 -20.31 -26.56 -13.83
N PRO D 604 -21.13 -26.39 -12.80
CA PRO D 604 -22.38 -25.67 -12.97
C PRO D 604 -22.27 -24.18 -12.69
N SER D 605 -23.23 -23.46 -13.22
CA SER D 605 -23.62 -22.13 -12.80
C SER D 605 -24.76 -21.75 -13.73
N ALA D 606 -25.43 -20.64 -13.45
CA ALA D 606 -26.57 -20.25 -14.27
C ALA D 606 -26.16 -19.51 -15.55
N PHE D 607 -24.90 -19.63 -15.97
CA PHE D 607 -24.34 -18.82 -17.03
C PHE D 607 -23.78 -19.60 -18.21
N HIS D 608 -23.14 -20.74 -17.98
CA HIS D 608 -22.23 -21.36 -18.96
C HIS D 608 -21.25 -20.24 -19.34
N GLU D 609 -20.70 -19.58 -18.31
CA GLU D 609 -19.48 -18.77 -18.41
C GLU D 609 -18.30 -19.59 -18.86
N PRO D 610 -18.05 -20.76 -18.34
CA PRO D 610 -16.93 -21.53 -18.81
C PRO D 610 -17.04 -21.87 -20.26
N ARG D 611 -18.24 -22.15 -20.74
CA ARG D 611 -18.37 -22.46 -22.16
C ARG D 611 -18.02 -21.21 -22.96
N TYR D 612 -18.42 -20.04 -22.43
CA TYR D 612 -18.15 -18.78 -23.10
C TYR D 612 -16.64 -18.55 -23.24
N MET D 613 -15.93 -18.70 -22.14
CA MET D 613 -14.51 -18.38 -22.17
C MET D 613 -13.76 -19.42 -22.96
N ALA D 614 -14.09 -20.69 -22.74
CA ALA D 614 -13.44 -21.77 -23.48
C ALA D 614 -13.59 -21.55 -24.97
N VAL D 615 -14.73 -20.99 -25.37
CA VAL D 615 -14.93 -20.65 -26.75
C VAL D 615 -13.91 -19.61 -27.17
N ALA D 616 -13.79 -18.56 -26.37
CA ALA D 616 -12.77 -17.54 -26.63
C ALA D 616 -11.42 -18.16 -26.86
N VAL D 617 -11.12 -19.19 -26.10
CA VAL D 617 -9.74 -19.61 -26.03
C VAL D 617 -9.43 -20.47 -27.24
N HIS D 618 -10.35 -21.35 -27.60
CA HIS D 618 -10.17 -22.13 -28.81
C HIS D 618 -10.06 -21.20 -30.01
N ASN D 619 -10.94 -20.20 -30.03
CA ASN D 619 -10.94 -19.16 -31.04
C ASN D 619 -9.56 -18.56 -31.20
N GLU D 620 -9.05 -18.00 -30.12
CA GLU D 620 -7.86 -17.18 -30.23
C GLU D 620 -6.68 -18.03 -30.58
N LEU D 621 -6.61 -19.24 -30.05
CA LEU D 621 -5.47 -20.08 -30.36
C LEU D 621 -5.35 -20.27 -31.84
N ILE D 622 -6.40 -20.86 -32.43
CA ILE D 622 -6.34 -21.18 -33.85
C ILE D 622 -6.05 -19.92 -34.66
N ILE D 623 -6.71 -18.83 -34.28
CA ILE D 623 -6.86 -17.75 -35.24
C ILE D 623 -5.72 -16.76 -35.11
N SER D 624 -5.37 -16.39 -33.88
CA SER D 624 -4.16 -15.60 -33.67
C SER D 624 -2.90 -16.35 -34.09
N ALA D 625 -2.87 -17.69 -33.96
CA ALA D 625 -1.80 -18.44 -34.59
C ALA D 625 -1.77 -18.15 -36.08
N ILE D 626 -2.93 -18.18 -36.71
CA ILE D 626 -2.96 -17.98 -38.16
C ILE D 626 -2.49 -16.59 -38.53
N PHE D 627 -2.97 -15.58 -37.82
CA PHE D 627 -2.59 -14.21 -38.13
C PHE D 627 -1.08 -14.06 -38.07
N HIS D 628 -0.47 -14.53 -36.99
CA HIS D 628 0.98 -14.46 -36.92
C HIS D 628 1.60 -15.28 -38.04
N THR D 629 0.92 -16.33 -38.47
CA THR D 629 1.51 -17.18 -39.49
C THR D 629 1.58 -16.44 -40.80
N ILE D 630 0.45 -15.89 -41.19
CA ILE D 630 0.31 -15.30 -42.50
C ILE D 630 0.93 -13.92 -42.55
N ARG D 631 1.38 -13.40 -41.41
CA ARG D 631 2.29 -12.27 -41.47
C ARG D 631 3.73 -12.72 -41.65
N PHE D 632 4.18 -13.68 -40.85
CA PHE D 632 5.57 -14.09 -40.93
C PHE D 632 5.91 -14.88 -42.17
N VAL D 633 4.92 -15.38 -42.89
CA VAL D 633 5.22 -16.27 -43.98
C VAL D 633 5.83 -15.50 -45.14
N LEU D 634 5.22 -14.39 -45.50
CA LEU D 634 5.43 -13.79 -46.80
C LEU D 634 5.50 -12.27 -46.72
N ALA D 635 5.92 -11.75 -45.58
CA ALA D 635 6.05 -10.31 -45.42
C ALA D 635 6.98 -9.69 -46.44
N SER D 636 8.00 -10.41 -46.87
CA SER D 636 8.96 -9.90 -47.82
C SER D 636 8.43 -9.79 -49.24
N ARG D 637 7.16 -10.12 -49.48
CA ARG D 637 6.51 -9.89 -50.76
C ARG D 637 5.10 -9.38 -50.53
N LEU D 638 4.98 -8.42 -49.61
CA LEU D 638 3.73 -7.76 -49.30
C LEU D 638 3.75 -6.34 -49.83
N GLN D 639 2.59 -5.90 -50.26
CA GLN D 639 2.35 -4.48 -50.35
C GLN D 639 2.08 -3.95 -48.96
N SER D 640 1.78 -2.66 -48.89
CA SER D 640 1.45 -2.01 -47.64
C SER D 640 -0.04 -1.78 -47.50
N ASP D 641 -0.85 -2.57 -48.18
CA ASP D 641 -2.30 -2.48 -48.08
C ASP D 641 -2.96 -3.80 -47.71
N TRP D 642 -2.60 -4.89 -48.38
CA TRP D 642 -3.03 -6.23 -48.03
C TRP D 642 -2.69 -6.58 -46.59
N MET D 643 -1.56 -6.08 -46.12
CA MET D 643 -1.17 -6.29 -44.73
C MET D 643 -2.17 -5.68 -43.78
N LEU D 644 -2.52 -4.43 -44.03
CA LEU D 644 -3.38 -3.72 -43.10
C LEU D 644 -4.73 -4.42 -42.91
N MET D 645 -5.40 -4.74 -44.02
CA MET D 645 -6.56 -5.63 -43.98
C MET D 645 -6.32 -6.80 -43.03
N LEU D 646 -5.13 -7.41 -43.08
CA LEU D 646 -4.84 -8.56 -42.24
C LEU D 646 -4.99 -8.19 -40.78
N TYR D 647 -4.28 -7.14 -40.38
CA TYR D 647 -4.31 -6.71 -38.99
C TYR D 647 -5.71 -6.37 -38.53
N PHE D 648 -6.37 -5.50 -39.29
CA PHE D 648 -7.74 -5.11 -39.07
C PHE D 648 -8.59 -6.31 -38.82
N ALA D 649 -8.53 -7.23 -39.76
CA ALA D 649 -9.42 -8.34 -39.79
C ALA D 649 -9.26 -9.21 -38.58
N HIS D 650 -8.02 -9.60 -38.27
CA HIS D 650 -7.86 -10.63 -37.28
C HIS D 650 -8.13 -10.04 -35.91
N THR D 651 -7.72 -8.79 -35.70
CA THR D 651 -7.89 -8.22 -34.39
C THR D 651 -9.36 -7.90 -34.12
N HIS D 652 -10.08 -7.42 -35.14
CA HIS D 652 -11.51 -7.21 -34.97
C HIS D 652 -12.22 -8.51 -34.69
N LEU D 653 -11.98 -9.54 -35.54
CA LEU D 653 -12.55 -10.87 -35.34
C LEU D 653 -12.47 -11.41 -33.94
N THR D 654 -11.26 -11.50 -33.44
CA THR D 654 -11.04 -12.36 -32.30
C THR D 654 -11.37 -11.54 -31.09
N VAL D 655 -11.10 -10.25 -31.15
CA VAL D 655 -11.10 -9.51 -29.92
C VAL D 655 -12.43 -8.81 -29.71
N THR D 656 -13.06 -8.36 -30.78
CA THR D 656 -14.45 -7.95 -30.63
C THR D 656 -15.29 -9.14 -30.19
N VAL D 657 -15.00 -10.31 -30.74
CA VAL D 657 -15.62 -11.54 -30.30
C VAL D 657 -15.44 -11.73 -28.80
N THR D 658 -14.20 -11.60 -28.35
CA THR D 658 -13.85 -12.00 -27.01
C THR D 658 -14.23 -10.93 -26.01
N ILE D 659 -14.57 -9.75 -26.51
CA ILE D 659 -15.33 -8.78 -25.74
C ILE D 659 -16.76 -9.24 -25.59
N GLY D 660 -17.38 -9.54 -26.73
CA GLY D 660 -18.82 -9.64 -26.76
C GLY D 660 -19.32 -10.81 -25.97
N LEU D 661 -18.59 -11.93 -26.01
CA LEU D 661 -19.04 -13.10 -25.29
C LEU D 661 -19.17 -12.81 -23.81
N LEU D 662 -18.36 -11.92 -23.30
CA LEU D 662 -18.43 -11.55 -21.91
C LEU D 662 -19.48 -10.51 -21.64
N LEU D 663 -19.65 -9.57 -22.55
CA LEU D 663 -20.45 -8.39 -22.26
C LEU D 663 -21.93 -8.60 -22.58
N ILE D 664 -22.22 -9.16 -23.74
CA ILE D 664 -23.56 -9.41 -24.28
C ILE D 664 -24.59 -9.81 -23.24
N PRO D 665 -24.38 -10.90 -22.51
CA PRO D 665 -25.48 -11.44 -21.70
C PRO D 665 -25.77 -10.61 -20.50
N LYS D 666 -24.82 -9.80 -20.07
CA LYS D 666 -24.89 -9.13 -18.79
C LYS D 666 -25.73 -7.86 -18.83
N PHE D 667 -26.58 -7.72 -19.83
CA PHE D 667 -27.74 -6.83 -19.79
C PHE D 667 -29.06 -7.59 -19.71
N SER D 668 -29.27 -8.57 -20.57
CA SER D 668 -30.55 -9.24 -20.68
C SER D 668 -30.55 -10.57 -19.94
N SER E 18 -9.79 -9.47 51.15
CA SER E 18 -8.61 -9.93 50.41
C SER E 18 -7.66 -8.76 50.14
N PRO E 19 -6.37 -8.97 50.43
CA PRO E 19 -5.45 -7.81 50.52
C PRO E 19 -5.23 -7.09 49.20
N ASN E 20 -4.76 -7.81 48.19
CA ASN E 20 -4.35 -7.15 46.96
C ASN E 20 -5.51 -6.44 46.28
N MET E 21 -6.74 -6.86 46.57
CA MET E 21 -7.91 -6.14 46.09
C MET E 21 -7.82 -4.66 46.41
N LEU E 22 -7.42 -4.32 47.64
CA LEU E 22 -7.27 -2.91 47.99
C LEU E 22 -6.18 -2.25 47.16
N VAL E 23 -5.11 -2.98 46.86
CA VAL E 23 -4.04 -2.45 46.04
C VAL E 23 -4.57 -2.09 44.66
N TYR E 24 -5.25 -3.04 44.03
CA TYR E 24 -5.80 -2.78 42.71
C TYR E 24 -6.81 -1.65 42.77
N ARG E 25 -7.52 -1.52 43.89
CA ARG E 25 -8.49 -0.44 44.03
C ARG E 25 -7.79 0.91 44.03
N LYS E 26 -6.68 1.01 44.76
CA LYS E 26 -5.92 2.25 44.78
C LYS E 26 -5.43 2.62 43.38
N MET E 27 -4.89 1.64 42.66
CA MET E 27 -4.38 1.95 41.33
C MET E 27 -5.51 2.22 40.36
N GLU E 28 -6.70 1.69 40.64
CA GLU E 28 -7.90 2.08 39.90
C GLU E 28 -8.23 3.53 40.11
N ASP E 29 -8.18 3.98 41.36
CA ASP E 29 -8.22 5.41 41.65
C ASP E 29 -7.24 6.16 40.77
N VAL E 30 -6.03 5.62 40.67
CA VAL E 30 -4.98 6.23 39.86
C VAL E 30 -5.44 6.43 38.43
N ILE E 31 -5.78 5.35 37.75
CA ILE E 31 -6.07 5.47 36.32
C ILE E 31 -7.36 6.23 36.09
N ALA E 32 -8.28 6.18 37.05
CA ALA E 32 -9.51 6.98 36.95
C ALA E 32 -9.18 8.45 36.93
N ARG E 33 -8.31 8.89 37.84
CA ARG E 33 -7.80 10.25 37.73
C ARG E 33 -6.97 10.42 36.47
N MET E 34 -6.48 9.32 35.91
CA MET E 34 -5.62 9.40 34.74
C MET E 34 -6.39 9.81 33.49
N GLN E 35 -7.53 9.17 33.22
CA GLN E 35 -8.30 9.48 32.01
C GLN E 35 -9.43 10.45 32.30
N ASP E 36 -9.17 11.37 33.24
CA ASP E 36 -10.06 12.44 33.62
C ASP E 36 -10.57 13.26 32.43
N GLU E 37 -11.84 13.68 32.53
CA GLU E 37 -12.40 14.52 31.47
C GLU E 37 -11.67 15.84 31.26
N LYS E 38 -11.66 16.71 32.27
CA LYS E 38 -11.06 18.03 32.13
C LYS E 38 -9.53 17.98 32.14
N ASN E 39 -8.93 17.26 33.06
CA ASN E 39 -7.51 16.97 32.97
C ASN E 39 -7.29 15.55 32.43
N GLY E 40 -6.04 15.19 32.23
CA GLY E 40 -5.73 13.85 31.79
C GLY E 40 -4.83 13.89 30.60
N ILE E 41 -4.35 12.73 30.17
CA ILE E 41 -3.53 12.67 28.97
C ILE E 41 -4.49 12.67 27.79
N PRO E 42 -4.17 13.36 26.71
CA PRO E 42 -5.05 13.33 25.54
C PRO E 42 -4.65 12.19 24.62
N ILE E 43 -5.63 11.35 24.27
CA ILE E 43 -5.39 10.18 23.43
C ILE E 43 -5.46 10.64 21.98
N ARG E 44 -4.28 10.80 21.38
CA ARG E 44 -4.16 11.47 20.09
C ARG E 44 -4.28 10.50 18.94
N THR E 45 -4.34 11.07 17.73
CA THR E 45 -4.38 10.33 16.48
C THR E 45 -3.19 10.75 15.63
N VAL E 46 -2.21 9.89 15.54
CA VAL E 46 -0.99 10.22 14.83
C VAL E 46 -1.21 10.08 13.34
N LYS E 47 -0.49 10.88 12.58
CA LYS E 47 -0.46 10.78 11.14
C LYS E 47 0.97 10.53 10.70
N SER E 48 1.16 9.55 9.81
CA SER E 48 2.49 9.14 9.43
C SER E 48 2.58 9.12 7.92
N PHE E 49 3.82 9.09 7.42
CA PHE E 49 4.04 8.91 5.99
C PHE E 49 3.62 7.52 5.55
N LEU E 50 3.60 6.56 6.47
CA LEU E 50 3.14 5.20 6.19
C LEU E 50 1.65 5.02 6.45
N SER E 51 1.13 5.57 7.55
CA SER E 51 -0.27 5.40 7.89
C SER E 51 -0.74 6.55 8.76
N LYS E 52 -1.99 6.45 9.21
CA LYS E 52 -2.63 7.41 10.12
C LYS E 52 -3.19 6.63 11.30
N ILE E 53 -2.47 6.65 12.42
CA ILE E 53 -2.90 5.86 13.58
C ILE E 53 -3.58 6.78 14.59
N PRO E 54 -4.82 6.50 14.98
CA PRO E 54 -5.48 7.30 16.01
C PRO E 54 -5.41 6.69 17.40
N SER E 55 -5.82 7.47 18.40
CA SER E 55 -6.09 6.98 19.76
C SER E 55 -4.88 6.28 20.37
N VAL E 56 -3.78 7.02 20.45
CA VAL E 56 -2.56 6.58 21.12
C VAL E 56 -1.93 7.78 21.82
N PHE E 57 -0.75 7.56 22.39
CA PHE E 57 0.02 8.64 22.97
C PHE E 57 1.42 8.13 23.28
N SER E 58 2.30 9.04 23.69
CA SER E 58 3.69 8.67 23.89
C SER E 58 4.05 8.60 25.36
N GLY E 59 4.97 7.68 25.68
CA GLY E 59 5.30 7.43 27.06
C GLY E 59 5.81 8.66 27.80
N SER E 60 6.43 9.58 27.07
CA SER E 60 6.83 10.84 27.67
C SER E 60 5.61 11.60 28.19
N ASP E 61 4.47 11.46 27.51
CA ASP E 61 3.23 12.04 28.02
C ASP E 61 2.90 11.52 29.40
N ILE E 62 2.87 10.19 29.57
CA ILE E 62 2.49 9.64 30.86
C ILE E 62 3.53 9.96 31.91
N VAL E 63 4.79 10.01 31.53
CA VAL E 63 5.83 10.40 32.47
C VAL E 63 5.56 11.80 32.98
N GLN E 64 5.32 12.74 32.06
CA GLN E 64 4.96 14.09 32.44
C GLN E 64 3.72 14.13 33.32
N TRP E 65 2.71 13.30 33.02
CA TRP E 65 1.47 13.30 33.80
C TRP E 65 1.73 12.87 35.23
N LEU E 66 2.49 11.78 35.40
CA LEU E 66 2.94 11.36 36.72
C LEU E 66 3.62 12.50 37.45
N ILE E 67 4.66 13.09 36.82
CA ILE E 67 5.45 14.10 37.52
C ILE E 67 4.57 15.28 37.92
N LYS E 68 3.65 15.68 37.05
CA LYS E 68 2.77 16.77 37.40
C LYS E 68 1.87 16.41 38.58
N ASN E 69 1.01 15.42 38.40
CA ASN E 69 -0.08 15.26 39.36
C ASN E 69 0.31 14.44 40.58
N LEU E 70 1.51 13.89 40.62
CA LEU E 70 1.95 13.07 41.74
C LEU E 70 3.15 13.64 42.47
N THR E 71 3.88 14.57 41.85
CA THR E 71 5.03 15.22 42.47
C THR E 71 6.08 14.18 42.88
N ILE E 72 6.39 13.29 41.95
CA ILE E 72 7.38 12.24 42.15
C ILE E 72 8.73 12.82 41.75
N GLU E 73 9.52 13.18 42.76
CA GLU E 73 10.72 13.98 42.52
C GLU E 73 11.68 13.29 41.58
N ASP E 74 12.02 12.04 41.86
CA ASP E 74 12.92 11.34 40.96
C ASP E 74 12.17 10.97 39.69
N PRO E 75 12.62 11.43 38.53
CA PRO E 75 12.18 10.81 37.28
C PRO E 75 12.28 9.30 37.32
N VAL E 76 13.36 8.76 37.88
CA VAL E 76 13.48 7.31 37.97
C VAL E 76 12.39 6.72 38.86
N GLU E 77 12.09 7.37 39.99
CA GLU E 77 11.08 6.82 40.88
C GLU E 77 9.71 6.80 40.21
N ALA E 78 9.32 7.93 39.63
CA ALA E 78 8.06 7.97 38.92
C ALA E 78 8.05 6.96 37.77
N LEU E 79 9.21 6.77 37.14
CA LEU E 79 9.27 5.79 36.07
C LEU E 79 9.07 4.38 36.59
N HIS E 80 9.54 4.09 37.80
CA HIS E 80 9.36 2.73 38.31
C HIS E 80 7.91 2.48 38.70
N LEU E 81 7.28 3.47 39.34
CA LEU E 81 5.85 3.39 39.55
C LEU E 81 5.11 3.11 38.26
N GLY E 82 5.38 3.93 37.23
CA GLY E 82 4.78 3.69 35.95
C GLY E 82 5.10 2.31 35.40
N THR E 83 6.31 1.83 35.68
CA THR E 83 6.71 0.53 35.15
C THR E 83 5.82 -0.57 35.70
N LEU E 84 5.67 -0.63 37.01
CA LEU E 84 4.86 -1.73 37.51
C LEU E 84 3.38 -1.54 37.23
N MET E 85 2.90 -0.30 37.20
CA MET E 85 1.52 -0.09 36.78
C MET E 85 1.31 -0.67 35.39
N ALA E 86 2.19 -0.33 34.46
CA ALA E 86 2.04 -0.82 33.10
C ALA E 86 2.30 -2.32 33.03
N ALA E 87 2.93 -2.89 34.05
CA ALA E 87 3.04 -4.34 34.03
C ALA E 87 1.88 -5.00 34.78
N HIS E 88 0.92 -4.22 35.26
CA HIS E 88 -0.35 -4.80 35.74
C HIS E 88 -1.52 -4.62 34.78
N GLY E 89 -1.27 -4.35 33.51
CA GLY E 89 -2.35 -4.18 32.56
C GLY E 89 -3.21 -2.97 32.85
N TYR E 90 -2.64 -1.78 32.79
CA TYR E 90 -3.41 -0.56 32.72
C TYR E 90 -2.97 0.30 31.55
N PHE E 91 -1.84 -0.04 30.93
CA PHE E 91 -1.51 0.38 29.57
C PHE E 91 -0.25 -0.34 29.10
N PHE E 92 -0.12 -0.48 27.79
CA PHE E 92 0.77 -1.37 27.08
C PHE E 92 1.39 -0.69 25.85
N PRO E 93 2.55 -1.18 25.38
CA PRO E 93 3.11 -0.63 24.15
C PRO E 93 2.57 -1.37 22.94
N ILE E 94 2.12 -0.58 21.97
CA ILE E 94 1.27 -1.08 20.90
C ILE E 94 1.98 -2.13 20.06
N SER E 95 3.31 -2.11 20.02
CA SER E 95 4.05 -3.01 19.15
C SER E 95 4.86 -4.04 19.91
N ASP E 96 4.59 -4.26 21.19
CA ASP E 96 5.43 -5.19 21.94
C ASP E 96 4.59 -6.14 22.77
N HIS E 97 5.17 -7.30 23.07
CA HIS E 97 4.53 -8.26 23.95
C HIS E 97 4.78 -7.92 25.41
N VAL E 98 6.04 -7.67 25.78
CA VAL E 98 6.47 -7.52 27.17
C VAL E 98 6.18 -6.12 27.67
N LEU E 99 5.29 -6.03 28.65
CA LEU E 99 4.85 -4.75 29.18
C LEU E 99 6.04 -4.07 29.86
N THR E 100 6.43 -2.90 29.37
CA THR E 100 7.45 -2.07 30.00
C THR E 100 7.24 -0.64 29.52
N LEU E 101 7.09 0.30 30.43
CA LEU E 101 6.98 1.71 30.05
C LEU E 101 8.37 2.24 29.79
N LYS E 102 8.60 2.73 28.58
CA LYS E 102 9.87 3.33 28.20
C LYS E 102 9.64 4.78 27.80
N ASP E 103 10.26 5.71 28.51
CA ASP E 103 10.02 7.12 28.27
C ASP E 103 10.59 7.49 26.91
N ASP E 104 9.71 7.51 25.91
CA ASP E 104 10.09 7.93 24.56
C ASP E 104 8.85 8.07 23.70
N GLY E 105 9.06 8.29 22.41
CA GLY E 105 7.98 8.35 21.47
C GLY E 105 7.50 6.99 21.00
N THR E 106 6.76 6.27 21.84
CA THR E 106 6.08 5.06 21.42
C THR E 106 4.64 5.15 21.88
N PHE E 107 3.77 4.34 21.28
CA PHE E 107 2.34 4.56 21.38
C PHE E 107 1.68 3.54 22.30
N TYR E 108 0.85 4.03 23.21
CA TYR E 108 0.30 3.27 24.31
C TYR E 108 -1.21 3.20 24.18
N ARG E 109 -1.85 2.65 25.21
CA ARG E 109 -3.31 2.66 25.29
C ARG E 109 -3.76 2.12 26.63
N PHE E 110 -4.88 2.64 27.13
CA PHE E 110 -5.49 2.13 28.35
C PHE E 110 -6.13 0.78 28.06
N GLN E 111 -6.72 0.18 29.08
CA GLN E 111 -7.37 -1.10 28.92
C GLN E 111 -8.86 -0.98 29.21
N THR E 112 -9.59 -2.06 28.95
CA THR E 112 -11.04 -2.03 29.02
C THR E 112 -11.55 -2.49 30.37
N PRO E 113 -12.65 -1.90 30.87
CA PRO E 113 -13.15 -2.28 32.19
C PRO E 113 -13.56 -3.73 32.30
N TYR E 114 -13.79 -4.41 31.17
CA TYR E 114 -14.03 -5.84 31.22
C TYR E 114 -12.73 -6.61 31.26
N PHE E 115 -11.64 -5.97 30.84
CA PHE E 115 -10.32 -6.60 30.93
C PHE E 115 -9.35 -5.84 31.82
N TRP E 116 -9.77 -5.37 32.97
CA TRP E 116 -8.74 -5.07 33.94
C TRP E 116 -8.21 -6.38 34.50
N PRO E 117 -7.25 -6.32 35.42
CA PRO E 117 -6.91 -7.52 36.19
C PRO E 117 -7.68 -7.63 37.49
N SER E 118 -8.41 -6.59 37.90
CA SER E 118 -9.15 -6.66 39.15
C SER E 118 -10.34 -7.59 39.09
N ASN E 119 -10.68 -8.11 37.92
CA ASN E 119 -11.94 -8.83 37.74
C ASN E 119 -11.77 -10.32 37.91
N CYS E 120 -10.80 -10.75 38.71
CA CYS E 120 -10.69 -12.14 39.17
C CYS E 120 -10.56 -13.13 38.02
N TRP E 121 -10.04 -12.64 36.90
CA TRP E 121 -10.02 -13.42 35.67
C TRP E 121 -9.03 -14.56 35.80
N GLU E 122 -9.24 -15.59 35.00
CA GLU E 122 -8.35 -16.75 35.00
C GLU E 122 -8.49 -17.49 33.67
N PRO E 123 -7.60 -17.28 32.74
CA PRO E 123 -7.68 -18.04 31.48
C PRO E 123 -7.26 -19.46 31.72
N GLU E 124 -7.49 -20.32 30.74
CA GLU E 124 -7.10 -21.72 30.84
C GLU E 124 -6.60 -22.19 29.48
N ASN E 125 -6.07 -23.40 29.49
CA ASN E 125 -5.33 -23.89 28.33
C ASN E 125 -6.17 -23.96 27.05
N THR E 126 -7.41 -24.44 27.12
CA THR E 126 -8.22 -24.47 25.91
C THR E 126 -8.40 -23.08 25.33
N ASP E 127 -8.56 -22.09 26.19
CA ASP E 127 -8.76 -20.76 25.67
C ASP E 127 -7.48 -20.21 25.07
N TYR E 128 -6.33 -20.58 25.63
CA TYR E 128 -5.12 -20.20 24.94
C TYR E 128 -5.06 -20.83 23.57
N ALA E 129 -5.54 -22.05 23.44
CA ALA E 129 -5.59 -22.66 22.12
C ALA E 129 -6.51 -21.87 21.19
N VAL E 130 -7.61 -21.36 21.73
CA VAL E 130 -8.54 -20.59 20.89
C VAL E 130 -7.89 -19.34 20.36
N TYR E 131 -7.21 -18.61 21.23
CA TYR E 131 -6.56 -17.39 20.79
C TYR E 131 -5.43 -17.69 19.82
N LEU E 132 -4.75 -18.82 20.00
CA LEU E 132 -3.69 -19.19 19.06
C LEU E 132 -4.25 -19.46 17.66
N CYS E 133 -5.26 -20.30 17.57
CA CYS E 133 -5.87 -20.56 16.26
C CYS E 133 -6.38 -19.27 15.63
N LYS E 134 -7.02 -18.41 16.43
CA LYS E 134 -7.57 -17.18 15.84
C LYS E 134 -6.50 -16.27 15.29
N ARG E 135 -5.48 -15.94 16.09
CA ARG E 135 -4.40 -15.09 15.56
C ARG E 135 -3.75 -15.73 14.35
N THR E 136 -3.46 -17.02 14.41
CA THR E 136 -2.75 -17.63 13.30
C THR E 136 -3.61 -17.66 12.04
N MET E 137 -4.92 -17.56 12.18
CA MET E 137 -5.79 -17.67 11.02
C MET E 137 -6.44 -16.36 10.61
N GLN E 138 -6.16 -15.24 11.27
CA GLN E 138 -6.76 -14.01 10.76
C GLN E 138 -6.16 -13.60 9.42
N ASN E 139 -4.84 -13.69 9.30
CA ASN E 139 -4.10 -13.00 8.26
C ASN E 139 -3.63 -13.89 7.11
N LYS E 140 -3.05 -15.04 7.43
CA LYS E 140 -2.40 -15.96 6.51
C LYS E 140 -1.47 -15.27 5.53
N ALA E 141 -0.74 -14.24 5.96
CA ALA E 141 0.41 -13.75 5.23
C ALA E 141 1.72 -14.18 5.88
N ARG E 142 1.73 -14.37 7.18
CA ARG E 142 2.93 -14.72 7.93
C ARG E 142 2.51 -15.46 9.19
N LEU E 143 3.47 -16.13 9.82
CA LEU E 143 3.23 -16.68 11.15
C LEU E 143 3.26 -15.49 12.10
N GLU E 144 2.14 -14.80 12.19
CA GLU E 144 2.10 -13.54 12.91
C GLU E 144 2.22 -13.81 14.41
N LEU E 145 3.46 -13.99 14.87
CA LEU E 145 3.68 -14.46 16.24
C LEU E 145 5.17 -14.47 16.56
N ALA E 146 5.53 -14.78 17.80
CA ALA E 146 6.93 -14.93 18.18
C ALA E 146 7.15 -16.37 18.63
N ASP E 147 8.42 -16.73 18.85
CA ASP E 147 8.81 -18.12 18.96
C ASP E 147 8.23 -18.78 20.21
N TYR E 148 8.12 -18.03 21.30
CA TYR E 148 7.52 -18.63 22.48
C TYR E 148 6.05 -18.98 22.25
N GLU E 149 5.29 -18.14 21.55
CA GLU E 149 3.89 -18.44 21.36
C GLU E 149 3.71 -19.58 20.36
N ALA E 150 4.58 -19.64 19.34
CA ALA E 150 4.55 -20.80 18.46
C ALA E 150 4.88 -22.07 19.23
N GLU E 151 5.81 -21.97 20.18
CA GLU E 151 6.12 -23.13 21.00
C GLU E 151 4.92 -23.56 21.81
N SER E 152 4.21 -22.61 22.42
CA SER E 152 3.04 -22.96 23.21
C SER E 152 1.99 -23.65 22.35
N LEU E 153 1.76 -23.15 21.14
CA LEU E 153 0.80 -23.80 20.28
C LEU E 153 1.22 -25.21 19.89
N ALA E 154 2.51 -25.46 19.70
CA ALA E 154 2.93 -26.83 19.40
C ALA E 154 2.52 -27.80 20.52
N ARG E 155 2.77 -27.41 21.76
CA ARG E 155 2.37 -28.26 22.89
C ARG E 155 0.87 -28.44 22.95
N LEU E 156 0.12 -27.34 22.80
CA LEU E 156 -1.33 -27.45 22.80
C LEU E 156 -1.82 -28.42 21.75
N GLN E 157 -1.21 -28.41 20.57
CA GLN E 157 -1.54 -29.42 19.58
C GLN E 157 -1.28 -30.81 20.12
N ARG E 158 -0.06 -31.06 20.62
CA ARG E 158 0.30 -32.43 20.96
C ARG E 158 -0.54 -32.97 22.11
N ALA E 159 -1.13 -32.09 22.92
CA ALA E 159 -1.83 -32.60 24.09
C ALA E 159 -3.35 -32.51 23.95
N PHE E 160 -3.85 -31.72 23.00
CA PHE E 160 -5.28 -31.52 22.82
C PHE E 160 -5.81 -32.29 21.63
N ALA E 161 -5.31 -33.51 21.42
CA ALA E 161 -5.61 -34.30 20.22
C ALA E 161 -7.10 -34.39 19.91
N ARG E 162 -7.93 -34.61 20.91
CA ARG E 162 -9.37 -34.69 20.65
C ARG E 162 -9.93 -33.34 20.26
N LYS E 163 -9.89 -32.37 21.18
CA LYS E 163 -10.68 -31.15 21.09
C LYS E 163 -9.89 -30.10 20.32
N TRP E 164 -10.19 -29.93 19.04
CA TRP E 164 -9.74 -28.78 18.29
C TRP E 164 -10.87 -28.08 17.56
N GLU E 165 -11.83 -28.83 17.04
CA GLU E 165 -12.62 -28.34 15.92
C GLU E 165 -13.44 -27.11 16.25
N PHE E 166 -14.31 -27.17 17.25
CA PHE E 166 -15.10 -25.99 17.57
C PHE E 166 -14.24 -24.82 18.01
N ILE E 167 -13.03 -25.10 18.49
CA ILE E 167 -12.06 -24.03 18.72
C ILE E 167 -11.86 -23.23 17.44
N PHE E 168 -11.41 -23.91 16.38
CA PHE E 168 -11.24 -23.28 15.08
C PHE E 168 -12.54 -22.63 14.62
N MET E 169 -13.63 -23.32 14.87
CA MET E 169 -14.95 -22.86 14.46
C MET E 169 -15.25 -21.48 15.06
N GLN E 170 -15.31 -21.42 16.38
CA GLN E 170 -15.63 -20.18 17.08
C GLN E 170 -14.58 -19.11 16.82
N ALA E 171 -13.34 -19.53 16.57
CA ALA E 171 -12.32 -18.55 16.24
C ALA E 171 -12.69 -17.80 14.97
N GLU E 172 -12.88 -18.52 13.87
CA GLU E 172 -13.19 -17.80 12.65
C GLU E 172 -14.57 -17.18 12.71
N ALA E 173 -15.47 -17.76 13.50
CA ALA E 173 -16.74 -17.09 13.75
C ALA E 173 -16.55 -15.71 14.35
N GLN E 174 -15.82 -15.62 15.46
CA GLN E 174 -15.44 -14.34 16.03
C GLN E 174 -14.79 -13.43 15.01
N ALA E 175 -13.92 -13.98 14.17
CA ALA E 175 -13.24 -13.17 13.17
C ALA E 175 -14.25 -12.51 12.25
N LYS E 176 -15.25 -13.25 11.81
CA LYS E 176 -16.30 -12.64 11.00
C LYS E 176 -17.13 -11.65 11.81
N VAL E 177 -17.47 -12.00 13.05
CA VAL E 177 -18.36 -11.16 13.84
C VAL E 177 -17.70 -9.84 14.19
N ASP E 178 -16.38 -9.79 14.17
CA ASP E 178 -15.71 -8.55 14.47
C ASP E 178 -15.26 -7.80 13.21
N LYS E 179 -14.76 -8.51 12.20
CA LYS E 179 -14.45 -7.85 10.94
C LYS E 179 -15.67 -7.24 10.30
N LYS E 180 -16.86 -7.79 10.56
CA LYS E 180 -18.08 -7.21 10.01
C LYS E 180 -18.29 -5.79 10.49
N ARG E 181 -17.80 -5.46 11.69
CA ARG E 181 -17.78 -4.09 12.13
C ARG E 181 -16.56 -3.38 11.54
N ASP E 182 -16.52 -2.06 11.67
CA ASP E 182 -15.62 -1.26 10.84
C ASP E 182 -14.14 -1.55 11.11
N LYS E 183 -13.33 -1.18 10.13
CA LYS E 183 -11.93 -1.60 10.06
C LYS E 183 -11.10 -1.11 11.24
N ILE E 184 -11.42 0.06 11.80
CA ILE E 184 -10.66 0.58 12.92
C ILE E 184 -11.15 -0.13 14.18
N GLU E 185 -12.42 -0.55 14.16
CA GLU E 185 -12.93 -1.29 15.29
C GLU E 185 -12.23 -2.62 15.44
N ARG E 186 -12.09 -3.37 14.34
CA ARG E 186 -11.37 -4.64 14.45
C ARG E 186 -9.97 -4.43 14.98
N LYS E 187 -9.31 -3.36 14.53
CA LYS E 187 -7.95 -3.10 14.97
C LYS E 187 -7.89 -2.84 16.48
N ILE E 188 -8.70 -1.90 16.97
CA ILE E 188 -8.57 -1.58 18.40
C ILE E 188 -9.02 -2.73 19.27
N LEU E 189 -10.09 -3.44 18.90
CA LEU E 189 -10.52 -4.54 19.74
C LEU E 189 -9.48 -5.65 19.75
N ASP E 190 -8.88 -5.95 18.59
CA ASP E 190 -7.90 -7.01 18.59
C ASP E 190 -6.64 -6.60 19.32
N SER E 191 -6.29 -5.32 19.27
CA SER E 191 -5.14 -4.87 20.06
C SER E 191 -5.39 -5.09 21.54
N GLN E 192 -6.55 -4.67 22.03
CA GLN E 192 -6.83 -4.80 23.46
C GLN E 192 -6.86 -6.27 23.88
N GLU E 193 -7.58 -7.09 23.14
CA GLU E 193 -7.72 -8.48 23.54
C GLU E 193 -6.54 -9.30 23.05
N ARG E 194 -5.51 -8.63 22.53
CA ARG E 194 -4.19 -9.19 22.50
C ARG E 194 -3.42 -8.89 23.78
N ALA E 195 -3.32 -7.61 24.13
CA ALA E 195 -2.46 -7.23 25.26
C ALA E 195 -2.93 -7.87 26.56
N PHE E 196 -4.24 -7.98 26.73
CA PHE E 196 -4.75 -8.55 27.98
C PHE E 196 -4.37 -10.03 28.08
N TRP E 197 -3.87 -10.65 27.02
CA TRP E 197 -3.37 -12.00 27.25
C TRP E 197 -1.86 -12.05 27.33
N ASP E 198 -1.19 -11.03 26.82
CA ASP E 198 0.16 -10.77 27.28
C ASP E 198 0.25 -10.78 28.80
N VAL E 199 -0.52 -9.92 29.46
CA VAL E 199 -0.32 -9.72 30.90
C VAL E 199 -0.64 -10.98 31.69
N HIS E 200 -1.56 -11.80 31.20
CA HIS E 200 -1.95 -12.99 31.95
C HIS E 200 -1.27 -14.27 31.50
N ARG E 201 -0.38 -14.20 30.51
CA ARG E 201 0.57 -15.27 30.24
C ARG E 201 1.77 -14.61 29.58
N PRO E 202 2.71 -14.11 30.37
CA PRO E 202 3.73 -13.20 29.84
C PRO E 202 4.89 -13.95 29.21
N VAL E 203 5.75 -13.18 28.56
CA VAL E 203 6.97 -13.70 27.92
C VAL E 203 7.83 -14.40 28.96
N PRO E 204 8.66 -15.37 28.59
CA PRO E 204 9.48 -16.09 29.57
C PRO E 204 10.26 -15.23 30.56
N GLY E 205 10.73 -14.06 30.12
CA GLY E 205 11.59 -13.29 30.99
C GLY E 205 10.90 -12.54 32.10
N CYS E 206 10.09 -11.54 31.75
CA CYS E 206 9.52 -10.61 32.73
C CYS E 206 8.68 -11.39 33.75
N VAL E 207 8.60 -10.88 34.97
CA VAL E 207 7.89 -11.59 36.01
C VAL E 207 6.40 -11.55 35.73
N ASN E 208 5.70 -12.66 36.02
CA ASN E 208 4.25 -12.62 36.06
C ASN E 208 3.85 -11.58 37.07
N THR E 209 2.72 -10.92 36.84
CA THR E 209 2.22 -10.04 37.87
C THR E 209 0.90 -10.52 38.42
N THR E 210 0.60 -11.80 38.27
CA THR E 210 -0.61 -12.35 38.84
C THR E 210 -0.46 -12.87 40.25
N GLU E 211 0.54 -13.71 40.50
CA GLU E 211 0.47 -14.65 41.61
C GLU E 211 0.38 -13.97 42.96
N VAL E 212 0.11 -14.78 43.97
CA VAL E 212 0.00 -14.35 45.35
C VAL E 212 0.66 -15.41 46.22
N ASP E 213 0.99 -15.03 47.44
CA ASP E 213 1.64 -15.96 48.35
C ASP E 213 0.62 -16.78 49.12
N ILE E 214 0.98 -18.04 49.38
CA ILE E 214 0.07 -19.00 49.99
C ILE E 214 -0.48 -18.51 51.31
N LYS E 215 0.28 -17.66 52.03
CA LYS E 215 -0.22 -17.10 53.28
C LYS E 215 -1.55 -16.42 53.07
N LYS E 216 -1.64 -15.54 52.10
CA LYS E 216 -2.93 -14.95 51.81
C LYS E 216 -3.84 -15.89 51.01
N SER E 217 -3.38 -17.10 50.69
CA SER E 217 -4.23 -18.11 50.08
C SER E 217 -5.06 -18.76 51.19
N SER E 218 -6.11 -18.05 51.58
CA SER E 218 -6.96 -18.51 52.69
C SER E 218 -7.61 -19.85 52.39
N ASP E 256 -22.35 -9.63 85.86
CA ASP E 256 -20.89 -9.75 85.88
C ASP E 256 -20.28 -9.44 84.52
N GLU E 257 -21.03 -9.65 83.43
CA GLU E 257 -20.52 -9.34 82.09
C GLU E 257 -20.07 -7.88 82.01
N LEU E 258 -20.96 -6.97 82.38
CA LEU E 258 -20.56 -5.58 82.55
C LEU E 258 -19.56 -5.42 83.67
N GLN E 259 -19.47 -6.38 84.60
CA GLN E 259 -18.44 -6.30 85.62
C GLN E 259 -17.05 -6.49 85.03
N GLN E 260 -16.83 -7.48 84.16
CA GLN E 260 -15.56 -7.52 83.43
C GLN E 260 -15.41 -6.35 82.46
N GLN E 261 -16.49 -5.93 81.81
CA GLN E 261 -16.47 -4.70 81.03
C GLN E 261 -16.03 -3.52 81.88
N ILE E 262 -16.74 -3.28 82.99
CA ILE E 262 -16.42 -2.18 83.89
C ILE E 262 -14.98 -2.31 84.40
N LYS E 263 -14.53 -3.54 84.60
CA LYS E 263 -13.17 -3.75 85.10
C LYS E 263 -12.14 -3.37 84.05
N TYR E 264 -12.43 -3.66 82.78
CA TYR E 264 -11.58 -3.17 81.70
C TYR E 264 -11.54 -1.64 81.70
N TRP E 265 -12.70 -1.02 81.89
CA TRP E 265 -12.73 0.43 81.99
C TRP E 265 -11.87 0.92 83.16
N GLN E 266 -11.93 0.23 84.30
CA GLN E 266 -11.15 0.66 85.46
C GLN E 266 -9.66 0.46 85.24
N ILE E 267 -9.27 -0.64 84.60
CA ILE E 267 -7.85 -0.85 84.33
C ILE E 267 -7.35 0.17 83.30
N GLN E 268 -8.23 0.61 82.38
CA GLN E 268 -7.79 1.71 81.53
C GLN E 268 -7.58 2.96 82.38
N LEU E 269 -8.45 3.19 83.37
CA LEU E 269 -8.26 4.32 84.27
C LEU E 269 -6.92 4.26 84.99
N ASP E 270 -6.64 3.16 85.70
CA ASP E 270 -5.37 3.03 86.41
C ASP E 270 -4.20 2.75 85.49
N ARG E 271 -4.43 2.71 84.18
CA ARG E 271 -3.36 2.52 83.20
C ARG E 271 -2.55 3.80 83.14
N HIS E 272 -1.45 3.85 83.90
CA HIS E 272 -0.67 5.06 84.03
C HIS E 272 -0.04 5.43 82.69
N ARG E 273 -0.28 6.66 82.25
CA ARG E 273 0.29 7.17 81.01
C ARG E 273 1.03 8.47 81.28
N LEU E 274 1.90 8.83 80.34
CA LEU E 274 2.64 10.08 80.40
C LEU E 274 2.44 10.85 79.10
N LYS E 275 2.74 12.14 79.16
CA LYS E 275 2.50 13.00 78.01
C LYS E 275 3.42 12.62 76.87
N MET E 276 2.92 12.83 75.64
CA MET E 276 3.70 12.57 74.44
C MET E 276 5.00 13.35 74.43
N SER E 277 4.99 14.59 74.90
CA SER E 277 6.22 15.36 75.08
C SER E 277 7.22 14.61 75.94
N LYS E 278 6.75 13.93 76.98
CA LYS E 278 7.64 13.08 77.76
C LYS E 278 8.25 11.98 76.89
N VAL E 279 7.40 11.30 76.12
CA VAL E 279 7.91 10.30 75.19
C VAL E 279 8.80 10.94 74.16
N ALA E 280 8.47 12.14 73.73
CA ALA E 280 9.31 12.85 72.77
C ALA E 280 10.71 13.04 73.32
N ASP E 281 10.82 13.55 74.54
CA ASP E 281 12.12 13.74 75.16
C ASP E 281 12.85 12.42 75.30
N SER E 282 12.14 11.39 75.78
CA SER E 282 12.78 10.10 75.94
C SER E 282 13.31 9.56 74.62
N LEU E 283 12.53 9.71 73.55
CA LEU E 283 12.93 9.14 72.26
C LEU E 283 14.08 9.95 71.65
N LEU E 284 13.96 11.26 71.68
CA LEU E 284 15.05 12.10 71.19
C LEU E 284 16.32 11.84 71.97
N SER E 285 16.23 11.70 73.29
CA SER E 285 17.42 11.56 74.11
C SER E 285 18.05 10.19 73.93
N TYR E 286 17.22 9.13 73.85
CA TYR E 286 17.75 7.82 73.55
C TYR E 286 18.35 7.77 72.16
N THR E 287 17.88 8.62 71.25
CA THR E 287 18.55 8.75 69.97
C THR E 287 19.89 9.41 70.13
N GLU E 288 19.91 10.54 70.84
CA GLU E 288 21.10 11.36 70.94
C GLU E 288 22.23 10.62 71.61
N GLN E 289 21.92 9.90 72.67
CA GLN E 289 22.98 9.29 73.46
C GLN E 289 23.75 8.23 72.68
N TYR E 290 23.20 7.76 71.55
CA TYR E 290 23.90 6.88 70.62
C TYR E 290 23.90 7.48 69.23
N LEU E 291 23.23 8.63 69.06
CA LEU E 291 23.24 9.40 67.82
C LEU E 291 24.65 9.52 67.28
N GLU E 292 25.60 9.80 68.15
CA GLU E 292 26.99 9.78 67.79
C GLU E 292 27.56 8.37 67.77
N TYR E 293 26.70 7.35 67.70
CA TYR E 293 27.19 5.99 67.55
C TYR E 293 26.64 5.31 66.31
N ASP E 294 25.56 5.87 65.77
CA ASP E 294 24.91 5.41 64.55
C ASP E 294 25.94 5.21 63.45
N PRO E 295 26.22 3.98 63.02
CA PRO E 295 27.15 3.80 61.91
C PRO E 295 26.54 4.01 60.56
N PHE E 296 25.32 4.51 60.49
CA PHE E 296 24.80 4.96 59.21
C PHE E 296 24.91 6.46 59.07
N LEU E 297 24.56 7.20 60.11
CA LEU E 297 24.44 8.64 60.00
C LEU E 297 25.76 9.36 60.23
N LEU E 298 26.26 9.31 61.46
CA LEU E 298 27.53 9.95 61.80
C LEU E 298 28.34 9.03 62.70
N PRO E 299 29.23 8.23 62.09
CA PRO E 299 30.08 7.34 62.89
C PRO E 299 31.42 8.03 63.11
N PRO E 300 31.90 8.11 64.39
CA PRO E 300 33.28 8.60 64.49
C PRO E 300 34.28 7.55 63.97
N ASP E 301 34.15 6.24 64.33
CA ASP E 301 35.10 5.31 63.70
C ASP E 301 34.72 5.11 62.25
N PRO E 302 35.51 5.68 61.35
CA PRO E 302 35.23 5.60 59.92
C PRO E 302 35.54 4.22 59.38
N SER E 303 36.18 3.38 60.20
CA SER E 303 36.49 2.02 59.79
C SER E 303 35.14 1.37 59.51
N ASN E 304 34.92 0.96 58.27
CA ASN E 304 33.67 0.29 57.92
C ASN E 304 34.08 -1.04 57.28
N PRO E 305 33.92 -2.20 58.00
CA PRO E 305 34.34 -3.40 57.26
C PRO E 305 33.53 -3.66 56.01
N TRP E 306 32.33 -3.19 56.00
CA TRP E 306 31.58 -3.29 54.77
C TRP E 306 32.13 -2.37 53.69
N LEU E 307 32.17 -1.08 53.96
CA LEU E 307 32.47 -0.10 52.93
C LEU E 307 33.97 -0.05 52.64
N SER E 308 34.77 0.27 53.65
CA SER E 308 36.18 0.55 53.46
C SER E 308 37.09 -0.66 53.65
N ASP E 309 36.55 -1.87 53.44
CA ASP E 309 37.34 -3.09 53.31
C ASP E 309 38.31 -3.28 54.49
N ASP E 310 37.83 -2.91 55.67
CA ASP E 310 38.61 -3.06 56.88
C ASP E 310 38.07 -4.21 57.71
N THR E 311 38.87 -4.68 58.66
CA THR E 311 38.41 -5.61 59.68
C THR E 311 38.63 -5.10 61.09
N THR E 312 39.36 -4.00 61.24
CA THR E 312 39.88 -3.60 62.54
C THR E 312 38.77 -3.22 63.50
N PHE E 313 37.66 -2.66 63.00
CA PHE E 313 36.61 -2.19 63.89
C PHE E 313 36.04 -3.32 64.73
N TRP E 314 35.54 -4.35 64.08
CA TRP E 314 35.00 -5.48 64.82
C TRP E 314 36.08 -6.14 65.66
N GLU E 315 37.30 -6.24 65.13
CA GLU E 315 38.37 -6.89 65.88
C GLU E 315 38.67 -6.14 67.18
N LEU E 316 38.67 -4.81 67.13
CA LEU E 316 38.71 -4.04 68.37
C LEU E 316 37.50 -4.35 69.23
N GLU E 317 36.35 -4.56 68.60
CA GLU E 317 35.18 -4.95 69.36
C GLU E 317 35.37 -6.30 70.04
N ALA E 318 36.23 -7.16 69.49
CA ALA E 318 36.45 -8.47 70.07
C ALA E 318 37.45 -8.35 71.19
N SER E 319 38.35 -7.39 71.07
CA SER E 319 39.34 -7.17 72.12
C SER E 319 38.62 -6.80 73.41
N LYS E 320 38.95 -7.49 74.48
CA LYS E 320 38.30 -7.24 75.76
C LYS E 320 38.55 -5.87 76.35
N GLU E 321 39.68 -5.25 75.98
CA GLU E 321 40.01 -3.91 76.46
C GLU E 321 38.99 -2.95 75.85
N PRO E 322 38.27 -2.22 76.70
CA PRO E 322 37.22 -1.34 76.16
C PRO E 322 37.77 -0.06 75.55
N SER E 323 37.14 0.41 74.47
CA SER E 323 37.55 1.67 73.84
C SER E 323 36.93 2.81 74.65
N GLN E 324 37.26 4.06 74.34
CA GLN E 324 36.77 5.14 75.17
C GLN E 324 35.29 5.40 74.88
N GLN E 325 34.88 5.19 73.64
CA GLN E 325 33.46 5.06 73.35
C GLN E 325 32.82 4.04 74.26
N ARG E 326 33.43 2.85 74.37
CA ARG E 326 32.87 1.79 75.21
C ARG E 326 32.69 2.24 76.64
N VAL E 327 33.69 2.94 77.18
CA VAL E 327 33.64 3.31 78.58
C VAL E 327 32.65 4.44 78.81
N LYS E 328 32.55 5.37 77.85
CA LYS E 328 31.54 6.40 77.97
C LYS E 328 30.15 5.79 77.87
N ARG E 329 30.02 4.72 77.10
CA ARG E 329 28.73 4.10 76.87
C ARG E 329 28.29 3.26 78.06
N TRP E 330 29.24 2.70 78.80
CA TRP E 330 28.91 2.03 80.04
C TRP E 330 28.20 2.96 81.00
N GLY E 331 28.60 4.23 81.03
CA GLY E 331 28.14 5.18 82.02
C GLY E 331 26.67 5.56 81.94
N PHE E 332 25.95 5.05 80.95
CA PHE E 332 24.52 5.36 80.85
C PHE E 332 23.59 4.56 81.75
N GLY E 333 23.80 3.25 81.86
CA GLY E 333 22.92 2.41 82.66
C GLY E 333 23.54 1.05 82.88
N MET E 334 23.47 0.61 84.14
CA MET E 334 24.07 -0.66 84.50
C MET E 334 23.46 -1.82 83.74
N ASP E 335 22.22 -1.68 83.27
CA ASP E 335 21.67 -2.70 82.39
C ASP E 335 22.54 -2.89 81.17
N GLU E 336 22.91 -1.79 80.52
CA GLU E 336 23.79 -1.89 79.37
C GLU E 336 25.14 -2.46 79.78
N ALA E 337 25.61 -2.10 80.97
CA ALA E 337 26.82 -2.68 81.50
C ALA E 337 26.77 -4.19 81.55
N LEU E 338 25.75 -4.73 82.20
CA LEU E 338 25.60 -6.18 82.31
C LEU E 338 25.42 -6.80 80.94
N LYS E 339 24.82 -6.09 79.99
CA LYS E 339 24.84 -6.55 78.62
C LYS E 339 26.26 -6.72 78.14
N ASP E 340 27.11 -5.75 78.43
CA ASP E 340 28.53 -5.89 78.09
C ASP E 340 29.15 -6.97 78.95
N PRO E 341 29.79 -7.98 78.36
CA PRO E 341 30.61 -8.88 79.17
C PRO E 341 31.78 -8.17 79.83
N VAL E 342 32.43 -7.25 79.10
CA VAL E 342 33.49 -6.45 79.68
C VAL E 342 32.98 -5.69 80.89
N GLY E 343 31.81 -5.08 80.75
CA GLY E 343 31.23 -4.37 81.88
C GLY E 343 30.95 -5.28 83.04
N ARG E 344 30.42 -6.47 82.77
CA ARG E 344 30.22 -7.45 83.83
C ARG E 344 31.53 -7.71 84.56
N GLU E 345 32.60 -7.93 83.81
CA GLU E 345 33.86 -8.28 84.45
C GLU E 345 34.38 -7.14 85.31
N GLN E 346 34.33 -5.91 84.81
CA GLN E 346 34.93 -4.83 85.59
C GLN E 346 34.07 -4.45 86.77
N PHE E 347 32.76 -4.47 86.60
CA PHE E 347 31.87 -4.22 87.72
C PHE E 347 32.06 -5.29 88.79
N LEU E 348 32.19 -6.54 88.37
CA LEU E 348 32.41 -7.63 89.32
C LEU E 348 33.74 -7.47 90.03
N LYS E 349 34.77 -7.02 89.31
CA LYS E 349 36.06 -6.78 89.96
C LYS E 349 35.94 -5.75 91.06
N PHE E 350 35.27 -4.64 90.77
CA PHE E 350 35.10 -3.63 91.81
C PHE E 350 34.31 -4.17 92.98
N LEU E 351 33.26 -4.94 92.71
CA LEU E 351 32.47 -5.50 93.79
C LEU E 351 33.29 -6.44 94.65
N GLU E 352 34.19 -7.21 94.04
CA GLU E 352 35.05 -8.09 94.81
C GLU E 352 36.01 -7.27 95.66
N SER E 353 36.79 -6.38 95.03
CA SER E 353 37.77 -5.60 95.75
C SER E 353 37.14 -4.72 96.83
N GLU E 354 35.86 -4.40 96.67
CA GLU E 354 35.10 -3.72 97.71
C GLU E 354 34.42 -4.68 98.65
N PHE E 355 34.70 -5.99 98.52
CA PHE E 355 34.10 -7.01 99.37
C PHE E 355 32.57 -7.00 99.24
N SER E 356 32.11 -6.67 98.04
CA SER E 356 30.68 -6.47 97.81
C SER E 356 30.25 -7.16 96.53
N SER E 357 30.61 -8.43 96.38
CA SER E 357 30.44 -9.16 95.12
C SER E 357 29.38 -10.24 95.23
N GLU E 358 28.27 -9.96 95.91
CA GLU E 358 27.26 -10.98 96.14
C GLU E 358 25.96 -10.74 95.35
N ASN E 359 25.38 -9.56 95.43
CA ASN E 359 24.10 -9.30 94.80
C ASN E 359 24.18 -9.45 93.30
N LEU E 360 25.25 -8.91 92.71
CA LEU E 360 25.52 -9.20 91.32
C LEU E 360 25.70 -10.69 91.09
N ARG E 361 26.35 -11.37 92.02
CA ARG E 361 26.47 -12.83 91.93
C ARG E 361 25.10 -13.48 91.90
N PHE E 362 24.21 -13.05 92.79
CA PHE E 362 22.84 -13.56 92.79
C PHE E 362 22.15 -13.33 91.47
N TRP E 363 22.13 -12.09 91.00
CA TRP E 363 21.36 -11.76 89.81
C TRP E 363 21.89 -12.51 88.60
N LEU E 364 23.21 -12.63 88.50
CA LEU E 364 23.80 -13.51 87.49
C LEU E 364 23.33 -14.93 87.68
N ALA E 365 23.18 -15.36 88.94
CA ALA E 365 22.68 -16.70 89.19
C ALA E 365 21.27 -16.87 88.67
N VAL E 366 20.40 -15.88 88.94
CA VAL E 366 19.03 -15.96 88.44
C VAL E 366 19.01 -16.06 86.94
N GLU E 367 19.78 -15.18 86.27
CA GLU E 367 19.78 -15.18 84.82
C GLU E 367 20.35 -16.48 84.26
N ASP E 368 21.44 -16.99 84.83
CA ASP E 368 22.00 -18.22 84.30
C ASP E 368 21.08 -19.39 84.58
N LEU E 369 20.20 -19.25 85.58
CA LEU E 369 19.18 -20.27 85.79
C LEU E 369 18.09 -20.18 84.75
N LYS E 370 17.74 -18.97 84.31
CA LYS E 370 16.65 -18.84 83.34
C LYS E 370 17.02 -19.32 81.94
N LYS E 371 18.16 -19.97 81.77
CA LYS E 371 18.62 -20.40 80.46
C LYS E 371 18.51 -21.90 80.23
N ARG E 372 18.51 -22.71 81.29
CA ARG E 372 18.56 -24.15 81.08
C ARG E 372 17.16 -24.70 80.85
N PRO E 373 17.02 -25.92 80.35
CA PRO E 373 15.70 -26.45 80.05
C PRO E 373 14.98 -26.90 81.31
N ILE E 374 13.82 -27.53 81.14
CA ILE E 374 13.06 -28.03 82.28
C ILE E 374 13.70 -29.23 82.95
N LYS E 375 14.82 -29.73 82.42
CA LYS E 375 15.50 -30.86 83.02
C LYS E 375 16.28 -30.48 84.27
N GLU E 376 16.68 -29.22 84.42
CA GLU E 376 17.56 -28.80 85.50
C GLU E 376 16.93 -27.75 86.41
N VAL E 377 15.73 -27.28 86.11
CA VAL E 377 15.06 -26.22 86.86
C VAL E 377 14.94 -26.62 88.33
N PRO E 378 14.42 -27.81 88.65
CA PRO E 378 14.39 -28.22 90.07
C PRO E 378 15.77 -28.40 90.66
N SER E 379 16.68 -29.04 89.92
CA SER E 379 18.03 -29.27 90.39
C SER E 379 18.73 -27.99 90.82
N ARG E 380 18.39 -26.86 90.19
CA ARG E 380 18.99 -25.59 90.56
C ARG E 380 18.18 -24.85 91.61
N VAL E 381 16.85 -24.82 91.50
CA VAL E 381 16.04 -24.01 92.40
C VAL E 381 16.21 -24.40 93.86
N GLN E 382 16.12 -25.68 94.18
CA GLN E 382 16.38 -26.11 95.55
C GLN E 382 17.80 -25.77 95.95
N GLU E 383 18.76 -26.06 95.08
CA GLU E 383 20.16 -25.80 95.37
C GLU E 383 20.40 -24.31 95.57
N ILE E 384 19.83 -23.47 94.70
CA ILE E 384 20.06 -22.03 94.82
C ILE E 384 19.40 -21.50 96.08
N TRP E 385 18.25 -22.07 96.45
CA TRP E 385 17.67 -21.74 97.74
C TRP E 385 18.65 -22.07 98.87
N GLN E 386 19.15 -23.29 98.89
CA GLN E 386 20.04 -23.73 99.96
C GLN E 386 21.34 -22.94 100.00
N GLU E 387 21.72 -22.33 98.88
CA GLU E 387 22.94 -21.55 98.84
C GLU E 387 22.74 -20.08 99.18
N PHE E 388 21.65 -19.48 98.72
CA PHE E 388 21.38 -18.06 98.92
C PHE E 388 20.11 -17.79 99.71
N LEU E 389 19.01 -18.40 99.32
CA LEU E 389 17.69 -18.12 99.85
C LEU E 389 17.30 -19.03 101.00
N ALA E 390 18.16 -19.97 101.38
CA ALA E 390 17.96 -20.73 102.60
C ALA E 390 18.62 -19.99 103.75
N PRO E 391 17.89 -19.61 104.80
CA PRO E 391 18.55 -18.92 105.91
C PRO E 391 19.50 -19.84 106.65
N GLY E 392 20.75 -19.38 106.80
CA GLY E 392 21.82 -20.19 107.35
C GLY E 392 22.93 -20.50 106.36
N ALA E 393 22.77 -20.14 105.10
CA ALA E 393 23.78 -20.30 104.08
C ALA E 393 24.67 -19.06 104.01
N PRO E 394 25.88 -19.21 103.47
CA PRO E 394 26.81 -18.05 103.45
C PRO E 394 26.29 -16.90 102.61
N SER E 395 26.02 -17.15 101.34
CA SER E 395 25.41 -16.13 100.50
C SER E 395 24.03 -15.80 101.05
N ALA E 396 23.89 -14.61 101.63
CA ALA E 396 22.68 -14.23 102.35
C ALA E 396 21.94 -13.17 101.56
N ILE E 397 21.10 -13.62 100.63
CA ILE E 397 20.15 -12.72 99.99
C ILE E 397 19.14 -12.31 101.05
N ASN E 398 18.63 -11.09 100.94
CA ASN E 398 17.91 -10.45 102.03
C ASN E 398 16.53 -10.04 101.54
N LEU E 399 15.49 -10.54 102.18
CA LEU E 399 14.12 -10.42 101.73
C LEU E 399 13.27 -9.73 102.80
N ASP E 400 12.16 -9.16 102.36
CA ASP E 400 11.15 -8.70 103.29
C ASP E 400 10.06 -9.76 103.45
N SER E 401 8.96 -9.36 104.10
CA SER E 401 7.90 -10.31 104.44
C SER E 401 7.31 -10.99 103.21
N LYS E 402 6.69 -10.21 102.31
CA LYS E 402 6.03 -10.80 101.16
C LYS E 402 7.02 -11.42 100.19
N SER E 403 8.23 -10.89 100.10
CA SER E 403 9.27 -11.49 99.28
C SER E 403 9.60 -12.90 99.76
N TYR E 404 9.98 -13.04 101.02
CA TYR E 404 10.38 -14.34 101.52
C TYR E 404 9.19 -15.29 101.57
N ASP E 405 7.99 -14.73 101.76
CA ASP E 405 6.79 -15.55 101.69
C ASP E 405 6.62 -16.14 100.29
N LYS E 406 6.72 -15.29 99.27
CA LYS E 406 6.61 -15.76 97.89
C LYS E 406 7.68 -16.80 97.60
N THR E 407 8.90 -16.53 98.04
CA THR E 407 10.00 -17.46 97.81
C THR E 407 9.71 -18.82 98.46
N THR E 408 9.28 -18.81 99.72
CA THR E 408 9.01 -20.06 100.41
C THR E 408 7.86 -20.82 99.76
N GLN E 409 6.83 -20.11 99.31
CA GLN E 409 5.74 -20.83 98.67
C GLN E 409 6.16 -21.41 97.32
N ASN E 410 6.91 -20.66 96.52
CA ASN E 410 7.20 -21.13 95.18
C ASN E 410 8.33 -22.14 95.16
N VAL E 411 9.22 -22.13 96.16
CA VAL E 411 10.44 -22.92 96.09
C VAL E 411 10.13 -24.41 96.02
N LYS E 412 8.97 -24.83 96.49
CA LYS E 412 8.56 -26.22 96.31
C LYS E 412 8.46 -26.57 94.83
N GLU E 413 8.06 -25.62 93.99
CA GLU E 413 7.79 -25.87 92.59
C GLU E 413 8.73 -25.03 91.75
N PRO E 414 9.71 -25.66 91.10
CA PRO E 414 10.62 -24.92 90.23
C PRO E 414 9.88 -24.33 89.05
N GLY E 415 10.07 -23.03 88.84
CA GLY E 415 9.27 -22.32 87.86
C GLY E 415 10.10 -21.39 87.02
N ARG E 416 9.61 -21.16 85.80
CA ARG E 416 10.35 -20.33 84.86
C ARG E 416 10.37 -18.88 85.28
N TYR E 417 9.47 -18.49 86.19
CA TYR E 417 9.44 -17.16 86.76
C TYR E 417 9.52 -17.23 88.28
N THR E 418 10.46 -18.04 88.77
CA THR E 418 10.48 -18.43 90.18
C THR E 418 10.67 -17.24 91.09
N PHE E 419 11.74 -16.48 90.88
CA PHE E 419 12.21 -15.51 91.85
C PHE E 419 11.95 -14.08 91.41
N GLU E 420 10.77 -13.81 90.83
CA GLU E 420 10.52 -12.53 90.19
C GLU E 420 10.61 -11.37 91.18
N ASP E 421 9.84 -11.45 92.27
CA ASP E 421 9.82 -10.34 93.22
C ASP E 421 11.15 -10.15 93.92
N ALA E 422 11.82 -11.24 94.28
CA ALA E 422 13.14 -11.13 94.89
C ALA E 422 14.14 -10.49 93.92
N GLN E 423 14.08 -10.90 92.65
CA GLN E 423 14.95 -10.30 91.65
C GLN E 423 14.65 -8.82 91.48
N GLU E 424 13.37 -8.45 91.49
CA GLU E 424 13.01 -7.04 91.44
C GLU E 424 13.61 -6.29 92.62
N HIS E 425 13.44 -6.84 93.82
CA HIS E 425 13.95 -6.21 95.03
C HIS E 425 15.45 -5.97 94.94
N ILE E 426 16.22 -7.04 94.74
CA ILE E 426 17.66 -6.90 94.68
C ILE E 426 18.08 -6.07 93.49
N TYR E 427 17.31 -6.11 92.40
CA TYR E 427 17.68 -5.41 91.19
C TYR E 427 17.52 -3.92 91.36
N LYS E 428 16.42 -3.49 91.95
CA LYS E 428 16.28 -2.07 92.26
C LYS E 428 17.33 -1.65 93.27
N LEU E 429 17.68 -2.55 94.21
CA LEU E 429 18.77 -2.27 95.12
C LEU E 429 20.05 -1.94 94.37
N MET E 430 20.49 -2.86 93.51
CA MET E 430 21.73 -2.65 92.78
C MET E 430 21.65 -1.43 91.88
N LYS E 431 20.56 -1.29 91.11
CA LYS E 431 20.42 -0.15 90.22
C LYS E 431 20.43 1.16 90.98
N SER E 432 19.92 1.18 92.20
CA SER E 432 19.87 2.37 93.01
C SER E 432 21.20 2.69 93.66
N ASP E 433 22.03 1.69 93.93
CA ASP E 433 23.22 1.96 94.72
C ASP E 433 24.52 1.72 93.99
N SER E 434 24.69 0.53 93.42
CA SER E 434 26.00 0.10 92.98
C SER E 434 26.49 0.90 91.79
N TYR E 435 25.76 0.86 90.68
CA TYR E 435 26.08 1.58 89.46
C TYR E 435 26.47 3.04 89.69
N PRO E 436 25.75 3.78 90.54
CA PRO E 436 26.17 5.17 90.81
C PRO E 436 27.59 5.29 91.30
N ARG E 437 27.90 4.61 92.40
CA ARG E 437 29.26 4.68 92.93
C ARG E 437 30.27 4.10 91.95
N PHE E 438 29.88 3.10 91.14
CA PHE E 438 30.83 2.57 90.17
C PHE E 438 31.20 3.63 89.15
N ILE E 439 30.21 4.32 88.58
CA ILE E 439 30.51 5.38 87.63
C ILE E 439 31.28 6.50 88.33
N ARG E 440 31.01 6.72 89.60
CA ARG E 440 31.72 7.72 90.37
C ARG E 440 33.11 7.25 90.78
N SER E 441 33.44 6.00 90.49
CA SER E 441 34.64 5.37 91.03
C SER E 441 35.89 5.76 90.25
N SER E 442 37.01 5.75 90.99
CA SER E 442 38.32 6.04 90.43
C SER E 442 38.70 5.10 89.31
N ALA E 443 38.41 3.81 89.46
CA ALA E 443 38.72 2.87 88.38
C ALA E 443 37.98 3.26 87.10
N TYR E 444 36.70 3.62 87.22
CA TYR E 444 35.96 4.07 86.05
C TYR E 444 36.59 5.29 85.43
N GLN E 445 36.97 6.26 86.26
CA GLN E 445 37.52 7.49 85.69
C GLN E 445 38.87 7.24 85.02
N GLU E 446 39.73 6.46 85.67
CA GLU E 446 41.03 6.14 85.11
C GLU E 446 40.92 5.29 83.86
N LEU E 447 39.89 4.46 83.74
CA LEU E 447 39.77 3.65 82.55
C LEU E 447 39.14 4.46 81.41
N LEU E 448 38.28 5.42 81.75
CA LEU E 448 37.69 6.26 80.71
C LEU E 448 38.66 7.30 80.19
N GLN E 449 39.64 7.71 81.00
CA GLN E 449 40.62 8.67 80.50
C GLN E 449 41.41 8.09 79.32
N ALA E 450 41.73 6.81 79.39
CA ALA E 450 42.52 6.15 78.35
C ALA E 450 42.63 4.66 78.62
N LEU F 57 -24.80 2.29 82.85
CA LEU F 57 -23.53 1.60 82.71
C LEU F 57 -22.88 1.89 81.37
N LYS F 58 -23.65 1.89 80.28
CA LYS F 58 -23.11 2.32 78.99
C LYS F 58 -22.64 3.77 79.05
N SER F 59 -23.44 4.65 79.67
CA SER F 59 -23.03 6.04 79.78
C SER F 59 -21.75 6.19 80.59
N GLU F 60 -21.60 5.40 81.67
CA GLU F 60 -20.40 5.48 82.50
C GLU F 60 -19.19 4.95 81.76
N ALA F 61 -19.36 3.87 80.99
CA ALA F 61 -18.28 3.37 80.16
C ALA F 61 -17.82 4.42 79.16
N GLU F 62 -18.76 5.04 78.45
CA GLU F 62 -18.39 6.08 77.50
C GLU F 62 -17.81 7.30 78.21
N SER F 63 -18.20 7.55 79.46
CA SER F 63 -17.62 8.68 80.19
C SER F 63 -16.19 8.39 80.60
N LEU F 64 -15.90 7.15 80.99
CA LEU F 64 -14.51 6.77 81.22
C LEU F 64 -13.71 6.87 79.93
N LYS F 65 -14.33 6.56 78.79
CA LYS F 65 -13.65 6.76 77.51
C LYS F 65 -13.39 8.24 77.25
N GLY F 66 -14.36 9.09 77.54
CA GLY F 66 -14.15 10.52 77.40
C GLY F 66 -13.09 11.06 78.35
N LYS F 67 -12.99 10.47 79.54
CA LYS F 67 -11.92 10.82 80.45
C LYS F 67 -10.57 10.37 79.91
N LEU F 68 -10.53 9.22 79.25
CA LEU F 68 -9.33 8.82 78.54
C LEU F 68 -8.99 9.82 77.44
N GLU F 69 -10.00 10.33 76.76
CA GLU F 69 -9.79 11.37 75.76
C GLU F 69 -9.21 12.63 76.40
N GLU F 70 -9.72 12.99 77.57
CA GLU F 70 -9.22 14.17 78.28
C GLU F 70 -7.78 13.99 78.72
N GLU F 71 -7.44 12.84 79.30
CA GLU F 71 -6.06 12.59 79.70
C GLU F 71 -5.15 12.50 78.49
N ARG F 72 -5.67 12.01 77.37
CA ARG F 72 -4.88 11.98 76.13
C ARG F 72 -4.67 13.39 75.59
N ALA F 73 -5.65 14.27 75.77
CA ALA F 73 -5.46 15.67 75.40
C ALA F 73 -4.38 16.30 76.27
N LYS F 74 -4.41 16.05 77.57
CA LYS F 74 -3.39 16.61 78.45
C LYS F 74 -2.00 16.07 78.12
N LEU F 75 -1.90 14.77 77.87
CA LEU F 75 -0.61 14.17 77.56
C LEU F 75 -0.12 14.60 76.19
N HIS F 76 -0.86 14.28 75.15
CA HIS F 76 -0.63 14.87 73.84
C HIS F 76 -1.23 16.26 73.80
N ASP F 77 -0.45 17.24 74.23
CA ASP F 77 -0.83 18.63 74.03
C ASP F 77 -0.12 19.15 72.78
N VAL F 78 1.15 18.78 72.62
CA VAL F 78 1.89 19.01 71.39
C VAL F 78 2.24 17.66 70.79
N GLU F 79 2.16 17.59 69.46
CA GLU F 79 2.35 16.36 68.74
C GLU F 79 3.82 15.97 68.74
N LEU F 80 4.07 14.66 68.59
CA LEU F 80 5.42 14.11 68.45
C LEU F 80 6.24 14.94 67.47
N HIS F 81 5.82 15.05 66.21
CA HIS F 81 6.64 15.81 65.28
C HIS F 81 6.47 17.31 65.46
N GLN F 82 5.35 17.75 66.06
CA GLN F 82 5.19 19.14 66.44
C GLN F 82 6.26 19.59 67.43
N VAL F 83 6.87 18.66 68.15
CA VAL F 83 8.07 19.01 68.90
C VAL F 83 9.32 18.53 68.16
N ALA F 84 9.17 17.53 67.31
CA ALA F 84 10.30 16.91 66.61
C ALA F 84 10.94 17.83 65.60
N GLU F 85 10.22 18.80 65.06
CA GLU F 85 10.84 19.74 64.12
C GLU F 85 12.03 20.46 64.74
N ARG F 86 12.10 20.55 66.06
CA ARG F 86 13.21 21.20 66.73
C ARG F 86 14.55 20.54 66.41
N VAL F 87 14.64 19.21 66.45
CA VAL F 87 15.90 18.52 66.19
C VAL F 87 16.35 18.84 64.78
N GLU F 88 17.64 19.05 64.60
CA GLU F 88 18.18 19.42 63.31
C GLU F 88 17.97 18.31 62.29
N ALA F 89 17.50 18.69 61.11
CA ALA F 89 17.22 17.72 60.05
C ALA F 89 18.51 17.03 59.59
N LEU F 90 18.34 16.02 58.75
CA LEU F 90 19.45 15.13 58.45
C LEU F 90 19.82 15.20 56.97
N GLY F 91 21.07 14.85 56.67
CA GLY F 91 21.66 15.12 55.38
C GLY F 91 21.64 13.96 54.42
N GLN F 92 22.56 14.03 53.45
CA GLN F 92 22.55 13.13 52.31
C GLN F 92 23.08 11.75 52.67
N PHE F 93 22.52 10.73 52.02
CA PHE F 93 22.97 9.35 52.17
C PHE F 93 23.47 8.86 50.83
N VAL F 94 24.42 7.94 50.84
CA VAL F 94 25.02 7.48 49.60
C VAL F 94 25.04 5.96 49.59
N MET F 95 24.15 5.35 50.36
CA MET F 95 24.17 3.91 50.48
C MET F 95 23.82 3.25 49.16
N LYS F 96 24.59 2.24 48.79
CA LYS F 96 24.25 1.36 47.68
C LYS F 96 24.96 0.04 47.90
N THR F 97 24.88 -0.83 46.89
CA THR F 97 25.27 -2.22 47.03
C THR F 97 26.70 -2.36 47.51
N ARG F 98 26.96 -3.43 48.24
CA ARG F 98 28.32 -3.79 48.59
C ARG F 98 28.59 -5.28 48.47
N ARG F 99 27.59 -6.08 48.14
CA ARG F 99 27.75 -7.51 47.91
C ARG F 99 26.59 -8.01 47.06
N THR F 100 26.61 -9.32 46.80
CA THR F 100 25.54 -10.04 46.12
C THR F 100 25.67 -11.52 46.44
N LEU F 101 24.54 -12.22 46.51
CA LEU F 101 24.53 -13.66 46.76
C LEU F 101 23.86 -14.33 45.56
N LYS F 102 24.49 -15.37 45.04
CA LYS F 102 23.99 -16.06 43.85
C LYS F 102 23.84 -17.56 44.04
N GLY F 103 23.18 -18.01 45.09
CA GLY F 103 23.11 -19.44 45.34
C GLY F 103 21.74 -20.06 45.21
N HIS F 104 20.68 -19.33 45.54
CA HIS F 104 19.35 -19.89 45.48
C HIS F 104 18.97 -20.26 44.05
N GLY F 105 17.88 -21.02 43.94
CA GLY F 105 17.23 -21.40 42.70
C GLY F 105 15.74 -21.13 42.65
N ASN F 106 15.25 -20.25 43.51
CA ASN F 106 13.84 -19.91 43.61
C ASN F 106 13.75 -18.51 44.19
N LYS F 107 12.55 -18.12 44.63
CA LYS F 107 12.41 -16.94 45.46
C LYS F 107 13.11 -17.17 46.80
N VAL F 108 13.35 -16.10 47.53
CA VAL F 108 13.91 -16.24 48.87
C VAL F 108 12.97 -15.58 49.86
N LEU F 109 12.72 -16.24 50.98
CA LEU F 109 11.63 -15.79 51.82
C LEU F 109 11.91 -15.81 53.31
N CYS F 110 13.15 -15.64 53.75
CA CYS F 110 13.46 -15.43 55.16
C CYS F 110 14.95 -15.17 55.28
N MET F 111 15.34 -14.36 56.25
CA MET F 111 16.76 -14.17 56.49
C MET F 111 17.02 -13.62 57.88
N ASP F 112 18.19 -13.97 58.43
CA ASP F 112 18.51 -13.51 59.77
C ASP F 112 20.01 -13.41 59.93
N TRP F 113 20.43 -12.44 60.73
CA TRP F 113 21.82 -12.34 61.12
C TRP F 113 22.13 -13.24 62.30
N CYS F 114 23.42 -13.48 62.50
CA CYS F 114 23.96 -14.10 63.70
C CYS F 114 24.26 -12.96 64.66
N LYS F 115 24.60 -13.33 65.88
CA LYS F 115 25.37 -12.41 66.70
C LYS F 115 26.84 -12.21 66.43
N ASP F 116 27.43 -12.99 65.54
CA ASP F 116 28.81 -12.75 65.15
C ASP F 116 28.92 -11.63 64.15
N LYS F 117 27.79 -11.10 63.69
CA LYS F 117 27.74 -9.85 62.98
C LYS F 117 28.29 -9.94 61.57
N ARG F 118 28.55 -11.14 61.06
CA ARG F 118 29.04 -11.26 59.70
C ARG F 118 28.41 -12.37 58.87
N ARG F 119 27.83 -13.40 59.46
CA ARG F 119 27.31 -14.51 58.68
C ARG F 119 25.97 -14.17 58.08
N ILE F 120 25.31 -15.19 57.55
CA ILE F 120 24.05 -15.04 56.85
C ILE F 120 23.22 -16.30 56.99
N VAL F 121 21.93 -16.13 57.25
CA VAL F 121 20.98 -17.21 57.19
C VAL F 121 19.78 -16.75 56.40
N SER F 122 19.27 -17.63 55.54
CA SER F 122 18.13 -17.36 54.69
C SER F 122 17.63 -18.68 54.14
N SER F 123 16.33 -18.88 54.21
CA SER F 123 15.71 -20.08 53.65
C SER F 123 14.86 -19.71 52.46
N SER F 124 14.57 -20.72 51.64
CA SER F 124 13.91 -20.51 50.37
C SER F 124 12.53 -21.17 50.41
N GLN F 125 11.88 -21.15 49.25
CA GLN F 125 10.54 -21.74 49.14
C GLN F 125 10.60 -23.11 48.49
N ASP F 126 11.77 -23.49 47.99
CA ASP F 126 11.96 -24.77 47.34
C ASP F 126 12.70 -25.87 48.09
N GLY F 127 12.61 -25.90 49.41
CA GLY F 127 13.40 -26.79 50.24
C GLY F 127 14.87 -26.76 50.65
N LYS F 128 15.55 -25.66 50.40
CA LYS F 128 17.00 -25.59 50.51
C LYS F 128 17.37 -24.37 51.34
N VAL F 129 17.80 -24.60 52.58
CA VAL F 129 18.27 -23.54 53.46
C VAL F 129 19.74 -23.31 53.17
N ILE F 130 20.22 -22.10 53.39
CA ILE F 130 21.58 -21.73 53.05
C ILE F 130 22.24 -21.08 54.25
N VAL F 131 23.56 -21.13 54.29
CA VAL F 131 24.35 -20.40 55.27
C VAL F 131 25.59 -19.87 54.57
N TRP F 132 25.57 -18.58 54.24
CA TRP F 132 26.61 -17.94 53.46
C TRP F 132 27.71 -17.38 54.35
N ASP F 133 28.57 -16.59 53.72
CA ASP F 133 29.37 -15.56 54.40
C ASP F 133 29.47 -14.40 53.41
N SER F 134 28.56 -13.44 53.54
CA SER F 134 28.54 -12.28 52.65
C SER F 134 29.86 -11.54 52.65
N PHE F 135 30.56 -11.53 53.77
CA PHE F 135 31.91 -11.00 53.78
C PHE F 135 32.82 -11.75 52.84
N THR F 136 32.49 -13.01 52.53
CA THR F 136 33.33 -13.86 51.71
C THR F 136 32.60 -14.49 50.53
N THR F 137 31.27 -14.58 50.56
CA THR F 137 30.49 -15.23 49.53
C THR F 137 30.86 -16.69 49.36
N ASN F 138 31.25 -17.37 50.43
CA ASN F 138 31.71 -18.74 50.33
C ASN F 138 30.88 -19.63 51.22
N LYS F 139 30.18 -20.58 50.62
CA LYS F 139 29.26 -21.44 51.35
C LYS F 139 30.05 -22.29 52.33
N GLU F 140 29.57 -22.35 53.56
CA GLU F 140 30.15 -23.22 54.59
C GLU F 140 29.15 -24.25 55.09
N HIS F 141 27.90 -24.14 54.66
CA HIS F 141 26.88 -25.13 54.98
C HIS F 141 26.03 -25.39 53.76
N ALA F 142 25.00 -26.19 53.96
CA ALA F 142 23.93 -26.41 53.01
C ALA F 142 22.95 -27.34 53.69
N VAL F 143 21.69 -27.29 53.31
CA VAL F 143 20.71 -28.17 53.92
C VAL F 143 19.42 -28.13 53.12
N THR F 144 18.68 -29.24 53.17
CA THR F 144 17.46 -29.40 52.38
C THR F 144 16.29 -29.71 53.30
N MET F 145 15.25 -28.95 53.20
CA MET F 145 14.11 -29.25 54.03
C MET F 145 13.16 -30.17 53.28
N PRO F 146 12.47 -31.09 53.97
CA PRO F 146 11.62 -32.06 53.27
C PRO F 146 10.46 -31.44 52.53
N CYS F 147 10.08 -30.21 52.84
CA CYS F 147 8.80 -29.65 52.48
C CYS F 147 8.99 -28.46 51.55
N THR F 148 7.90 -27.74 51.33
CA THR F 148 7.95 -26.54 50.52
C THR F 148 7.52 -25.33 51.34
N TRP F 149 7.75 -24.16 50.76
CA TRP F 149 7.34 -22.89 51.36
C TRP F 149 7.91 -22.71 52.77
N VAL F 150 9.22 -22.90 52.87
CA VAL F 150 9.86 -22.73 54.17
C VAL F 150 9.80 -21.25 54.50
N MET F 151 8.89 -20.87 55.38
CA MET F 151 8.51 -19.48 55.51
C MET F 151 9.10 -18.78 56.71
N ALA F 152 10.04 -19.39 57.42
CA ALA F 152 10.64 -18.73 58.57
C ALA F 152 11.89 -19.46 59.02
N CYS F 153 12.99 -18.71 59.15
CA CYS F 153 14.20 -19.27 59.71
C CYS F 153 14.66 -18.41 60.87
N ALA F 154 15.56 -18.97 61.69
CA ALA F 154 16.12 -18.25 62.83
C ALA F 154 17.52 -18.78 63.12
N TYR F 155 18.35 -17.92 63.71
CA TYR F 155 19.74 -18.23 64.00
C TYR F 155 19.96 -18.29 65.50
N ALA F 156 20.80 -19.22 65.93
CA ALA F 156 21.11 -19.33 67.34
C ALA F 156 21.92 -18.12 67.80
N PRO F 157 21.79 -17.75 69.07
CA PRO F 157 22.67 -16.71 69.60
C PRO F 157 24.13 -17.08 69.49
N SER F 158 24.54 -18.19 70.07
CA SER F 158 25.92 -18.59 69.93
C SER F 158 26.23 -19.04 68.53
N GLY F 159 25.24 -19.52 67.80
CA GLY F 159 25.49 -20.20 66.54
C GLY F 159 25.44 -21.70 66.62
N CYS F 160 24.40 -22.26 67.24
CA CYS F 160 24.28 -23.71 67.40
C CYS F 160 23.13 -24.28 66.58
N ALA F 161 22.06 -23.54 66.34
CA ALA F 161 20.93 -24.16 65.65
C ALA F 161 20.04 -23.12 65.00
N ILE F 162 19.23 -23.60 64.05
CA ILE F 162 18.35 -22.80 63.21
C ILE F 162 17.00 -23.50 63.07
N ALA F 163 15.92 -22.74 63.17
CA ALA F 163 14.58 -23.29 63.14
C ALA F 163 13.85 -22.86 61.88
N CYS F 164 13.50 -23.84 61.05
CA CYS F 164 12.90 -23.54 59.76
C CYS F 164 11.64 -24.37 59.60
N GLY F 165 10.54 -23.70 59.28
CA GLY F 165 9.29 -24.40 59.15
C GLY F 165 8.07 -23.54 58.93
N GLY F 166 7.02 -24.17 58.43
CA GLY F 166 5.83 -23.49 57.97
C GLY F 166 5.23 -24.35 56.88
N LEU F 167 3.92 -24.49 56.90
CA LEU F 167 3.17 -25.26 55.91
C LEU F 167 3.36 -26.77 56.10
N ASP F 168 4.28 -27.17 56.96
CA ASP F 168 4.32 -28.57 57.37
C ASP F 168 3.98 -28.72 58.84
N ASN F 169 3.68 -27.60 59.51
CA ASN F 169 3.11 -27.57 60.85
C ASN F 169 4.13 -27.97 61.93
N LYS F 170 5.34 -28.32 61.53
CA LYS F 170 6.35 -28.77 62.47
C LYS F 170 7.64 -27.99 62.21
N CYS F 171 8.21 -27.44 63.29
CA CYS F 171 9.39 -26.58 63.19
C CYS F 171 10.61 -27.37 63.64
N SER F 172 11.36 -27.89 62.68
CA SER F 172 12.59 -28.61 62.97
C SER F 172 13.69 -27.62 63.37
N VAL F 173 14.72 -28.15 64.02
CA VAL F 173 15.89 -27.38 64.41
C VAL F 173 17.12 -28.24 64.20
N TYR F 174 18.15 -27.66 63.57
CA TYR F 174 19.36 -28.41 63.26
C TYR F 174 20.55 -27.83 63.99
N PRO F 175 21.47 -28.67 64.46
CA PRO F 175 22.66 -28.16 65.13
C PRO F 175 23.65 -27.57 64.14
N LEU F 176 23.73 -26.23 64.16
CA LEU F 176 24.44 -25.43 63.19
C LEU F 176 25.88 -25.87 62.94
N THR F 177 26.57 -26.37 63.95
CA THR F 177 28.01 -26.46 63.89
C THR F 177 28.49 -27.40 62.80
N PHE F 178 29.80 -27.42 62.62
CA PHE F 178 30.50 -28.38 61.77
C PHE F 178 30.66 -29.71 62.49
N ASP F 179 29.55 -30.28 62.96
CA ASP F 179 29.62 -31.46 63.81
C ASP F 179 29.58 -32.75 63.01
N LYS F 180 28.62 -32.89 62.11
CA LYS F 180 28.48 -34.06 61.26
C LYS F 180 28.57 -33.61 59.81
N ASN F 181 29.64 -34.02 59.13
CA ASN F 181 29.90 -33.61 57.76
C ASN F 181 29.02 -34.33 56.76
N GLU F 182 28.05 -35.09 57.25
CA GLU F 182 27.12 -35.85 56.43
C GLU F 182 25.93 -35.04 55.97
N ASN F 183 25.39 -34.19 56.82
CA ASN F 183 24.16 -33.47 56.51
C ASN F 183 23.90 -32.43 57.57
N MET F 184 23.28 -31.33 57.17
CA MET F 184 22.73 -30.36 58.11
C MET F 184 21.26 -30.61 58.42
N ALA F 185 20.63 -31.55 57.70
CA ALA F 185 19.23 -31.89 57.95
C ALA F 185 19.07 -33.25 58.62
N ALA F 186 20.09 -34.10 58.56
CA ALA F 186 19.98 -35.46 59.05
C ALA F 186 19.68 -35.53 60.54
N LYS F 187 20.15 -34.55 61.32
CA LYS F 187 19.86 -34.48 62.74
C LYS F 187 18.54 -33.78 63.02
N LYS F 188 17.62 -33.81 62.06
CA LYS F 188 16.29 -33.24 62.27
C LYS F 188 15.65 -33.83 63.51
N LYS F 189 15.42 -33.00 64.50
CA LYS F 189 14.75 -33.37 65.72
C LYS F 189 13.54 -32.46 65.87
N SER F 190 12.35 -33.02 65.66
CA SER F 190 11.12 -32.27 65.83
C SER F 190 11.08 -31.67 67.22
N VAL F 191 10.73 -30.40 67.32
CA VAL F 191 10.77 -29.75 68.61
C VAL F 191 9.42 -29.12 68.89
N ALA F 192 8.98 -28.23 68.03
CA ALA F 192 7.61 -27.78 68.08
C ALA F 192 6.85 -28.44 66.96
N MET F 193 5.53 -28.36 67.02
CA MET F 193 4.71 -28.68 65.86
C MET F 193 3.30 -28.21 66.16
N HIS F 194 2.78 -27.32 65.33
CA HIS F 194 1.38 -26.93 65.38
C HIS F 194 0.60 -27.81 64.42
N THR F 195 -0.63 -27.40 64.15
CA THR F 195 -1.43 -28.08 63.14
C THR F 195 -1.72 -27.20 61.95
N ASN F 196 -0.76 -26.39 61.50
CA ASN F 196 -0.98 -25.47 60.41
C ASN F 196 0.36 -24.86 60.02
N TYR F 197 0.36 -24.02 59.00
CA TYR F 197 1.60 -23.43 58.52
C TYR F 197 2.16 -22.45 59.56
N LEU F 198 3.48 -22.35 59.60
CA LEU F 198 4.18 -21.76 60.74
C LEU F 198 4.88 -20.48 60.29
N SER F 199 4.60 -19.36 60.97
CA SER F 199 4.97 -18.03 60.48
C SER F 199 6.39 -17.56 60.80
N ALA F 200 6.92 -17.77 62.02
CA ALA F 200 8.26 -17.29 62.34
C ALA F 200 8.70 -17.80 63.70
N CYS F 201 9.94 -17.48 64.06
CA CYS F 201 10.49 -17.92 65.34
C CYS F 201 11.36 -16.80 65.91
N SER F 202 11.66 -16.90 67.20
CA SER F 202 12.50 -15.90 67.88
C SER F 202 13.04 -16.94 68.85
N PHE F 203 14.34 -17.16 68.81
CA PHE F 203 14.99 -18.13 69.68
C PHE F 203 14.94 -16.87 70.56
N THR F 204 14.49 -17.04 71.79
CA THR F 204 14.36 -15.94 72.74
C THR F 204 15.58 -15.86 73.68
N ASN F 205 16.78 -15.76 73.11
CA ASN F 205 17.98 -15.61 73.91
C ASN F 205 18.64 -16.56 74.91
N SER F 206 18.23 -17.82 74.88
CA SER F 206 18.79 -18.82 75.80
C SER F 206 19.33 -19.92 74.88
N ASP F 207 18.84 -19.94 73.64
CA ASP F 207 19.28 -20.94 72.67
C ASP F 207 18.70 -22.32 72.96
N MET F 208 17.68 -22.36 73.81
CA MET F 208 17.04 -23.63 74.17
C MET F 208 15.52 -23.47 74.30
N GLN F 209 15.00 -22.39 73.73
CA GLN F 209 13.57 -22.12 73.78
C GLN F 209 13.19 -21.23 72.61
N ILE F 210 12.34 -21.72 71.71
CA ILE F 210 12.02 -20.96 70.50
C ILE F 210 10.54 -20.67 70.47
N LEU F 211 10.19 -19.50 69.98
CA LEU F 211 8.79 -19.17 69.76
C LEU F 211 8.38 -19.74 68.41
N THR F 212 7.08 -19.75 68.14
CA THR F 212 6.49 -20.08 66.84
C THR F 212 5.06 -19.56 66.76
N ALA F 213 4.61 -19.34 65.54
CA ALA F 213 3.27 -18.84 65.24
C ALA F 213 2.73 -19.48 63.97
N SER F 214 1.48 -19.92 64.03
CA SER F 214 0.84 -20.55 62.89
C SER F 214 -0.48 -19.86 62.59
N GLY F 215 -1.25 -20.46 61.67
CA GLY F 215 -2.58 -19.96 61.39
C GLY F 215 -3.59 -20.23 62.48
N ASP F 216 -3.19 -20.95 63.52
CA ASP F 216 -4.04 -21.24 64.67
C ASP F 216 -4.49 -20.00 65.41
N GLY F 217 -3.75 -18.90 65.31
CA GLY F 217 -4.00 -17.75 66.15
C GLY F 217 -3.50 -17.91 67.57
N THR F 218 -2.50 -18.74 67.80
CA THR F 218 -2.04 -19.07 69.15
C THR F 218 -0.57 -19.47 69.13
N CYS F 219 0.22 -18.85 69.99
CA CYS F 219 1.64 -19.12 70.03
C CYS F 219 2.02 -19.76 71.36
N ALA F 220 3.29 -20.13 71.47
CA ALA F 220 3.75 -20.82 72.65
C ALA F 220 5.26 -20.93 72.61
N LEU F 221 5.85 -21.35 73.72
CA LEU F 221 7.28 -21.62 73.78
C LEU F 221 7.52 -23.12 73.81
N TRP F 222 8.43 -23.57 72.96
CA TRP F 222 8.69 -24.99 72.75
C TRP F 222 10.16 -25.25 73.06
N ASP F 223 10.42 -26.20 73.94
CA ASP F 223 11.80 -26.48 74.35
C ASP F 223 12.59 -27.04 73.18
N VAL F 224 13.89 -27.25 73.37
CA VAL F 224 14.75 -27.69 72.27
C VAL F 224 14.70 -29.20 72.10
N GLU F 225 15.16 -29.96 73.09
CA GLU F 225 15.26 -31.39 72.88
C GLU F 225 13.94 -32.09 73.08
N SER F 226 13.05 -31.53 73.89
CA SER F 226 11.91 -32.27 74.40
C SER F 226 10.69 -32.20 73.50
N GLY F 227 10.38 -31.06 72.92
CA GLY F 227 9.04 -30.92 72.39
C GLY F 227 8.03 -30.65 73.46
N GLN F 228 8.50 -30.32 74.65
CA GLN F 228 7.64 -30.10 75.79
C GLN F 228 7.15 -28.66 75.82
N LEU F 229 5.87 -28.47 75.49
CA LEU F 229 5.28 -27.15 75.45
C LEU F 229 5.34 -26.53 76.83
N LEU F 230 5.49 -25.21 76.89
CA LEU F 230 5.75 -24.55 78.16
C LEU F 230 4.69 -23.55 78.58
N GLN F 231 3.88 -23.05 77.66
CA GLN F 231 2.81 -22.13 78.00
C GLN F 231 2.09 -21.82 76.69
N SER F 232 0.87 -21.30 76.80
CA SER F 232 0.08 -21.04 75.59
C SER F 232 -0.60 -19.68 75.64
N PHE F 233 -0.91 -19.18 74.44
CA PHE F 233 -1.59 -17.90 74.26
C PHE F 233 -2.69 -18.13 73.25
N HIS F 234 -3.93 -17.94 73.67
CA HIS F 234 -5.07 -18.13 72.77
C HIS F 234 -5.97 -16.90 72.73
N GLY F 235 -5.39 -15.71 72.74
CA GLY F 235 -6.19 -14.50 72.69
C GLY F 235 -6.68 -14.14 71.30
N HIS F 236 -6.30 -14.90 70.28
CA HIS F 236 -6.57 -14.48 68.91
C HIS F 236 -7.69 -15.27 68.25
N GLY F 237 -7.95 -14.94 66.99
CA GLY F 237 -8.92 -15.61 66.16
C GLY F 237 -8.62 -15.61 64.67
N ALA F 238 -7.36 -15.47 64.28
CA ALA F 238 -7.03 -15.36 62.87
C ALA F 238 -5.62 -15.93 62.67
N ASP F 239 -5.00 -15.59 61.55
CA ASP F 239 -3.60 -15.96 61.33
C ASP F 239 -2.67 -14.86 61.82
N VAL F 240 -1.95 -15.15 62.89
CA VAL F 240 -0.91 -14.25 63.37
C VAL F 240 0.29 -14.40 62.46
N LEU F 241 1.04 -13.31 62.25
CA LEU F 241 2.22 -13.37 61.41
C LEU F 241 3.46 -12.73 62.01
N CYS F 242 3.38 -12.19 63.22
CA CYS F 242 4.47 -11.39 63.73
C CYS F 242 4.95 -11.93 65.07
N LEU F 243 6.24 -11.77 65.32
CA LEU F 243 6.84 -12.19 66.57
C LEU F 243 8.24 -11.60 66.67
N ASP F 244 8.49 -10.89 67.77
CA ASP F 244 9.83 -10.39 68.06
C ASP F 244 10.03 -10.28 69.55
N LEU F 245 11.22 -10.66 69.98
CA LEU F 245 11.66 -10.46 71.34
C LEU F 245 11.57 -8.99 71.71
N ALA F 246 11.57 -8.73 73.00
CA ALA F 246 11.87 -7.38 73.46
C ALA F 246 13.37 -7.18 73.49
N PRO F 247 13.86 -5.95 73.37
CA PRO F 247 15.30 -5.76 73.51
C PRO F 247 15.72 -5.92 74.95
N SER F 248 14.87 -5.49 75.87
CA SER F 248 15.22 -5.49 77.28
C SER F 248 15.34 -6.91 77.78
N GLU F 249 16.27 -7.11 78.71
CA GLU F 249 16.27 -8.35 79.46
C GLU F 249 15.57 -8.18 80.80
N THR F 250 14.54 -7.32 80.84
CA THR F 250 13.77 -7.03 82.05
C THR F 250 12.57 -7.95 82.24
N GLY F 251 11.61 -7.93 81.31
CA GLY F 251 10.52 -8.87 81.31
C GLY F 251 10.39 -9.49 79.94
N ASN F 252 10.66 -10.79 79.85
CA ASN F 252 10.80 -11.43 78.55
C ASN F 252 9.39 -11.47 77.97
N THR F 253 9.04 -10.43 77.23
CA THR F 253 7.71 -10.28 76.68
C THR F 253 7.87 -10.41 75.18
N PHE F 254 6.74 -10.35 74.47
CA PHE F 254 6.79 -10.32 73.01
C PHE F 254 5.41 -9.96 72.45
N VAL F 255 5.36 -9.65 71.15
CA VAL F 255 4.08 -9.21 70.52
C VAL F 255 3.60 -10.25 69.50
N SER F 256 2.30 -10.20 69.16
CA SER F 256 1.70 -11.16 68.20
C SER F 256 0.55 -10.22 67.80
N GLY F 257 0.23 -10.16 66.51
CA GLY F 257 -0.89 -9.34 65.99
C GLY F 257 -1.26 -10.20 64.79
N GLY F 258 -2.06 -9.70 63.84
CA GLY F 258 -2.35 -10.56 62.72
C GLY F 258 -3.55 -10.14 61.90
N CYS F 259 -4.11 -11.07 61.13
CA CYS F 259 -5.23 -10.83 60.21
C CYS F 259 -6.37 -10.05 60.85
N ASP F 260 -6.52 -10.10 62.16
CA ASP F 260 -7.60 -9.42 62.83
C ASP F 260 -7.47 -7.90 62.81
N LYS F 261 -6.47 -7.34 62.15
CA LYS F 261 -6.33 -5.90 62.00
C LYS F 261 -5.75 -5.31 63.28
N LYS F 262 -5.41 -6.14 64.25
CA LYS F 262 -5.00 -5.67 65.55
C LYS F 262 -3.56 -6.08 65.81
N ALA F 263 -3.06 -5.64 66.95
CA ALA F 263 -1.82 -6.16 67.51
C ALA F 263 -2.03 -6.36 69.00
N MET F 264 -1.50 -7.45 69.53
CA MET F 264 -1.60 -7.74 70.95
C MET F 264 -0.27 -8.27 71.44
N VAL F 265 0.06 -7.96 72.68
CA VAL F 265 1.36 -8.28 73.25
C VAL F 265 1.17 -9.23 74.43
N TRP F 266 1.89 -10.34 74.40
CA TRP F 266 1.82 -11.31 75.47
C TRP F 266 2.85 -10.96 76.53
N ASP F 267 2.55 -11.33 77.76
CA ASP F 267 3.54 -11.31 78.83
C ASP F 267 3.83 -12.75 79.18
N MET F 268 5.02 -13.21 78.81
CA MET F 268 5.31 -14.63 78.86
C MET F 268 5.31 -15.16 80.29
N ARG F 269 5.46 -14.30 81.29
CA ARG F 269 5.38 -14.74 82.67
C ARG F 269 4.04 -15.39 82.97
N SER F 270 2.96 -14.89 82.38
CA SER F 270 1.66 -15.52 82.55
C SER F 270 1.17 -16.21 81.29
N GLY F 271 1.11 -15.49 80.19
CA GLY F 271 0.29 -15.88 79.07
C GLY F 271 -0.98 -15.06 78.93
N GLN F 272 -1.05 -13.90 79.56
CA GLN F 272 -2.24 -13.06 79.55
C GLN F 272 -2.05 -11.86 78.63
N CYS F 273 -3.04 -11.64 77.77
CA CYS F 273 -2.97 -10.59 76.76
C CYS F 273 -3.18 -9.26 77.45
N VAL F 274 -2.09 -8.69 77.98
CA VAL F 274 -2.13 -7.39 78.71
C VAL F 274 -2.49 -6.18 77.82
N GLN F 275 -1.66 -5.90 76.81
CA GLN F 275 -1.88 -4.74 75.92
C GLN F 275 -2.55 -5.29 74.65
N ALA F 276 -3.21 -4.40 73.89
CA ALA F 276 -3.90 -4.76 72.63
C ALA F 276 -4.23 -3.49 71.84
N PHE F 277 -3.96 -3.50 70.53
CA PHE F 277 -4.24 -2.31 69.67
C PHE F 277 -4.73 -2.75 68.29
N GLU F 278 -5.49 -1.87 67.62
CA GLU F 278 -6.04 -2.15 66.27
C GLU F 278 -6.29 -0.84 65.51
N THR F 279 -5.56 -0.61 64.42
CA THR F 279 -5.73 0.64 63.61
C THR F 279 -5.50 0.29 62.14
N HIS F 280 -4.77 -0.80 61.87
CA HIS F 280 -4.50 -1.23 60.47
C HIS F 280 -5.72 -1.39 59.56
N GLU F 281 -5.53 -1.36 58.25
CA GLU F 281 -6.65 -1.50 57.33
C GLU F 281 -6.75 -2.87 56.71
N SER F 282 -5.76 -3.72 56.94
CA SER F 282 -5.80 -5.07 56.43
C SER F 282 -4.95 -5.94 57.33
N ASP F 283 -4.64 -7.14 56.87
CA ASP F 283 -3.68 -7.99 57.53
C ASP F 283 -2.36 -7.27 57.74
N ILE F 284 -1.64 -7.67 58.79
CA ILE F 284 -0.37 -7.04 59.13
C ILE F 284 0.70 -8.05 58.76
N ASN F 285 1.91 -7.60 58.43
CA ASN F 285 2.88 -8.59 57.96
C ASN F 285 4.24 -8.57 58.66
N SER F 286 4.53 -7.59 59.51
CA SER F 286 5.54 -7.78 60.55
C SER F 286 5.61 -6.55 61.43
N VAL F 287 6.30 -6.69 62.56
CA VAL F 287 6.43 -5.62 63.54
C VAL F 287 7.79 -5.76 64.22
N ARG F 288 8.26 -4.67 64.83
CA ARG F 288 9.52 -4.71 65.55
C ARG F 288 9.51 -3.68 66.65
N TYR F 289 10.24 -3.96 67.71
CA TYR F 289 10.32 -3.06 68.85
C TYR F 289 11.19 -1.85 68.58
N TYR F 290 10.78 -0.70 69.10
CA TYR F 290 11.68 0.44 69.17
C TYR F 290 12.87 0.05 70.04
N PRO F 291 14.08 0.15 69.52
CA PRO F 291 15.19 -0.59 70.15
C PRO F 291 15.66 -0.01 71.47
N SER F 292 14.94 0.94 72.05
CA SER F 292 15.15 1.26 73.45
C SER F 292 14.25 0.45 74.37
N GLY F 293 13.45 -0.47 73.82
CA GLY F 293 12.53 -1.24 74.62
C GLY F 293 11.33 -0.49 75.12
N ASP F 294 10.83 0.48 74.35
CA ASP F 294 9.78 1.37 74.84
C ASP F 294 8.60 1.50 73.89
N ALA F 295 8.73 1.04 72.63
CA ALA F 295 7.63 1.17 71.68
C ALA F 295 7.92 0.32 70.46
N PHE F 296 6.96 0.32 69.52
CA PHE F 296 7.13 -0.43 68.29
C PHE F 296 6.17 0.06 67.22
N ALA F 297 6.71 0.21 66.01
CA ALA F 297 5.97 0.63 64.84
C ALA F 297 5.77 -0.58 63.94
N SER F 298 5.16 -0.34 62.78
CA SER F 298 5.02 -1.39 61.77
C SER F 298 4.37 -0.88 60.51
N GLY F 299 4.30 -1.77 59.53
CA GLY F 299 3.59 -1.51 58.29
C GLY F 299 2.95 -2.79 57.76
N SER F 300 1.91 -2.64 56.94
CA SER F 300 1.22 -3.78 56.37
C SER F 300 0.85 -3.50 54.93
N ASP F 301 -0.08 -4.29 54.39
CA ASP F 301 -0.52 -4.11 53.01
C ASP F 301 -1.52 -2.99 52.84
N ASP F 302 -1.71 -2.16 53.85
CA ASP F 302 -2.31 -0.85 53.66
C ASP F 302 -1.34 0.13 53.06
N ALA F 303 -0.05 -0.19 53.11
CA ALA F 303 1.04 0.71 52.76
C ALA F 303 1.17 1.86 53.74
N THR F 304 0.43 1.81 54.84
CA THR F 304 0.37 2.91 55.80
C THR F 304 1.00 2.48 57.11
N CYS F 305 2.30 2.69 57.23
CA CYS F 305 3.07 2.28 58.40
C CYS F 305 2.78 3.22 59.56
N ARG F 306 2.82 2.68 60.77
CA ARG F 306 2.50 3.43 61.97
C ARG F 306 3.44 3.02 63.07
N LEU F 307 3.58 3.88 64.09
CA LEU F 307 4.45 3.63 65.23
C LEU F 307 3.64 3.83 66.50
N TYR F 308 3.78 2.92 67.46
CA TYR F 308 2.93 2.89 68.65
C TYR F 308 3.75 2.86 69.93
N ASP F 309 3.29 3.61 70.92
CA ASP F 309 3.95 3.74 72.21
C ASP F 309 3.45 2.65 73.14
N LEU F 310 4.20 2.39 74.21
CA LEU F 310 3.69 1.54 75.27
C LEU F 310 3.24 2.35 76.47
N ARG F 311 3.86 3.50 76.72
CA ARG F 311 3.59 4.25 77.95
C ARG F 311 2.38 5.15 77.82
N ALA F 312 2.21 5.82 76.69
CA ALA F 312 1.00 6.60 76.48
C ALA F 312 -0.15 5.75 75.98
N ASP F 313 0.13 4.60 75.38
CA ASP F 313 -0.88 3.79 74.72
C ASP F 313 -1.59 4.60 73.64
N ARG F 314 -0.83 5.00 72.63
CA ARG F 314 -1.43 5.79 71.58
C ARG F 314 -0.56 5.77 70.34
N GLU F 315 -1.21 5.84 69.19
CA GLU F 315 -0.52 6.06 67.93
C GLU F 315 0.33 7.32 68.06
N VAL F 316 1.49 7.32 67.42
CA VAL F 316 2.43 8.43 67.58
C VAL F 316 2.53 9.28 66.33
N ALA F 317 2.46 8.69 65.14
CA ALA F 317 2.51 9.46 63.92
C ALA F 317 2.28 8.50 62.76
N ILE F 318 1.64 9.01 61.72
CA ILE F 318 1.31 8.21 60.56
C ILE F 318 2.57 8.08 59.72
N TYR F 319 2.77 6.93 59.11
CA TYR F 319 3.83 6.76 58.13
C TYR F 319 3.20 6.22 56.86
N SER F 320 3.01 7.12 55.90
CA SER F 320 2.43 6.77 54.61
C SER F 320 2.90 7.82 53.61
N LYS F 321 2.71 7.50 52.34
CA LYS F 321 2.88 8.45 51.24
C LYS F 321 2.11 7.93 50.03
N GLU F 322 1.33 8.82 49.44
CA GLU F 322 0.42 8.45 48.36
C GLU F 322 1.17 7.84 47.20
N SER F 323 2.41 8.24 46.98
CA SER F 323 3.19 7.70 45.88
C SER F 323 3.35 6.19 45.96
N ILE F 324 4.03 5.68 46.98
CA ILE F 324 4.05 4.27 47.28
C ILE F 324 2.61 3.86 47.52
N ILE F 325 2.20 2.76 46.91
CA ILE F 325 0.85 2.25 47.09
C ILE F 325 0.84 0.79 47.49
N PHE F 326 1.89 0.11 47.11
CA PHE F 326 1.97 -1.32 47.31
C PHE F 326 2.16 -1.78 48.75
N GLY F 327 2.15 -3.08 48.97
CA GLY F 327 2.14 -3.58 50.34
C GLY F 327 3.48 -3.40 51.03
N ALA F 328 3.42 -3.38 52.36
CA ALA F 328 4.60 -3.22 53.21
C ALA F 328 4.98 -4.55 53.82
N SER F 329 6.14 -5.07 53.43
CA SER F 329 6.48 -6.44 53.76
C SER F 329 7.73 -6.58 54.61
N SER F 330 8.12 -5.57 55.39
CA SER F 330 9.02 -5.78 56.53
C SER F 330 9.31 -4.44 57.19
N VAL F 331 9.80 -4.48 58.42
CA VAL F 331 10.40 -3.30 59.04
C VAL F 331 11.47 -3.71 60.01
N ASP F 332 12.41 -2.79 60.28
CA ASP F 332 13.54 -2.98 61.17
C ASP F 332 14.23 -1.65 61.32
N PHE F 333 14.77 -1.44 62.51
CA PHE F 333 15.35 -0.16 62.85
C PHE F 333 16.86 -0.17 62.70
N SER F 334 17.45 1.03 62.77
CA SER F 334 18.89 1.18 62.76
C SER F 334 19.37 1.46 64.17
N LEU F 335 20.58 0.99 64.48
CA LEU F 335 21.06 0.87 65.86
C LEU F 335 20.93 2.17 66.61
N SER F 336 21.07 3.29 65.90
CA SER F 336 20.72 4.56 66.48
C SER F 336 19.29 4.61 66.97
N GLY F 337 18.40 3.85 66.37
CA GLY F 337 17.03 4.19 66.52
C GLY F 337 16.66 5.50 65.88
N ARG F 338 17.39 5.91 64.84
CA ARG F 338 17.02 7.12 64.13
C ARG F 338 16.18 6.83 62.90
N LEU F 339 16.68 6.01 62.00
CA LEU F 339 16.06 5.81 60.70
C LEU F 339 14.81 4.97 60.86
N LEU F 340 14.25 4.56 59.74
CA LEU F 340 13.28 3.46 59.69
C LEU F 340 13.54 2.71 58.40
N PHE F 341 13.44 1.40 58.44
CA PHE F 341 13.55 0.62 57.23
C PHE F 341 12.23 -0.05 56.95
N ALA F 342 11.97 -0.34 55.68
CA ALA F 342 10.83 -1.16 55.29
C ALA F 342 10.99 -1.56 53.83
N GLY F 343 10.99 -2.86 53.56
CA GLY F 343 10.85 -3.35 52.20
C GLY F 343 9.39 -3.25 51.80
N TYR F 344 9.14 -3.01 50.53
CA TYR F 344 7.79 -2.75 50.09
C TYR F 344 7.42 -3.73 48.99
N ASN F 345 6.28 -3.44 48.35
CA ASN F 345 5.81 -4.29 47.28
C ASN F 345 6.05 -3.67 45.91
N ASP F 346 6.29 -2.38 45.86
CA ASP F 346 6.65 -1.73 44.60
C ASP F 346 8.14 -1.82 44.30
N TYR F 347 8.82 -2.77 44.92
CA TYR F 347 10.15 -3.23 44.56
C TYR F 347 11.27 -2.35 45.08
N THR F 348 10.95 -1.23 45.70
CA THR F 348 11.99 -0.35 46.18
C THR F 348 12.20 -0.78 47.61
N ILE F 349 13.17 -0.15 48.26
CA ILE F 349 13.18 0.06 49.69
C ILE F 349 12.94 1.52 50.06
N ASN F 350 12.66 1.78 51.33
CA ASN F 350 12.22 3.11 51.71
C ASN F 350 12.66 3.47 53.11
N VAL F 351 13.73 4.22 53.22
CA VAL F 351 14.21 4.68 54.51
C VAL F 351 13.51 5.98 54.83
N TRP F 352 12.96 6.06 56.03
CA TRP F 352 12.20 7.23 56.47
C TRP F 352 12.81 7.77 57.75
N ASP F 353 12.73 9.07 57.93
CA ASP F 353 13.15 9.68 59.17
C ASP F 353 12.11 9.36 60.23
N VAL F 354 12.55 9.02 61.44
CA VAL F 354 11.60 8.64 62.47
C VAL F 354 10.97 9.88 63.10
N LEU F 355 11.57 11.05 62.92
CA LEU F 355 11.04 12.23 63.58
C LEU F 355 10.34 13.16 62.61
N LYS F 356 11.04 13.58 61.55
CA LYS F 356 10.51 14.62 60.67
C LYS F 356 9.57 14.07 59.62
N GLY F 357 9.52 12.75 59.45
CA GLY F 357 8.51 12.13 58.63
C GLY F 357 8.75 12.23 57.14
N SER F 358 9.90 12.72 56.71
CA SER F 358 10.18 12.75 55.28
C SER F 358 10.87 11.46 54.85
N ARG F 359 10.78 11.17 53.56
CA ARG F 359 11.59 10.11 52.98
C ARG F 359 13.01 10.61 52.91
N VAL F 360 13.97 9.70 52.74
CA VAL F 360 15.37 10.09 52.58
C VAL F 360 16.03 9.43 51.39
N SER F 361 15.44 8.37 50.85
CA SER F 361 16.01 7.75 49.67
C SER F 361 15.04 6.69 49.19
N ILE F 362 15.28 6.20 47.98
CA ILE F 362 14.63 5.00 47.47
C ILE F 362 15.64 4.34 46.56
N LEU F 363 16.05 3.14 46.90
CA LEU F 363 17.32 2.61 46.46
C LEU F 363 17.07 1.40 45.58
N PHE F 364 16.83 1.63 44.30
CA PHE F 364 16.12 0.69 43.44
C PHE F 364 17.06 -0.45 43.06
N GLY F 365 16.90 -1.58 43.72
CA GLY F 365 17.76 -2.70 43.40
C GLY F 365 17.09 -3.98 42.98
N HIS F 366 15.82 -4.17 43.33
CA HIS F 366 15.22 -5.50 43.26
C HIS F 366 14.21 -5.61 42.13
N GLU F 367 14.47 -6.52 41.20
CA GLU F 367 13.64 -6.72 40.02
C GLU F 367 12.24 -7.23 40.35
N ASN F 368 11.95 -7.50 41.61
CA ASN F 368 10.73 -8.16 42.02
C ASN F 368 10.41 -7.66 43.41
N ARG F 369 9.56 -8.37 44.14
CA ARG F 369 9.05 -7.76 45.36
C ARG F 369 9.93 -8.08 46.57
N VAL F 370 9.85 -7.20 47.57
CA VAL F 370 10.65 -7.31 48.78
C VAL F 370 9.97 -8.30 49.70
N SER F 371 10.54 -9.45 50.04
CA SER F 371 10.01 -10.40 51.02
C SER F 371 10.16 -10.07 52.53
N THR F 372 11.38 -9.78 53.06
CA THR F 372 11.55 -9.42 54.47
C THR F 372 12.96 -8.88 54.64
N LEU F 373 13.17 -8.12 55.72
CA LEU F 373 14.34 -7.26 55.79
C LEU F 373 14.85 -7.17 57.22
N ARG F 374 16.16 -7.02 57.40
CA ARG F 374 16.74 -7.00 58.73
C ARG F 374 17.96 -6.10 58.78
N VAL F 375 18.33 -5.67 59.99
CA VAL F 375 19.52 -4.86 60.24
C VAL F 375 20.54 -5.72 60.95
N SER F 376 21.79 -5.59 60.60
CA SER F 376 22.74 -6.39 61.35
C SER F 376 22.90 -5.80 62.74
N PRO F 377 23.11 -6.64 63.76
CA PRO F 377 22.95 -6.16 65.14
C PRO F 377 24.06 -5.25 65.56
N ASP F 378 25.27 -5.49 65.08
CA ASP F 378 26.36 -4.55 65.21
C ASP F 378 25.98 -3.13 64.84
N GLY F 379 25.09 -2.97 63.86
CA GLY F 379 24.69 -1.66 63.40
C GLY F 379 25.48 -1.13 62.24
N THR F 380 25.76 -1.95 61.24
CA THR F 380 26.64 -1.48 60.19
C THR F 380 26.04 -1.58 58.80
N ALA F 381 24.92 -2.25 58.64
CA ALA F 381 24.33 -2.42 57.33
C ALA F 381 23.00 -3.14 57.46
N PHE F 382 22.44 -3.53 56.32
CA PHE F 382 21.18 -4.25 56.29
C PHE F 382 21.03 -4.96 54.97
N CYS F 383 20.30 -6.07 55.00
CA CYS F 383 20.03 -6.90 53.85
C CYS F 383 18.55 -6.85 53.53
N SER F 384 18.16 -7.44 52.40
CA SER F 384 16.78 -7.46 51.96
C SER F 384 16.38 -8.88 51.62
N GLY F 385 15.12 -9.21 51.86
CA GLY F 385 14.52 -10.38 51.26
C GLY F 385 13.60 -10.00 50.11
N SER F 386 13.71 -10.71 48.99
CA SER F 386 13.09 -10.22 47.78
C SER F 386 12.70 -11.36 46.87
N TRP F 387 11.83 -11.04 45.92
CA TRP F 387 11.32 -12.02 44.97
C TRP F 387 12.15 -12.10 43.69
N ASP F 388 13.45 -11.87 43.75
CA ASP F 388 14.26 -11.86 42.54
C ASP F 388 15.18 -13.06 42.40
N HIS F 389 15.07 -14.03 43.30
CA HIS F 389 15.93 -15.22 43.45
C HIS F 389 17.37 -14.88 43.78
N THR F 390 17.66 -13.89 44.60
CA THR F 390 19.01 -13.68 45.13
C THR F 390 18.89 -12.61 46.21
N LEU F 391 19.97 -12.46 46.96
CA LEU F 391 20.04 -11.47 48.02
C LEU F 391 21.15 -10.46 47.74
N ARG F 392 21.03 -9.30 48.34
CA ARG F 392 22.08 -8.29 48.32
C ARG F 392 22.36 -7.85 49.74
N VAL F 393 23.49 -7.19 49.96
CA VAL F 393 23.87 -6.69 51.28
C VAL F 393 23.98 -5.18 51.22
N TRP F 394 22.90 -4.49 51.53
CA TRP F 394 22.77 -3.08 51.22
C TRP F 394 23.48 -2.27 52.29
N ALA F 395 24.52 -1.55 51.90
CA ALA F 395 25.21 -0.67 52.82
C ALA F 395 24.88 0.77 52.51
#